data_5LSI
# 
_entry.id   5LSI 
# 
_audit_conform.dict_name       mmcif_pdbx.dic 
_audit_conform.dict_version    5.383 
_audit_conform.dict_location   http://mmcif.pdb.org/dictionaries/ascii/mmcif_pdbx.dic 
# 
loop_
_database_2.database_id 
_database_2.database_code 
_database_2.pdbx_database_accession 
_database_2.pdbx_DOI 
PDB   5LSI         pdb_00005lsi 10.2210/pdb5lsi/pdb 
WWPDB D_1200001285 ?            ?                   
# 
loop_
_pdbx_audit_revision_history.ordinal 
_pdbx_audit_revision_history.data_content_type 
_pdbx_audit_revision_history.major_revision 
_pdbx_audit_revision_history.minor_revision 
_pdbx_audit_revision_history.revision_date 
1 'Structure model' 1 0 2016-11-16 
2 'Structure model' 1 1 2016-12-07 
3 'Structure model' 1 2 2024-01-17 
# 
_pdbx_audit_revision_details.ordinal             1 
_pdbx_audit_revision_details.revision_ordinal    1 
_pdbx_audit_revision_details.data_content_type   'Structure model' 
_pdbx_audit_revision_details.provider            repository 
_pdbx_audit_revision_details.type                'Initial release' 
_pdbx_audit_revision_details.description         ? 
_pdbx_audit_revision_details.details             ? 
# 
loop_
_pdbx_audit_revision_group.ordinal 
_pdbx_audit_revision_group.revision_ordinal 
_pdbx_audit_revision_group.data_content_type 
_pdbx_audit_revision_group.group 
1 2 'Structure model' 'Database references'    
2 3 'Structure model' 'Data collection'        
3 3 'Structure model' 'Database references'    
4 3 'Structure model' 'Refinement description' 
# 
loop_
_pdbx_audit_revision_category.ordinal 
_pdbx_audit_revision_category.revision_ordinal 
_pdbx_audit_revision_category.data_content_type 
_pdbx_audit_revision_category.category 
1 3 'Structure model' chem_comp_atom                
2 3 'Structure model' chem_comp_bond                
3 3 'Structure model' database_2                    
4 3 'Structure model' pdbx_initial_refinement_model 
# 
loop_
_pdbx_audit_revision_item.ordinal 
_pdbx_audit_revision_item.revision_ordinal 
_pdbx_audit_revision_item.data_content_type 
_pdbx_audit_revision_item.item 
1 3 'Structure model' '_database_2.pdbx_DOI'                
2 3 'Structure model' '_database_2.pdbx_database_accession' 
# 
_pdbx_database_status.status_code                     REL 
_pdbx_database_status.status_code_sf                  REL 
_pdbx_database_status.status_code_mr                  ? 
_pdbx_database_status.entry_id                        5LSI 
_pdbx_database_status.recvd_initial_deposition_date   2016-09-02 
_pdbx_database_status.SG_entry                        N 
_pdbx_database_status.deposit_site                    PDBE 
_pdbx_database_status.process_site                    PDBE 
_pdbx_database_status.status_code_cs                  ? 
_pdbx_database_status.methods_development_category    ? 
_pdbx_database_status.pdb_format_compatible           Y 
_pdbx_database_status.status_code_nmr_data            ? 
# 
loop_
_audit_author.name 
_audit_author.pdbx_ordinal 
'Vetter, I.R.' 1 
'Petrovic, A.' 2 
'Keller, J.'   3 
'Liu, Y.'      4 
# 
_citation.abstract                  ? 
_citation.abstract_id_CAS           ? 
_citation.book_id_ISBN              ? 
_citation.book_publisher            ? 
_citation.book_publisher_city       ? 
_citation.book_title                ? 
_citation.coordinate_linkage        ? 
_citation.country                   ? 
_citation.database_id_Medline       ? 
_citation.details                   ? 
_citation.id                        primary 
_citation.journal_abbrev            Cell 
_citation.journal_id_ASTM           ? 
_citation.journal_id_CSD            ? 
_citation.journal_id_ISSN           1097-4172 
_citation.journal_full              ? 
_citation.journal_issue             ? 
_citation.journal_volume            167 
_citation.language                  ? 
_citation.page_first                1028 
_citation.page_last                 1040.e15 
_citation.title                     
'Structure of the MIS12 Complex and Molecular Basis of Its Interaction with CENP-C at Human Kinetochores.' 
_citation.year                      2016 
_citation.database_id_CSD           ? 
_citation.pdbx_database_id_DOI      10.1016/j.cell.2016.10.005 
_citation.pdbx_database_id_PubMed   27881301 
_citation.unpublished_flag          ? 
# 
loop_
_citation_author.citation_id 
_citation_author.name 
_citation_author.ordinal 
_citation_author.identifier_ORCID 
primary 'Petrovic, A.'    1  ? 
primary 'Keller, J.'      2  ? 
primary 'Liu, Y.'         3  ? 
primary 'Overlack, K.'    4  ? 
primary 'John, J.'        5  ? 
primary 'Dimitrova, Y.N.' 6  ? 
primary 'Jenni, S.'       7  ? 
primary 'van Gerwen, S.'  8  ? 
primary 'Stege, P.'       9  ? 
primary 'Wohlgemuth, S.'  10 ? 
primary 'Rombaut, P.'     11 ? 
primary 'Herzog, F.'      12 ? 
primary 'Harrison, S.C.'  13 ? 
primary 'Vetter, I.R.'    14 ? 
primary 'Musacchio, A.'   15 ? 
# 
loop_
_entity.id 
_entity.type 
_entity.src_method 
_entity.pdbx_description 
_entity.formula_weight 
_entity.pdbx_number_of_molecules 
_entity.pdbx_ec 
_entity.pdbx_mutation 
_entity.pdbx_fragment 
_entity.details 
1 polymer     man 'Kinetochore-associated protein DSN1 homolog' 15313.180 1  ? ? 'head2 domain, UNP residues 68-200' ? 
2 polymer     man 'Kinetochore-associated protein NSL1 homolog' 8487.469  1  ? ? 'UNP residues 29-99'                ? 
3 non-polymer syn 'SULFATE ION'                                 96.063    1  ? ? ?                                   ? 
4 water       nat water                                         18.015    53 ? ? ?                                   ? 
# 
loop_
_entity_poly.entity_id 
_entity_poly.type 
_entity_poly.nstd_linkage 
_entity_poly.nstd_monomer 
_entity_poly.pdbx_seq_one_letter_code 
_entity_poly.pdbx_seq_one_letter_code_can 
_entity_poly.pdbx_strand_id 
_entity_poly.pdbx_target_identifier 
1 'polypeptide(L)' no no 
;MSHQERLQSKSLHLSPQEQSASYQDRRQSWRRASMKETNRRKSLHPIHQGITELSRSISVDLAESKRLGCLLLSSFQFSI
QKLEPFLRDTKGFSLESFRAKASSLSEELKHFADGLETDGTLQKCFEDSNGKAS
;
;MSHQERLQSKSLHLSPQEQSASYQDRRQSWRRASMKETNRRKSLHPIHQGITELSRSISVDLAESKRLGCLLLSSFQFSI
QKLEPFLRDTKGFSLESFRAKASSLSEELKHFADGLETDGTLQKCFEDSNGKAS
;
D ? 
2 'polypeptide(L)' no no GPLGSSATPREDFRVRCTSKRAVTEMLQLCGRFVQKLGDALPEEIREPALRDAQWTFESAVQENISINGQAWQEAS 
GPLGSSATPREDFRVRCTSKRAVTEMLQLCGRFVQKLGDALPEEIREPALRDAQWTFESAVQENISINGQAWQEAS E ? 
# 
loop_
_pdbx_entity_nonpoly.entity_id 
_pdbx_entity_nonpoly.name 
_pdbx_entity_nonpoly.comp_id 
3 'SULFATE ION' SO4 
4 water         HOH 
# 
loop_
_entity_poly_seq.entity_id 
_entity_poly_seq.num 
_entity_poly_seq.mon_id 
_entity_poly_seq.hetero 
1 1   MET n 
1 2   SER n 
1 3   HIS n 
1 4   GLN n 
1 5   GLU n 
1 6   ARG n 
1 7   LEU n 
1 8   GLN n 
1 9   SER n 
1 10  LYS n 
1 11  SER n 
1 12  LEU n 
1 13  HIS n 
1 14  LEU n 
1 15  SER n 
1 16  PRO n 
1 17  GLN n 
1 18  GLU n 
1 19  GLN n 
1 20  SER n 
1 21  ALA n 
1 22  SER n 
1 23  TYR n 
1 24  GLN n 
1 25  ASP n 
1 26  ARG n 
1 27  ARG n 
1 28  GLN n 
1 29  SER n 
1 30  TRP n 
1 31  ARG n 
1 32  ARG n 
1 33  ALA n 
1 34  SER n 
1 35  MET n 
1 36  LYS n 
1 37  GLU n 
1 38  THR n 
1 39  ASN n 
1 40  ARG n 
1 41  ARG n 
1 42  LYS n 
1 43  SER n 
1 44  LEU n 
1 45  HIS n 
1 46  PRO n 
1 47  ILE n 
1 48  HIS n 
1 49  GLN n 
1 50  GLY n 
1 51  ILE n 
1 52  THR n 
1 53  GLU n 
1 54  LEU n 
1 55  SER n 
1 56  ARG n 
1 57  SER n 
1 58  ILE n 
1 59  SER n 
1 60  VAL n 
1 61  ASP n 
1 62  LEU n 
1 63  ALA n 
1 64  GLU n 
1 65  SER n 
1 66  LYS n 
1 67  ARG n 
1 68  LEU n 
1 69  GLY n 
1 70  CYS n 
1 71  LEU n 
1 72  LEU n 
1 73  LEU n 
1 74  SER n 
1 75  SER n 
1 76  PHE n 
1 77  GLN n 
1 78  PHE n 
1 79  SER n 
1 80  ILE n 
1 81  GLN n 
1 82  LYS n 
1 83  LEU n 
1 84  GLU n 
1 85  PRO n 
1 86  PHE n 
1 87  LEU n 
1 88  ARG n 
1 89  ASP n 
1 90  THR n 
1 91  LYS n 
1 92  GLY n 
1 93  PHE n 
1 94  SER n 
1 95  LEU n 
1 96  GLU n 
1 97  SER n 
1 98  PHE n 
1 99  ARG n 
1 100 ALA n 
1 101 LYS n 
1 102 ALA n 
1 103 SER n 
1 104 SER n 
1 105 LEU n 
1 106 SER n 
1 107 GLU n 
1 108 GLU n 
1 109 LEU n 
1 110 LYS n 
1 111 HIS n 
1 112 PHE n 
1 113 ALA n 
1 114 ASP n 
1 115 GLY n 
1 116 LEU n 
1 117 GLU n 
1 118 THR n 
1 119 ASP n 
1 120 GLY n 
1 121 THR n 
1 122 LEU n 
1 123 GLN n 
1 124 LYS n 
1 125 CYS n 
1 126 PHE n 
1 127 GLU n 
1 128 ASP n 
1 129 SER n 
1 130 ASN n 
1 131 GLY n 
1 132 LYS n 
1 133 ALA n 
1 134 SER n 
2 1   GLY n 
2 2   PRO n 
2 3   LEU n 
2 4   GLY n 
2 5   SER n 
2 6   SER n 
2 7   ALA n 
2 8   THR n 
2 9   PRO n 
2 10  ARG n 
2 11  GLU n 
2 12  ASP n 
2 13  PHE n 
2 14  ARG n 
2 15  VAL n 
2 16  ARG n 
2 17  CYS n 
2 18  THR n 
2 19  SER n 
2 20  LYS n 
2 21  ARG n 
2 22  ALA n 
2 23  VAL n 
2 24  THR n 
2 25  GLU n 
2 26  MET n 
2 27  LEU n 
2 28  GLN n 
2 29  LEU n 
2 30  CYS n 
2 31  GLY n 
2 32  ARG n 
2 33  PHE n 
2 34  VAL n 
2 35  GLN n 
2 36  LYS n 
2 37  LEU n 
2 38  GLY n 
2 39  ASP n 
2 40  ALA n 
2 41  LEU n 
2 42  PRO n 
2 43  GLU n 
2 44  GLU n 
2 45  ILE n 
2 46  ARG n 
2 47  GLU n 
2 48  PRO n 
2 49  ALA n 
2 50  LEU n 
2 51  ARG n 
2 52  ASP n 
2 53  ALA n 
2 54  GLN n 
2 55  TRP n 
2 56  THR n 
2 57  PHE n 
2 58  GLU n 
2 59  SER n 
2 60  ALA n 
2 61  VAL n 
2 62  GLN n 
2 63  GLU n 
2 64  ASN n 
2 65  ILE n 
2 66  SER n 
2 67  ILE n 
2 68  ASN n 
2 69  GLY n 
2 70  GLN n 
2 71  ALA n 
2 72  TRP n 
2 73  GLN n 
2 74  GLU n 
2 75  ALA n 
2 76  SER n 
# 
loop_
_entity_src_gen.entity_id 
_entity_src_gen.pdbx_src_id 
_entity_src_gen.pdbx_alt_source_flag 
_entity_src_gen.pdbx_seq_type 
_entity_src_gen.pdbx_beg_seq_num 
_entity_src_gen.pdbx_end_seq_num 
_entity_src_gen.gene_src_common_name 
_entity_src_gen.gene_src_genus 
_entity_src_gen.pdbx_gene_src_gene 
_entity_src_gen.gene_src_species 
_entity_src_gen.gene_src_strain 
_entity_src_gen.gene_src_tissue 
_entity_src_gen.gene_src_tissue_fraction 
_entity_src_gen.gene_src_details 
_entity_src_gen.pdbx_gene_src_fragment 
_entity_src_gen.pdbx_gene_src_scientific_name 
_entity_src_gen.pdbx_gene_src_ncbi_taxonomy_id 
_entity_src_gen.pdbx_gene_src_variant 
_entity_src_gen.pdbx_gene_src_cell_line 
_entity_src_gen.pdbx_gene_src_atcc 
_entity_src_gen.pdbx_gene_src_organ 
_entity_src_gen.pdbx_gene_src_organelle 
_entity_src_gen.pdbx_gene_src_cell 
_entity_src_gen.pdbx_gene_src_cellular_location 
_entity_src_gen.host_org_common_name 
_entity_src_gen.pdbx_host_org_scientific_name 
_entity_src_gen.pdbx_host_org_ncbi_taxonomy_id 
_entity_src_gen.host_org_genus 
_entity_src_gen.pdbx_host_org_gene 
_entity_src_gen.pdbx_host_org_organ 
_entity_src_gen.host_org_species 
_entity_src_gen.pdbx_host_org_tissue 
_entity_src_gen.pdbx_host_org_tissue_fraction 
_entity_src_gen.pdbx_host_org_strain 
_entity_src_gen.pdbx_host_org_variant 
_entity_src_gen.pdbx_host_org_cell_line 
_entity_src_gen.pdbx_host_org_atcc 
_entity_src_gen.pdbx_host_org_culture_collection 
_entity_src_gen.pdbx_host_org_cell 
_entity_src_gen.pdbx_host_org_organelle 
_entity_src_gen.pdbx_host_org_cellular_location 
_entity_src_gen.pdbx_host_org_vector_type 
_entity_src_gen.pdbx_host_org_vector 
_entity_src_gen.host_org_details 
_entity_src_gen.expression_system_id 
_entity_src_gen.plasmid_name 
_entity_src_gen.plasmid_details 
_entity_src_gen.pdbx_description 
1 1 sample 'Biological sequence' 1 134 Human ? 'DSN1, C20orf172, MIS13'          ? ? ? ? ? ? 'Homo sapiens' 9606 ? ? ? ? ? ? ? ? 
'Escherichia coli BL21(DE3)' 469008 ? ? ? ? ? ? ? codon-plus-RIL ? ? ? ? ? ? plasmid ? ? ? pGEX-2rbs ? ? 
2 1 sample 'Biological sequence' 1 76  Human ? 'NSL1, C1orf48, DC31, DC8, MIS14' ? ? ? ? ? ? 'Homo sapiens' 9606 ? ? ? ? ? ? ? ? 
'Escherichia coli BL21(DE3)' 469008 ? ? ? ? ? ? ? codon-plus-RIL ? ? ? ? ? ? plasmid ? ? ? pGEX-2rbs ? ? 
# 
loop_
_chem_comp.id 
_chem_comp.type 
_chem_comp.mon_nstd_flag 
_chem_comp.name 
_chem_comp.pdbx_synonyms 
_chem_comp.formula 
_chem_comp.formula_weight 
ALA 'L-peptide linking' y ALANINE         ? 'C3 H7 N O2'     89.093  
ARG 'L-peptide linking' y ARGININE        ? 'C6 H15 N4 O2 1' 175.209 
ASN 'L-peptide linking' y ASPARAGINE      ? 'C4 H8 N2 O3'    132.118 
ASP 'L-peptide linking' y 'ASPARTIC ACID' ? 'C4 H7 N O4'     133.103 
CYS 'L-peptide linking' y CYSTEINE        ? 'C3 H7 N O2 S'   121.158 
GLN 'L-peptide linking' y GLUTAMINE       ? 'C5 H10 N2 O3'   146.144 
GLU 'L-peptide linking' y 'GLUTAMIC ACID' ? 'C5 H9 N O4'     147.129 
GLY 'peptide linking'   y GLYCINE         ? 'C2 H5 N O2'     75.067  
HIS 'L-peptide linking' y HISTIDINE       ? 'C6 H10 N3 O2 1' 156.162 
HOH non-polymer         . WATER           ? 'H2 O'           18.015  
ILE 'L-peptide linking' y ISOLEUCINE      ? 'C6 H13 N O2'    131.173 
LEU 'L-peptide linking' y LEUCINE         ? 'C6 H13 N O2'    131.173 
LYS 'L-peptide linking' y LYSINE          ? 'C6 H15 N2 O2 1' 147.195 
MET 'L-peptide linking' y METHIONINE      ? 'C5 H11 N O2 S'  149.211 
PHE 'L-peptide linking' y PHENYLALANINE   ? 'C9 H11 N O2'    165.189 
PRO 'L-peptide linking' y PROLINE         ? 'C5 H9 N O2'     115.130 
SER 'L-peptide linking' y SERINE          ? 'C3 H7 N O3'     105.093 
SO4 non-polymer         . 'SULFATE ION'   ? 'O4 S -2'        96.063  
THR 'L-peptide linking' y THREONINE       ? 'C4 H9 N O3'     119.119 
TRP 'L-peptide linking' y TRYPTOPHAN      ? 'C11 H12 N2 O2'  204.225 
TYR 'L-peptide linking' y TYROSINE        ? 'C9 H11 N O3'    181.189 
VAL 'L-peptide linking' y VALINE          ? 'C5 H11 N O2'    117.146 
# 
loop_
_pdbx_poly_seq_scheme.asym_id 
_pdbx_poly_seq_scheme.entity_id 
_pdbx_poly_seq_scheme.seq_id 
_pdbx_poly_seq_scheme.mon_id 
_pdbx_poly_seq_scheme.ndb_seq_num 
_pdbx_poly_seq_scheme.pdb_seq_num 
_pdbx_poly_seq_scheme.auth_seq_num 
_pdbx_poly_seq_scheme.pdb_mon_id 
_pdbx_poly_seq_scheme.auth_mon_id 
_pdbx_poly_seq_scheme.pdb_strand_id 
_pdbx_poly_seq_scheme.pdb_ins_code 
_pdbx_poly_seq_scheme.hetero 
A 1 1   MET 1   67  ?   ?   ?   D . n 
A 1 2   SER 2   68  ?   ?   ?   D . n 
A 1 3   HIS 3   69  ?   ?   ?   D . n 
A 1 4   GLN 4   70  ?   ?   ?   D . n 
A 1 5   GLU 5   71  ?   ?   ?   D . n 
A 1 6   ARG 6   72  ?   ?   ?   D . n 
A 1 7   LEU 7   73  ?   ?   ?   D . n 
A 1 8   GLN 8   74  ?   ?   ?   D . n 
A 1 9   SER 9   75  ?   ?   ?   D . n 
A 1 10  LYS 10  76  ?   ?   ?   D . n 
A 1 11  SER 11  77  ?   ?   ?   D . n 
A 1 12  LEU 12  78  ?   ?   ?   D . n 
A 1 13  HIS 13  79  ?   ?   ?   D . n 
A 1 14  LEU 14  80  ?   ?   ?   D . n 
A 1 15  SER 15  81  ?   ?   ?   D . n 
A 1 16  PRO 16  82  ?   ?   ?   D . n 
A 1 17  GLN 17  83  ?   ?   ?   D . n 
A 1 18  GLU 18  84  ?   ?   ?   D . n 
A 1 19  GLN 19  85  ?   ?   ?   D . n 
A 1 20  SER 20  86  ?   ?   ?   D . n 
A 1 21  ALA 21  87  ?   ?   ?   D . n 
A 1 22  SER 22  88  ?   ?   ?   D . n 
A 1 23  TYR 23  89  ?   ?   ?   D . n 
A 1 24  GLN 24  90  ?   ?   ?   D . n 
A 1 25  ASP 25  91  ?   ?   ?   D . n 
A 1 26  ARG 26  92  ?   ?   ?   D . n 
A 1 27  ARG 27  93  ?   ?   ?   D . n 
A 1 28  GLN 28  94  ?   ?   ?   D . n 
A 1 29  SER 29  95  ?   ?   ?   D . n 
A 1 30  TRP 30  96  ?   ?   ?   D . n 
A 1 31  ARG 31  97  ?   ?   ?   D . n 
A 1 32  ARG 32  98  ?   ?   ?   D . n 
A 1 33  ALA 33  99  ?   ?   ?   D . n 
A 1 34  SER 34  100 ?   ?   ?   D . n 
A 1 35  MET 35  101 ?   ?   ?   D . n 
A 1 36  LYS 36  102 ?   ?   ?   D . n 
A 1 37  GLU 37  103 ?   ?   ?   D . n 
A 1 38  THR 38  104 ?   ?   ?   D . n 
A 1 39  ASN 39  105 ?   ?   ?   D . n 
A 1 40  ARG 40  106 ?   ?   ?   D . n 
A 1 41  ARG 41  107 ?   ?   ?   D . n 
A 1 42  LYS 42  108 ?   ?   ?   D . n 
A 1 43  SER 43  109 ?   ?   ?   D . n 
A 1 44  LEU 44  110 ?   ?   ?   D . n 
A 1 45  HIS 45  111 ?   ?   ?   D . n 
A 1 46  PRO 46  112 ?   ?   ?   D . n 
A 1 47  ILE 47  113 ?   ?   ?   D . n 
A 1 48  HIS 48  114 ?   ?   ?   D . n 
A 1 49  GLN 49  115 ?   ?   ?   D . n 
A 1 50  GLY 50  116 116 GLY GLY D . n 
A 1 51  ILE 51  117 117 ILE ILE D . n 
A 1 52  THR 52  118 118 THR THR D . n 
A 1 53  GLU 53  119 119 GLU GLU D . n 
A 1 54  LEU 54  120 120 LEU LEU D . n 
A 1 55  SER 55  121 121 SER SER D . n 
A 1 56  ARG 56  122 122 ARG ARG D . n 
A 1 57  SER 57  123 123 SER SER D . n 
A 1 58  ILE 58  124 124 ILE ILE D . n 
A 1 59  SER 59  125 125 SER SER D . n 
A 1 60  VAL 60  126 126 VAL VAL D . n 
A 1 61  ASP 61  127 127 ASP ASP D . n 
A 1 62  LEU 62  128 128 LEU LEU D . n 
A 1 63  ALA 63  129 129 ALA ALA D . n 
A 1 64  GLU 64  130 130 GLU GLU D . n 
A 1 65  SER 65  131 131 SER SER D . n 
A 1 66  LYS 66  132 132 LYS LYS D . n 
A 1 67  ARG 67  133 133 ARG ARG D . n 
A 1 68  LEU 68  134 134 LEU LEU D . n 
A 1 69  GLY 69  135 135 GLY GLY D . n 
A 1 70  CYS 70  136 136 CYS CYS D . n 
A 1 71  LEU 71  137 137 LEU LEU D . n 
A 1 72  LEU 72  138 138 LEU LEU D . n 
A 1 73  LEU 73  139 139 LEU LEU D . n 
A 1 74  SER 74  140 140 SER SER D . n 
A 1 75  SER 75  141 141 SER SER D . n 
A 1 76  PHE 76  142 142 PHE PHE D . n 
A 1 77  GLN 77  143 143 GLN GLN D . n 
A 1 78  PHE 78  144 144 PHE PHE D . n 
A 1 79  SER 79  145 145 SER SER D . n 
A 1 80  ILE 80  146 146 ILE ILE D . n 
A 1 81  GLN 81  147 147 GLN GLN D . n 
A 1 82  LYS 82  148 148 LYS LYS D . n 
A 1 83  LEU 83  149 149 LEU LEU D . n 
A 1 84  GLU 84  150 150 GLU GLU D . n 
A 1 85  PRO 85  151 151 PRO PRO D . n 
A 1 86  PHE 86  152 152 PHE PHE D . n 
A 1 87  LEU 87  153 153 LEU LEU D . n 
A 1 88  ARG 88  154 154 ARG ARG D . n 
A 1 89  ASP 89  155 155 ASP ASP D . n 
A 1 90  THR 90  156 156 THR THR D . n 
A 1 91  LYS 91  157 157 LYS LYS D . n 
A 1 92  GLY 92  158 158 GLY GLY D . n 
A 1 93  PHE 93  159 159 PHE PHE D . n 
A 1 94  SER 94  160 160 SER SER D . n 
A 1 95  LEU 95  161 161 LEU LEU D . n 
A 1 96  GLU 96  162 162 GLU GLU D . n 
A 1 97  SER 97  163 163 SER SER D . n 
A 1 98  PHE 98  164 164 PHE PHE D . n 
A 1 99  ARG 99  165 165 ARG ARG D . n 
A 1 100 ALA 100 166 166 ALA ALA D . n 
A 1 101 LYS 101 167 167 LYS LYS D . n 
A 1 102 ALA 102 168 168 ALA ALA D . n 
A 1 103 SER 103 169 169 SER SER D . n 
A 1 104 SER 104 170 170 SER SER D . n 
A 1 105 LEU 105 171 171 LEU LEU D . n 
A 1 106 SER 106 172 172 SER SER D . n 
A 1 107 GLU 107 173 173 GLU GLU D . n 
A 1 108 GLU 108 174 174 GLU GLU D . n 
A 1 109 LEU 109 175 175 LEU LEU D . n 
A 1 110 LYS 110 176 176 LYS LYS D . n 
A 1 111 HIS 111 177 177 HIS HIS D . n 
A 1 112 PHE 112 178 178 PHE PHE D . n 
A 1 113 ALA 113 179 179 ALA ALA D . n 
A 1 114 ASP 114 180 180 ASP ASP D . n 
A 1 115 GLY 115 181 181 GLY GLY D . n 
A 1 116 LEU 116 182 182 LEU LEU D . n 
A 1 117 GLU 117 183 183 GLU GLU D . n 
A 1 118 THR 118 184 184 THR THR D . n 
A 1 119 ASP 119 185 185 ASP ASP D . n 
A 1 120 GLY 120 186 186 GLY GLY D . n 
A 1 121 THR 121 187 187 THR THR D . n 
A 1 122 LEU 122 188 188 LEU LEU D . n 
A 1 123 GLN 123 189 189 GLN GLN D . n 
A 1 124 LYS 124 190 190 LYS LYS D . n 
A 1 125 CYS 125 191 191 CYS CYS D . n 
A 1 126 PHE 126 192 192 PHE PHE D . n 
A 1 127 GLU 127 193 193 GLU GLU D . n 
A 1 128 ASP 128 194 194 ASP ASP D . n 
A 1 129 SER 129 195 195 SER SER D . n 
A 1 130 ASN 130 196 196 ASN ASN D . n 
A 1 131 GLY 131 197 197 GLY GLY D . n 
A 1 132 LYS 132 198 ?   ?   ?   D . n 
A 1 133 ALA 133 199 ?   ?   ?   D . n 
A 1 134 SER 134 200 ?   ?   ?   D . n 
B 2 1   GLY 1   24  24  GLY GLY E . n 
B 2 2   PRO 2   25  25  PRO PRO E . n 
B 2 3   LEU 3   26  26  LEU LEU E . n 
B 2 4   GLY 4   27  27  GLY GLY E . n 
B 2 5   SER 5   28  28  SER SER E . n 
B 2 6   SER 6   29  29  SER SER E . n 
B 2 7   ALA 7   30  30  ALA ALA E . n 
B 2 8   THR 8   31  31  THR THR E . n 
B 2 9   PRO 9   32  32  PRO PRO E . n 
B 2 10  ARG 10  33  33  ARG ARG E . n 
B 2 11  GLU 11  34  34  GLU GLU E . n 
B 2 12  ASP 12  35  35  ASP ASP E . n 
B 2 13  PHE 13  36  36  PHE PHE E . n 
B 2 14  ARG 14  37  37  ARG ARG E . n 
B 2 15  VAL 15  38  38  VAL VAL E . n 
B 2 16  ARG 16  39  39  ARG ARG E . n 
B 2 17  CYS 17  40  40  CYS CYS E . n 
B 2 18  THR 18  41  41  THR THR E . n 
B 2 19  SER 19  42  42  SER SER E . n 
B 2 20  LYS 20  43  43  LYS LYS E . n 
B 2 21  ARG 21  44  44  ARG ARG E . n 
B 2 22  ALA 22  45  45  ALA ALA E . n 
B 2 23  VAL 23  46  46  VAL VAL E . n 
B 2 24  THR 24  47  47  THR THR E . n 
B 2 25  GLU 25  48  48  GLU GLU E . n 
B 2 26  MET 26  49  49  MET MET E . n 
B 2 27  LEU 27  50  50  LEU LEU E . n 
B 2 28  GLN 28  51  51  GLN GLN E . n 
B 2 29  LEU 29  52  52  LEU LEU E . n 
B 2 30  CYS 30  53  53  CYS CYS E . n 
B 2 31  GLY 31  54  54  GLY GLY E . n 
B 2 32  ARG 32  55  55  ARG ARG E . n 
B 2 33  PHE 33  56  56  PHE PHE E . n 
B 2 34  VAL 34  57  57  VAL VAL E . n 
B 2 35  GLN 35  58  58  GLN GLN E . n 
B 2 36  LYS 36  59  59  LYS LYS E . n 
B 2 37  LEU 37  60  60  LEU LEU E . n 
B 2 38  GLY 38  61  61  GLY GLY E . n 
B 2 39  ASP 39  62  62  ASP ASP E . n 
B 2 40  ALA 40  63  63  ALA ALA E . n 
B 2 41  LEU 41  64  64  LEU LEU E . n 
B 2 42  PRO 42  65  65  PRO PRO E . n 
B 2 43  GLU 43  66  66  GLU GLU E . n 
B 2 44  GLU 44  67  67  GLU GLU E . n 
B 2 45  ILE 45  68  68  ILE ILE E . n 
B 2 46  ARG 46  69  69  ARG ARG E . n 
B 2 47  GLU 47  70  70  GLU GLU E . n 
B 2 48  PRO 48  71  71  PRO PRO E . n 
B 2 49  ALA 49  72  72  ALA ALA E . n 
B 2 50  LEU 50  73  73  LEU LEU E . n 
B 2 51  ARG 51  74  74  ARG ARG E . n 
B 2 52  ASP 52  75  75  ASP ASP E . n 
B 2 53  ALA 53  76  76  ALA ALA E . n 
B 2 54  GLN 54  77  77  GLN GLN E . n 
B 2 55  TRP 55  78  78  TRP TRP E . n 
B 2 56  THR 56  79  79  THR THR E . n 
B 2 57  PHE 57  80  80  PHE PHE E . n 
B 2 58  GLU 58  81  81  GLU GLU E . n 
B 2 59  SER 59  82  82  SER SER E . n 
B 2 60  ALA 60  83  83  ALA ALA E . n 
B 2 61  VAL 61  84  84  VAL VAL E . n 
B 2 62  GLN 62  85  85  GLN GLN E . n 
B 2 63  GLU 63  86  86  GLU GLU E . n 
B 2 64  ASN 64  87  87  ASN ASN E . n 
B 2 65  ILE 65  88  88  ILE ILE E . n 
B 2 66  SER 66  89  89  SER SER E . n 
B 2 67  ILE 67  90  90  ILE ILE E . n 
B 2 68  ASN 68  91  91  ASN ASN E . n 
B 2 69  GLY 69  92  92  GLY GLY E . n 
B 2 70  GLN 70  93  93  GLN GLN E . n 
B 2 71  ALA 71  94  94  ALA ALA E . n 
B 2 72  TRP 72  95  95  TRP TRP E . n 
B 2 73  GLN 73  96  96  GLN GLN E . n 
B 2 74  GLU 74  97  97  GLU GLU E . n 
B 2 75  ALA 75  98  98  ALA ALA E . n 
B 2 76  SER 76  99  99  SER SER E . n 
# 
loop_
_pdbx_nonpoly_scheme.asym_id 
_pdbx_nonpoly_scheme.entity_id 
_pdbx_nonpoly_scheme.mon_id 
_pdbx_nonpoly_scheme.ndb_seq_num 
_pdbx_nonpoly_scheme.pdb_seq_num 
_pdbx_nonpoly_scheme.auth_seq_num 
_pdbx_nonpoly_scheme.pdb_mon_id 
_pdbx_nonpoly_scheme.auth_mon_id 
_pdbx_nonpoly_scheme.pdb_strand_id 
_pdbx_nonpoly_scheme.pdb_ins_code 
C 3 SO4 1  101 111 SO4 SO4 E . 
D 4 HOH 1  301 150 HOH HOH D . 
D 4 HOH 2  302 105 HOH HOH D . 
D 4 HOH 3  303 18  HOH HOH D . 
D 4 HOH 4  304 134 HOH HOH D . 
D 4 HOH 5  305 35  HOH HOH D . 
D 4 HOH 6  306 16  HOH HOH D . 
D 4 HOH 7  307 12  HOH HOH D . 
D 4 HOH 8  308 124 HOH HOH D . 
D 4 HOH 9  309 4   HOH HOH D . 
D 4 HOH 10 310 91  HOH HOH D . 
D 4 HOH 11 311 148 HOH HOH D . 
D 4 HOH 12 312 10  HOH HOH D . 
D 4 HOH 13 313 13  HOH HOH D . 
D 4 HOH 14 314 132 HOH HOH D . 
D 4 HOH 15 315 151 HOH HOH D . 
D 4 HOH 16 316 20  HOH HOH D . 
D 4 HOH 17 317 98  HOH HOH D . 
D 4 HOH 18 318 126 HOH HOH D . 
D 4 HOH 19 319 29  HOH HOH D . 
D 4 HOH 20 320 80  HOH HOH D . 
D 4 HOH 21 321 64  HOH HOH D . 
D 4 HOH 22 322 63  HOH HOH D . 
D 4 HOH 23 323 48  HOH HOH D . 
D 4 HOH 24 324 79  HOH HOH D . 
D 4 HOH 25 325 81  HOH HOH D . 
D 4 HOH 26 326 142 HOH HOH D . 
D 4 HOH 27 327 106 HOH HOH D . 
E 4 HOH 1  201 37  HOH HOH E . 
E 4 HOH 2  202 118 HOH HOH E . 
E 4 HOH 3  203 157 HOH HOH E . 
E 4 HOH 4  204 42  HOH HOH E . 
E 4 HOH 5  205 71  HOH HOH E . 
E 4 HOH 6  206 28  HOH HOH E . 
E 4 HOH 7  207 155 HOH HOH E . 
E 4 HOH 8  208 3   HOH HOH E . 
E 4 HOH 9  209 93  HOH HOH E . 
E 4 HOH 10 210 50  HOH HOH E . 
E 4 HOH 11 211 19  HOH HOH E . 
E 4 HOH 12 212 46  HOH HOH E . 
E 4 HOH 13 213 17  HOH HOH E . 
E 4 HOH 14 214 7   HOH HOH E . 
E 4 HOH 15 215 107 HOH HOH E . 
E 4 HOH 16 216 67  HOH HOH E . 
E 4 HOH 17 217 147 HOH HOH E . 
E 4 HOH 18 218 95  HOH HOH E . 
E 4 HOH 19 219 41  HOH HOH E . 
E 4 HOH 20 220 88  HOH HOH E . 
E 4 HOH 21 221 31  HOH HOH E . 
E 4 HOH 22 222 32  HOH HOH E . 
E 4 HOH 23 223 5   HOH HOH E . 
E 4 HOH 24 224 156 HOH HOH E . 
E 4 HOH 25 225 104 HOH HOH E . 
E 4 HOH 26 226 153 HOH HOH E . 
# 
loop_
_software.citation_id 
_software.classification 
_software.compiler_name 
_software.compiler_version 
_software.contact_author 
_software.contact_author_email 
_software.date 
_software.description 
_software.dependencies 
_software.hardware 
_software.language 
_software.location 
_software.mods 
_software.name 
_software.os 
_software.os_version 
_software.type 
_software.version 
_software.pdbx_ordinal 
? refinement        ? ? ? ? ? ? ? ? ? ? ? PHENIX      ? ? ? 1.10_2155 1 
? 'data extraction' ? ? ? ? ? ? ? ? ? ? ? PDB_EXTRACT ? ? ? 3.11      2 
? 'data scaling'    ? ? ? ? ? ? ? ? ? ? ? XSCALE      ? ? ? .         3 
? phasing           ? ? ? ? ? ? ? ? ? ? ? PHASER      ? ? ? .         4 
? 'data reduction'  ? ? ? ? ? ? ? ? ? ? ? XDS         ? ? ? .         5 
# 
_cell.angle_alpha                  90.000 
_cell.angle_alpha_esd              ? 
_cell.angle_beta                   90.000 
_cell.angle_beta_esd               ? 
_cell.angle_gamma                  120.000 
_cell.angle_gamma_esd              ? 
_cell.entry_id                     5LSI 
_cell.details                      ? 
_cell.formula_units_Z              ? 
_cell.length_a                     59.640 
_cell.length_a_esd                 ? 
_cell.length_b                     59.640 
_cell.length_b_esd                 ? 
_cell.length_c                     82.340 
_cell.length_c_esd                 ? 
_cell.volume                       ? 
_cell.volume_esd                   ? 
_cell.Z_PDB                        6 
_cell.reciprocal_angle_alpha       ? 
_cell.reciprocal_angle_beta        ? 
_cell.reciprocal_angle_gamma       ? 
_cell.reciprocal_angle_alpha_esd   ? 
_cell.reciprocal_angle_beta_esd    ? 
_cell.reciprocal_angle_gamma_esd   ? 
_cell.reciprocal_length_a          ? 
_cell.reciprocal_length_b          ? 
_cell.reciprocal_length_c          ? 
_cell.reciprocal_length_a_esd      ? 
_cell.reciprocal_length_b_esd      ? 
_cell.reciprocal_length_c_esd      ? 
_cell.pdbx_unique_axis             ? 
# 
_symmetry.entry_id                         5LSI 
_symmetry.cell_setting                     ? 
_symmetry.Int_Tables_number                154 
_symmetry.space_group_name_Hall            ? 
_symmetry.space_group_name_H-M             'P 32 2 1' 
_symmetry.pdbx_full_space_group_name_H-M   ? 
# 
_exptl.absorpt_coefficient_mu     ? 
_exptl.absorpt_correction_T_max   ? 
_exptl.absorpt_correction_T_min   ? 
_exptl.absorpt_correction_type    ? 
_exptl.absorpt_process_details    ? 
_exptl.entry_id                   5LSI 
_exptl.crystals_number            1 
_exptl.details                    ? 
_exptl.method                     'X-RAY DIFFRACTION' 
_exptl.method_details             ? 
# 
_exptl_crystal.colour                      ? 
_exptl_crystal.density_diffrn              ? 
_exptl_crystal.density_Matthews            2.4 
_exptl_crystal.density_method              ? 
_exptl_crystal.density_percent_sol         48.6 
_exptl_crystal.description                 ? 
_exptl_crystal.F_000                       ? 
_exptl_crystal.id                          1 
_exptl_crystal.preparation                 ? 
_exptl_crystal.size_max                    ? 
_exptl_crystal.size_mid                    ? 
_exptl_crystal.size_min                    ? 
_exptl_crystal.size_rad                    ? 
_exptl_crystal.colour_lustre               ? 
_exptl_crystal.colour_modifier             ? 
_exptl_crystal.colour_primary              ? 
_exptl_crystal.density_meas                ? 
_exptl_crystal.density_meas_esd            ? 
_exptl_crystal.density_meas_gt             ? 
_exptl_crystal.density_meas_lt             ? 
_exptl_crystal.density_meas_temp           ? 
_exptl_crystal.density_meas_temp_esd       ? 
_exptl_crystal.density_meas_temp_gt        ? 
_exptl_crystal.density_meas_temp_lt        ? 
_exptl_crystal.pdbx_crystal_image_url      ? 
_exptl_crystal.pdbx_crystal_image_format   ? 
_exptl_crystal.pdbx_mosaicity              ? 
_exptl_crystal.pdbx_mosaicity_esd          ? 
# 
_exptl_crystal_grow.apparatus       ? 
_exptl_crystal_grow.atmosphere      ? 
_exptl_crystal_grow.crystal_id      1 
_exptl_crystal_grow.details         ? 
_exptl_crystal_grow.method          'VAPOR DIFFUSION' 
_exptl_crystal_grow.method_ref      ? 
_exptl_crystal_grow.pH              5.6 
_exptl_crystal_grow.pressure        ? 
_exptl_crystal_grow.pressure_esd    ? 
_exptl_crystal_grow.seeding         ? 
_exptl_crystal_grow.seeding_ref     ? 
_exptl_crystal_grow.temp            293 
_exptl_crystal_grow.temp_details    ? 
_exptl_crystal_grow.temp_esd        ? 
_exptl_crystal_grow.time            ? 
_exptl_crystal_grow.pdbx_details    '2M ammonium sulfate, 0.2M potassium sodium phosphate, 0.1M sodium citrate pH 5.6' 
_exptl_crystal_grow.pdbx_pH_range   ? 
# 
_diffrn.ambient_environment    ? 
_diffrn.ambient_temp           100 
_diffrn.ambient_temp_details   ? 
_diffrn.ambient_temp_esd       ? 
_diffrn.crystal_id             1 
_diffrn.crystal_support        ? 
_diffrn.crystal_treatment      ? 
_diffrn.details                ? 
_diffrn.id                     1 
_diffrn.ambient_pressure       ? 
_diffrn.ambient_pressure_esd   ? 
_diffrn.ambient_pressure_gt    ? 
_diffrn.ambient_pressure_lt    ? 
_diffrn.ambient_temp_gt        ? 
_diffrn.ambient_temp_lt        ? 
# 
_diffrn_detector.details                      ? 
_diffrn_detector.detector                     PIXEL 
_diffrn_detector.diffrn_id                    1 
_diffrn_detector.type                         'DECTRIS PILATUS3 S 6M' 
_diffrn_detector.area_resol_mean              ? 
_diffrn_detector.dtime                        ? 
_diffrn_detector.pdbx_frames_total            ? 
_diffrn_detector.pdbx_collection_time_total   ? 
_diffrn_detector.pdbx_collection_date         2016-08-02 
# 
_diffrn_radiation.collimation                      ? 
_diffrn_radiation.diffrn_id                        1 
_diffrn_radiation.filter_edge                      ? 
_diffrn_radiation.inhomogeneity                    ? 
_diffrn_radiation.monochromator                    ? 
_diffrn_radiation.polarisn_norm                    ? 
_diffrn_radiation.polarisn_ratio                   ? 
_diffrn_radiation.probe                            ? 
_diffrn_radiation.type                             ? 
_diffrn_radiation.xray_symbol                      ? 
_diffrn_radiation.wavelength_id                    1 
_diffrn_radiation.pdbx_monochromatic_or_laue_m_l   M 
_diffrn_radiation.pdbx_wavelength_list             ? 
_diffrn_radiation.pdbx_wavelength                  ? 
_diffrn_radiation.pdbx_diffrn_protocol             'SINGLE WAVELENGTH' 
_diffrn_radiation.pdbx_analyzer                    ? 
_diffrn_radiation.pdbx_scattering_type             x-ray 
# 
_diffrn_radiation_wavelength.id           1 
_diffrn_radiation_wavelength.wavelength   0.9793 
_diffrn_radiation_wavelength.wt           1.0 
# 
_diffrn_source.current                     ? 
_diffrn_source.details                     ? 
_diffrn_source.diffrn_id                   1 
_diffrn_source.power                       ? 
_diffrn_source.size                        ? 
_diffrn_source.source                      SYNCHROTRON 
_diffrn_source.target                      ? 
_diffrn_source.type                        'PETRA III, DESY BEAMLINE P11' 
_diffrn_source.voltage                     ? 
_diffrn_source.take-off_angle              ? 
_diffrn_source.pdbx_wavelength_list        0.9793 
_diffrn_source.pdbx_wavelength             ? 
_diffrn_source.pdbx_synchrotron_beamline   P11 
_diffrn_source.pdbx_synchrotron_site       'PETRA III, DESY' 
# 
_reflns.B_iso_Wilson_estimate            34.670 
_reflns.entry_id                         5LSI 
_reflns.data_reduction_details           ? 
_reflns.data_reduction_method            ? 
_reflns.d_resolution_high                2.000 
_reflns.d_resolution_low                 43.7540 
_reflns.details                          ? 
_reflns.limit_h_max                      ? 
_reflns.limit_h_min                      ? 
_reflns.limit_k_max                      ? 
_reflns.limit_k_min                      ? 
_reflns.limit_l_max                      ? 
_reflns.limit_l_min                      ? 
_reflns.number_all                       ? 
_reflns.number_obs                       11845 
_reflns.observed_criterion               ? 
_reflns.observed_criterion_F_max         ? 
_reflns.observed_criterion_F_min         ? 
_reflns.observed_criterion_I_max         ? 
_reflns.observed_criterion_I_min         ? 
_reflns.observed_criterion_sigma_F       ? 
_reflns.observed_criterion_sigma_I       -3.000 
_reflns.percent_possible_obs             99.900 
_reflns.R_free_details                   ? 
_reflns.Rmerge_F_all                     ? 
_reflns.Rmerge_F_obs                     ? 
_reflns.Friedel_coverage                 ? 
_reflns.number_gt                        ? 
_reflns.threshold_expression             ? 
_reflns.pdbx_redundancy                  19.1 
_reflns.pdbx_Rmerge_I_obs                0.242 
_reflns.pdbx_Rmerge_I_all                ? 
_reflns.pdbx_Rsym_value                  ? 
_reflns.pdbx_netI_over_av_sigmaI         ? 
_reflns.pdbx_netI_over_sigmaI            10.630 
_reflns.pdbx_res_netI_over_av_sigmaI_2   ? 
_reflns.pdbx_res_netI_over_sigmaI_2      ? 
_reflns.pdbx_chi_squared                 ? 
_reflns.pdbx_scaling_rejects             ? 
_reflns.pdbx_d_res_high_opt              ? 
_reflns.pdbx_d_res_low_opt               ? 
_reflns.pdbx_d_res_opt_method            ? 
_reflns.phase_calculation_details        ? 
_reflns.pdbx_Rrim_I_all                  ? 
_reflns.pdbx_Rpim_I_all                  ? 
_reflns.pdbx_d_opt                       ? 
_reflns.pdbx_number_measured_all         ? 
_reflns.pdbx_diffrn_id                   1 
_reflns.pdbx_ordinal                     1 
_reflns.pdbx_CC_half                     ? 
_reflns.pdbx_R_split                     ? 
# 
loop_
_reflns_shell.d_res_high 
_reflns_shell.d_res_low 
_reflns_shell.meanI_over_sigI_all 
_reflns_shell.meanI_over_sigI_obs 
_reflns_shell.number_measured_all 
_reflns_shell.number_measured_obs 
_reflns_shell.number_possible 
_reflns_shell.number_unique_all 
_reflns_shell.number_unique_obs 
_reflns_shell.percent_possible_all 
_reflns_shell.percent_possible_obs 
_reflns_shell.Rmerge_F_all 
_reflns_shell.Rmerge_F_obs 
_reflns_shell.Rmerge_I_all 
_reflns_shell.Rmerge_I_obs 
_reflns_shell.meanI_over_sigI_gt 
_reflns_shell.meanI_over_uI_all 
_reflns_shell.meanI_over_uI_gt 
_reflns_shell.number_measured_gt 
_reflns_shell.number_unique_gt 
_reflns_shell.percent_possible_gt 
_reflns_shell.Rmerge_F_gt 
_reflns_shell.Rmerge_I_gt 
_reflns_shell.pdbx_redundancy 
_reflns_shell.pdbx_Rsym_value 
_reflns_shell.pdbx_chi_squared 
_reflns_shell.pdbx_netI_over_sigmaI_all 
_reflns_shell.pdbx_netI_over_sigmaI_obs 
_reflns_shell.pdbx_Rrim_I_all 
_reflns_shell.pdbx_Rpim_I_all 
_reflns_shell.pdbx_rejects 
_reflns_shell.pdbx_ordinal 
_reflns_shell.pdbx_diffrn_id 
_reflns_shell.pdbx_CC_half 
_reflns_shell.pdbx_R_split 
2.000 2.050 ? 2.120  ? ? ? ? ? 99.400  ? ? ? ? 1.355 ? ? ? ? ? ? ? ? 18.1 ? ? ? ? ? ? ? 1  1 ? ? 
2.050 2.110 ? 2.580  ? ? ? ? ? 100.000 ? ? ? ? 1.292 ? ? ? ? ? ? ? ? ?    ? ? ? ? ? ? ? 2  1 ? ? 
2.110 2.170 ? 2.950  ? ? ? ? ? 100.000 ? ? ? ? 1.163 ? ? ? ? ? ? ? ? ?    ? ? ? ? ? ? ? 3  1 ? ? 
2.170 2.240 ? 3.210  ? ? ? ? ? 100.000 ? ? ? ? 1.102 ? ? ? ? ? ? ? ? ?    ? ? ? ? ? ? ? 4  1 ? ? 
2.240 2.310 ? 3.560  ? ? ? ? ? 100.000 ? ? ? ? 1.011 ? ? ? ? ? ? ? ? ?    ? ? ? ? ? ? ? 5  1 ? ? 
2.310 2.390 ? 4.210  ? ? ? ? ? 100.000 ? ? ? ? 0.900 ? ? ? ? ? ? ? ? ?    ? ? ? ? ? ? ? 6  1 ? ? 
2.390 2.480 ? 4.740  ? ? ? ? ? 99.900  ? ? ? ? 0.826 ? ? ? ? ? ? ? ? ?    ? ? ? ? ? ? ? 7  1 ? ? 
2.480 2.580 ? 5.180  ? ? ? ? ? 100.000 ? ? ? ? 0.760 ? ? ? ? ? ? ? ? ?    ? ? ? ? ? ? ? 8  1 ? ? 
2.580 2.700 ? 6.300  ? ? ? ? ? 99.800  ? ? ? ? 0.628 ? ? ? ? ? ? ? ? ?    ? ? ? ? ? ? ? 9  1 ? ? 
2.700 2.830 ? 7.250  ? ? ? ? ? 100.000 ? ? ? ? 0.542 ? ? ? ? ? ? ? ? ?    ? ? ? ? ? ? ? 10 1 ? ? 
2.830 2.980 ? 9.290  ? ? ? ? ? 100.000 ? ? ? ? 0.422 ? ? ? ? ? ? ? ? ?    ? ? ? ? ? ? ? 11 1 ? ? 
2.980 3.170 ? 11.820 ? ? ? ? ? 99.800  ? ? ? ? 0.312 ? ? ? ? ? ? ? ? ?    ? ? ? ? ? ? ? 12 1 ? ? 
3.170 3.380 ? 16.140 ? ? ? ? ? 100.000 ? ? ? ? 0.225 ? ? ? ? ? ? ? ? ?    ? ? ? ? ? ? ? 13 1 ? ? 
3.380 3.660 ? 20.560 ? ? ? ? ? 100.000 ? ? ? ? 0.159 ? ? ? ? ? ? ? ? ?    ? ? ? ? ? ? ? 14 1 ? ? 
3.660 4.000 ? 26.670 ? ? ? ? ? 99.800  ? ? ? ? 0.112 ? ? ? ? ? ? ? ? ?    ? ? ? ? ? ? ? 15 1 ? ? 
4.000 4.480 ? 31.880 ? ? ? ? ? 100.000 ? ? ? ? 0.089 ? ? ? ? ? ? ? ? ?    ? ? ? ? ? ? ? 16 1 ? ? 
4.480 5.170 ? 30.340 ? ? ? ? ? 100.000 ? ? ? ? 0.087 ? ? ? ? ? ? ? ? ?    ? ? ? ? ? ? ? 17 1 ? ? 
5.170 6.330 ? 26.830 ? ? ? ? ? 100.000 ? ? ? ? 0.104 ? ? ? ? ? ? ? ? ?    ? ? ? ? ? ? ? 18 1 ? ? 
6.330 8.950 ? 35.490 ? ? ? ? ? 100.000 ? ? ? ? 0.064 ? ? ? ? ? ? ? ? ?    ? ? ? ? ? ? ? 19 1 ? ? 
8.950 ?     ? 41.650 ? ? ? ? ? 99.400  ? ? ? ? 0.046 ? ? ? ? ? ? ? ? ?    ? ? ? ? ? ? ? 20 1 ? ? 
# 
_refine.aniso_B[1][1]                            ? 
_refine.aniso_B[1][2]                            ? 
_refine.aniso_B[1][3]                            ? 
_refine.aniso_B[2][2]                            ? 
_refine.aniso_B[2][3]                            ? 
_refine.aniso_B[3][3]                            ? 
_refine.B_iso_max                                89.180 
_refine.B_iso_mean                               40.5025 
_refine.B_iso_min                                18.670 
_refine.correlation_coeff_Fo_to_Fc               ? 
_refine.correlation_coeff_Fo_to_Fc_free          ? 
_refine.details                                  ? 
_refine.diff_density_max                         ? 
_refine.diff_density_max_esd                     ? 
_refine.diff_density_min                         ? 
_refine.diff_density_min_esd                     ? 
_refine.diff_density_rms                         ? 
_refine.diff_density_rms_esd                     ? 
_refine.entry_id                                 5LSI 
_refine.pdbx_refine_id                           'X-RAY DIFFRACTION' 
_refine.ls_abs_structure_details                 ? 
_refine.ls_abs_structure_Flack                   ? 
_refine.ls_abs_structure_Flack_esd               ? 
_refine.ls_abs_structure_Rogers                  ? 
_refine.ls_abs_structure_Rogers_esd              ? 
_refine.ls_d_res_high                            2.0020 
_refine.ls_d_res_low                             43.7540 
_refine.ls_extinction_coef                       ? 
_refine.ls_extinction_coef_esd                   ? 
_refine.ls_extinction_expression                 ? 
_refine.ls_extinction_method                     ? 
_refine.ls_goodness_of_fit_all                   ? 
_refine.ls_goodness_of_fit_all_esd               ? 
_refine.ls_goodness_of_fit_obs                   ? 
_refine.ls_goodness_of_fit_obs_esd               ? 
_refine.ls_hydrogen_treatment                    ? 
_refine.ls_matrix_type                           ? 
_refine.ls_number_constraints                    ? 
_refine.ls_number_parameters                     ? 
_refine.ls_number_reflns_all                     ? 
_refine.ls_number_reflns_obs                     11837 
_refine.ls_number_reflns_R_free                  593 
_refine.ls_number_reflns_R_work                  ? 
_refine.ls_number_restraints                     ? 
_refine.ls_percent_reflns_obs                    99.8400 
_refine.ls_percent_reflns_R_free                 5.0100 
_refine.ls_R_factor_all                          ? 
_refine.ls_R_factor_obs                          0.2173 
_refine.ls_R_factor_R_free                       0.2458 
_refine.ls_R_factor_R_free_error                 ? 
_refine.ls_R_factor_R_free_error_details         ? 
_refine.ls_R_factor_R_work                       0.2158 
_refine.ls_R_Fsqd_factor_obs                     ? 
_refine.ls_R_I_factor_obs                        ? 
_refine.ls_redundancy_reflns_all                 ? 
_refine.ls_redundancy_reflns_obs                 ? 
_refine.ls_restrained_S_all                      ? 
_refine.ls_restrained_S_obs                      ? 
_refine.ls_shift_over_esd_max                    ? 
_refine.ls_shift_over_esd_mean                   ? 
_refine.ls_structure_factor_coef                 ? 
_refine.ls_weighting_details                     ? 
_refine.ls_weighting_scheme                      ? 
_refine.ls_wR_factor_all                         ? 
_refine.ls_wR_factor_obs                         ? 
_refine.ls_wR_factor_R_free                      ? 
_refine.ls_wR_factor_R_work                      ? 
_refine.occupancy_max                            ? 
_refine.occupancy_min                            ? 
_refine.solvent_model_details                    ? 
_refine.solvent_model_param_bsol                 ? 
_refine.solvent_model_param_ksol                 ? 
_refine.ls_R_factor_gt                           ? 
_refine.ls_goodness_of_fit_gt                    ? 
_refine.ls_goodness_of_fit_ref                   ? 
_refine.ls_shift_over_su_max                     ? 
_refine.ls_shift_over_su_max_lt                  ? 
_refine.ls_shift_over_su_mean                    ? 
_refine.ls_shift_over_su_mean_lt                 ? 
_refine.pdbx_ls_sigma_I                          ? 
_refine.pdbx_ls_sigma_F                          1.380 
_refine.pdbx_ls_sigma_Fsqd                       ? 
_refine.pdbx_data_cutoff_high_absF               ? 
_refine.pdbx_data_cutoff_high_rms_absF           ? 
_refine.pdbx_data_cutoff_low_absF                ? 
_refine.pdbx_isotropic_thermal_model             ? 
_refine.pdbx_ls_cross_valid_method               'FREE R-VALUE' 
_refine.pdbx_method_to_determine_struct          'MOLECULAR REPLACEMENT' 
_refine.pdbx_starting_model                      5LSK 
_refine.pdbx_stereochemistry_target_values       ? 
_refine.pdbx_R_Free_selection_details            ? 
_refine.pdbx_stereochem_target_val_spec_case     ? 
_refine.pdbx_overall_ESU_R                       ? 
_refine.pdbx_overall_ESU_R_Free                  ? 
_refine.pdbx_solvent_vdw_probe_radii             1.1100 
_refine.pdbx_solvent_ion_probe_radii             ? 
_refine.pdbx_solvent_shrinkage_radii             0.9000 
_refine.pdbx_real_space_R                        ? 
_refine.pdbx_density_correlation                 ? 
_refine.pdbx_pd_number_of_powder_patterns        ? 
_refine.pdbx_pd_number_of_points                 ? 
_refine.pdbx_pd_meas_number_of_points            ? 
_refine.pdbx_pd_proc_ls_prof_R_factor            ? 
_refine.pdbx_pd_proc_ls_prof_wR_factor           ? 
_refine.pdbx_pd_Marquardt_correlation_coeff      ? 
_refine.pdbx_pd_Fsqrd_R_factor                   ? 
_refine.pdbx_pd_ls_matrix_band_width             ? 
_refine.pdbx_overall_phase_error                 28.1200 
_refine.pdbx_overall_SU_R_free_Cruickshank_DPI   ? 
_refine.pdbx_overall_SU_R_free_Blow_DPI          ? 
_refine.pdbx_overall_SU_R_Blow_DPI               ? 
_refine.pdbx_TLS_residual_ADP_flag               ? 
_refine.pdbx_diffrn_id                           1 
_refine.overall_SU_B                             ? 
_refine.overall_SU_ML                            0.2700 
_refine.overall_SU_R_Cruickshank_DPI             ? 
_refine.overall_SU_R_free                        ? 
_refine.overall_FOM_free_R_set                   ? 
_refine.overall_FOM_work_R_set                   ? 
_refine.pdbx_average_fsc_overall                 ? 
_refine.pdbx_average_fsc_work                    ? 
_refine.pdbx_average_fsc_free                    ? 
# 
_refine_hist.pdbx_refine_id                   'X-RAY DIFFRACTION' 
_refine_hist.cycle_id                         LAST 
_refine_hist.pdbx_number_atoms_protein        1230 
_refine_hist.pdbx_number_atoms_nucleic_acid   0 
_refine_hist.pdbx_number_atoms_ligand         5 
_refine_hist.number_atoms_solvent             53 
_refine_hist.number_atoms_total               1288 
_refine_hist.d_res_high                       2.0020 
_refine_hist.d_res_low                        43.7540 
# 
loop_
_refine_ls_restr.pdbx_refine_id 
_refine_ls_restr.criterion 
_refine_ls_restr.dev_ideal 
_refine_ls_restr.dev_ideal_target 
_refine_ls_restr.number 
_refine_ls_restr.rejects 
_refine_ls_restr.type 
_refine_ls_restr.weight 
_refine_ls_restr.pdbx_restraint_function 
'X-RAY DIFFRACTION' ? 0.003  ? 1252 ? f_bond_d           ? ? 
'X-RAY DIFFRACTION' ? 0.516  ? 1682 ? f_angle_d          ? ? 
'X-RAY DIFFRACTION' ? 0.037  ? 185  ? f_chiral_restr     ? ? 
'X-RAY DIFFRACTION' ? 0.003  ? 221  ? f_plane_restr      ? ? 
'X-RAY DIFFRACTION' ? 16.916 ? 764  ? f_dihedral_angle_d ? ? 
# 
loop_
_refine_ls_shell.pdbx_refine_id 
_refine_ls_shell.d_res_high 
_refine_ls_shell.d_res_low 
_refine_ls_shell.number_reflns_all 
_refine_ls_shell.number_reflns_obs 
_refine_ls_shell.number_reflns_R_free 
_refine_ls_shell.number_reflns_R_work 
_refine_ls_shell.percent_reflns_obs 
_refine_ls_shell.percent_reflns_R_free 
_refine_ls_shell.R_factor_all 
_refine_ls_shell.R_factor_obs 
_refine_ls_shell.R_factor_R_free 
_refine_ls_shell.R_factor_R_free_error 
_refine_ls_shell.R_factor_R_work 
_refine_ls_shell.redundancy_reflns_all 
_refine_ls_shell.redundancy_reflns_obs 
_refine_ls_shell.wR_factor_all 
_refine_ls_shell.wR_factor_obs 
_refine_ls_shell.wR_factor_R_free 
_refine_ls_shell.wR_factor_R_work 
_refine_ls_shell.pdbx_total_number_of_bins_used 
_refine_ls_shell.pdbx_phase_error 
_refine_ls_shell.pdbx_fsc_work 
_refine_ls_shell.pdbx_fsc_free 
'X-RAY DIFFRACTION' 2.0021 2.2036  2901 . 145 2756 100.0000 . . . 0.3147 . 0.2901 . . . . . . 4 . . . 
'X-RAY DIFFRACTION' 2.2036 2.5224  2901 . 146 2755 100.0000 . . . 0.2891 . 0.2398 . . . . . . 4 . . . 
'X-RAY DIFFRACTION' 2.5224 3.1778  2959 . 148 2811 100.0000 . . . 0.2387 . 0.2244 . . . . . . 4 . . . 
'X-RAY DIFFRACTION' 3.1778 43.7646 3076 . 154 2922 100.0000 . . . 0.2215 . 0.1891 . . . . . . 4 . . . 
# 
_struct.entry_id                     5LSI 
_struct.title                        
'CRYSTAL STRUCTURE OF THE KINETOCHORE MIS12 COMPLEX HEAD2 SUBDOMAIN CONTAINING DSN1 AND NSL1 FRAGMENTS' 
_struct.pdbx_model_details           ? 
_struct.pdbx_formula_weight          ? 
_struct.pdbx_formula_weight_method   ? 
_struct.pdbx_model_type_details      ? 
_struct.pdbx_CASP_flag               N 
# 
_struct_keywords.entry_id        5LSI 
_struct_keywords.text            'ALPHA-HELICAL, cell cycle' 
_struct_keywords.pdbx_keywords   'CELL CYCLE' 
# 
loop_
_struct_asym.id 
_struct_asym.pdbx_blank_PDB_chainid_flag 
_struct_asym.pdbx_modified 
_struct_asym.entity_id 
_struct_asym.details 
A N N 1 ? 
B N N 2 ? 
C N N 3 ? 
D N N 4 ? 
E N N 4 ? 
# 
loop_
_struct_ref.id 
_struct_ref.db_name 
_struct_ref.db_code 
_struct_ref.pdbx_db_accession 
_struct_ref.pdbx_db_isoform 
_struct_ref.entity_id 
_struct_ref.pdbx_seq_one_letter_code 
_struct_ref.pdbx_align_begin 
1 UNP DSN1_HUMAN Q9H410 ? 1 
;SHQERLQSKSLHLSPQEQSASYQDRRQSWRRASMKETNRRKSLHPIHQGITELSRSISVDLAESKRLGCLLLSSFQFSIQ
KLEPFLRDTKGFSLESFRAKASSLSEELKHFADGLETDGTLQKCFEDSNGKAS
;
68 
2 UNP NSL1_HUMAN Q96IY1 ? 2 SATPREDFRVRCTSKRAVTEMLQLCGRFVQKLGDALPEEIREPALRDAQWTFESAVQENISINGQAWQEAS 29 
# 
loop_
_struct_ref_seq.align_id 
_struct_ref_seq.ref_id 
_struct_ref_seq.pdbx_PDB_id_code 
_struct_ref_seq.pdbx_strand_id 
_struct_ref_seq.seq_align_beg 
_struct_ref_seq.pdbx_seq_align_beg_ins_code 
_struct_ref_seq.seq_align_end 
_struct_ref_seq.pdbx_seq_align_end_ins_code 
_struct_ref_seq.pdbx_db_accession 
_struct_ref_seq.db_align_beg 
_struct_ref_seq.pdbx_db_align_beg_ins_code 
_struct_ref_seq.db_align_end 
_struct_ref_seq.pdbx_db_align_end_ins_code 
_struct_ref_seq.pdbx_auth_seq_align_beg 
_struct_ref_seq.pdbx_auth_seq_align_end 
1 1 5LSI D 2 ? 134 ? Q9H410 68 ? 200 ? 68 200 
2 2 5LSI E 6 ? 76  ? Q96IY1 29 ? 99  ? 29 99  
# 
loop_
_struct_ref_seq_dif.align_id 
_struct_ref_seq_dif.pdbx_pdb_id_code 
_struct_ref_seq_dif.mon_id 
_struct_ref_seq_dif.pdbx_pdb_strand_id 
_struct_ref_seq_dif.seq_num 
_struct_ref_seq_dif.pdbx_pdb_ins_code 
_struct_ref_seq_dif.pdbx_seq_db_name 
_struct_ref_seq_dif.pdbx_seq_db_accession_code 
_struct_ref_seq_dif.db_mon_id 
_struct_ref_seq_dif.pdbx_seq_db_seq_num 
_struct_ref_seq_dif.details 
_struct_ref_seq_dif.pdbx_auth_seq_num 
_struct_ref_seq_dif.pdbx_ordinal 
1 5LSI MET D 1 ? UNP Q9H410 ? ? 'initiating methionine' 67 1 
2 5LSI GLY E 1 ? UNP Q96IY1 ? ? 'expression tag'        24 2 
2 5LSI PRO E 2 ? UNP Q96IY1 ? ? 'expression tag'        25 3 
2 5LSI LEU E 3 ? UNP Q96IY1 ? ? 'expression tag'        26 4 
2 5LSI GLY E 4 ? UNP Q96IY1 ? ? 'expression tag'        27 5 
2 5LSI SER E 5 ? UNP Q96IY1 ? ? 'expression tag'        28 6 
# 
_pdbx_struct_assembly.id                   1 
_pdbx_struct_assembly.details              author_and_software_defined_assembly 
_pdbx_struct_assembly.method_details       PISA 
_pdbx_struct_assembly.oligomeric_details   dimeric 
_pdbx_struct_assembly.oligomeric_count     2 
# 
loop_
_pdbx_struct_assembly_prop.biol_id 
_pdbx_struct_assembly_prop.type 
_pdbx_struct_assembly_prop.value 
_pdbx_struct_assembly_prop.details 
1 'ABSA (A^2)' 3320 ? 
1 MORE         -41  ? 
1 'SSA (A^2)'  9820 ? 
# 
_pdbx_struct_assembly_gen.assembly_id       1 
_pdbx_struct_assembly_gen.oper_expression   1 
_pdbx_struct_assembly_gen.asym_id_list      A,B,C,D,E 
# 
_pdbx_struct_oper_list.id                   1 
_pdbx_struct_oper_list.type                 'identity operation' 
_pdbx_struct_oper_list.name                 1_555 
_pdbx_struct_oper_list.symmetry_operation   x,y,z 
_pdbx_struct_oper_list.matrix[1][1]         1.0000000000 
_pdbx_struct_oper_list.matrix[1][2]         0.0000000000 
_pdbx_struct_oper_list.matrix[1][3]         0.0000000000 
_pdbx_struct_oper_list.vector[1]            0.0000000000 
_pdbx_struct_oper_list.matrix[2][1]         0.0000000000 
_pdbx_struct_oper_list.matrix[2][2]         1.0000000000 
_pdbx_struct_oper_list.matrix[2][3]         0.0000000000 
_pdbx_struct_oper_list.vector[2]            0.0000000000 
_pdbx_struct_oper_list.matrix[3][1]         0.0000000000 
_pdbx_struct_oper_list.matrix[3][2]         0.0000000000 
_pdbx_struct_oper_list.matrix[3][3]         1.0000000000 
_pdbx_struct_oper_list.vector[3]            0.0000000000 
# 
loop_
_struct_conf.conf_type_id 
_struct_conf.id 
_struct_conf.pdbx_PDB_helix_id 
_struct_conf.beg_label_comp_id 
_struct_conf.beg_label_asym_id 
_struct_conf.beg_label_seq_id 
_struct_conf.pdbx_beg_PDB_ins_code 
_struct_conf.end_label_comp_id 
_struct_conf.end_label_asym_id 
_struct_conf.end_label_seq_id 
_struct_conf.pdbx_end_PDB_ins_code 
_struct_conf.beg_auth_comp_id 
_struct_conf.beg_auth_asym_id 
_struct_conf.beg_auth_seq_id 
_struct_conf.end_auth_comp_id 
_struct_conf.end_auth_asym_id 
_struct_conf.end_auth_seq_id 
_struct_conf.pdbx_PDB_helix_class 
_struct_conf.details 
_struct_conf.pdbx_PDB_helix_length 
HELX_P HELX_P1 AA1 THR A 52  ? SER A 57  ? THR D 118 SER D 123 1 ? 6  
HELX_P HELX_P2 AA2 ALA A 63  ? GLU A 84  ? ALA D 129 GLU D 150 1 ? 22 
HELX_P HELX_P3 AA3 PRO A 85  ? LEU A 87  ? PRO D 151 LEU D 153 5 ? 3  
HELX_P HELX_P4 AA4 SER A 94  ? ASP A 119 ? SER D 160 ASP D 185 1 ? 26 
HELX_P HELX_P5 AA5 LEU A 122 ? GLU A 127 ? LEU D 188 GLU D 193 5 ? 6  
HELX_P HELX_P6 AA6 SER B 19  ? LYS B 36  ? SER E 42  LYS E 59  1 ? 18 
HELX_P HELX_P7 AA7 LEU B 37  ? LEU B 41  ? LEU E 60  LEU E 64  5 ? 5  
HELX_P HELX_P8 AA8 ILE B 45  ? GLU B 63  ? ILE E 68  GLU E 86  1 ? 19 
# 
_struct_conf_type.id          HELX_P 
_struct_conf_type.criteria    ? 
_struct_conf_type.reference   ? 
# 
_struct_sheet.id               AA1 
_struct_sheet.type             ? 
_struct_sheet.number_strands   2 
_struct_sheet.details          ? 
# 
_struct_sheet_order.sheet_id     AA1 
_struct_sheet_order.range_id_1   1 
_struct_sheet_order.range_id_2   2 
_struct_sheet_order.offset       ? 
_struct_sheet_order.sense        parallel 
# 
loop_
_struct_sheet_range.sheet_id 
_struct_sheet_range.id 
_struct_sheet_range.beg_label_comp_id 
_struct_sheet_range.beg_label_asym_id 
_struct_sheet_range.beg_label_seq_id 
_struct_sheet_range.pdbx_beg_PDB_ins_code 
_struct_sheet_range.end_label_comp_id 
_struct_sheet_range.end_label_asym_id 
_struct_sheet_range.end_label_seq_id 
_struct_sheet_range.pdbx_end_PDB_ins_code 
_struct_sheet_range.beg_auth_comp_id 
_struct_sheet_range.beg_auth_asym_id 
_struct_sheet_range.beg_auth_seq_id 
_struct_sheet_range.end_auth_comp_id 
_struct_sheet_range.end_auth_asym_id 
_struct_sheet_range.end_auth_seq_id 
AA1 1 VAL B 15 ? CYS B 17 ? VAL E 38 CYS E 40 
AA1 2 ILE B 65 ? ILE B 67 ? ILE E 88 ILE E 90 
# 
_pdbx_struct_sheet_hbond.sheet_id                AA1 
_pdbx_struct_sheet_hbond.range_id_1              1 
_pdbx_struct_sheet_hbond.range_id_2              2 
_pdbx_struct_sheet_hbond.range_1_label_atom_id   N 
_pdbx_struct_sheet_hbond.range_1_label_comp_id   CYS 
_pdbx_struct_sheet_hbond.range_1_label_asym_id   B 
_pdbx_struct_sheet_hbond.range_1_label_seq_id    17 
_pdbx_struct_sheet_hbond.range_1_PDB_ins_code    ? 
_pdbx_struct_sheet_hbond.range_1_auth_atom_id    N 
_pdbx_struct_sheet_hbond.range_1_auth_comp_id    CYS 
_pdbx_struct_sheet_hbond.range_1_auth_asym_id    E 
_pdbx_struct_sheet_hbond.range_1_auth_seq_id     40 
_pdbx_struct_sheet_hbond.range_2_label_atom_id   O 
_pdbx_struct_sheet_hbond.range_2_label_comp_id   SER 
_pdbx_struct_sheet_hbond.range_2_label_asym_id   B 
_pdbx_struct_sheet_hbond.range_2_label_seq_id    66 
_pdbx_struct_sheet_hbond.range_2_PDB_ins_code    ? 
_pdbx_struct_sheet_hbond.range_2_auth_atom_id    O 
_pdbx_struct_sheet_hbond.range_2_auth_comp_id    SER 
_pdbx_struct_sheet_hbond.range_2_auth_asym_id    E 
_pdbx_struct_sheet_hbond.range_2_auth_seq_id     89 
# 
_struct_site.id                   AC1 
_struct_site.pdbx_evidence_code   Software 
_struct_site.pdbx_auth_asym_id    E 
_struct_site.pdbx_auth_comp_id    SO4 
_struct_site.pdbx_auth_seq_id     101 
_struct_site.pdbx_auth_ins_code   ? 
_struct_site.pdbx_num_residues    4 
_struct_site.details              'binding site for residue SO4 E 101' 
# 
loop_
_struct_site_gen.id 
_struct_site_gen.site_id 
_struct_site_gen.pdbx_num_res 
_struct_site_gen.label_comp_id 
_struct_site_gen.label_asym_id 
_struct_site_gen.label_seq_id 
_struct_site_gen.pdbx_auth_ins_code 
_struct_site_gen.auth_comp_id 
_struct_site_gen.auth_asym_id 
_struct_site_gen.auth_seq_id 
_struct_site_gen.label_atom_id 
_struct_site_gen.label_alt_id 
_struct_site_gen.symmetry 
_struct_site_gen.details 
1 AC1 4 GLN A 77  ? GLN D 143 . ? 5_444 ? 
2 AC1 4 LYS A 124 ? LYS D 190 . ? 6_554 ? 
3 AC1 4 GLY B 1   ? GLY E 24  . ? 1_555 ? 
4 AC1 4 SER B 6   ? SER E 29  . ? 1_555 ? 
# 
_pdbx_validate_torsion.id              1 
_pdbx_validate_torsion.PDB_model_num   1 
_pdbx_validate_torsion.auth_comp_id    ASP 
_pdbx_validate_torsion.auth_asym_id    D 
_pdbx_validate_torsion.auth_seq_id     155 
_pdbx_validate_torsion.PDB_ins_code    ? 
_pdbx_validate_torsion.label_alt_id    ? 
_pdbx_validate_torsion.phi             -77.57 
_pdbx_validate_torsion.psi             46.33 
# 
loop_
_pdbx_unobs_or_zero_occ_residues.id 
_pdbx_unobs_or_zero_occ_residues.PDB_model_num 
_pdbx_unobs_or_zero_occ_residues.polymer_flag 
_pdbx_unobs_or_zero_occ_residues.occupancy_flag 
_pdbx_unobs_or_zero_occ_residues.auth_asym_id 
_pdbx_unobs_or_zero_occ_residues.auth_comp_id 
_pdbx_unobs_or_zero_occ_residues.auth_seq_id 
_pdbx_unobs_or_zero_occ_residues.PDB_ins_code 
_pdbx_unobs_or_zero_occ_residues.label_asym_id 
_pdbx_unobs_or_zero_occ_residues.label_comp_id 
_pdbx_unobs_or_zero_occ_residues.label_seq_id 
1  1 Y 1 D MET 67  ? A MET 1   
2  1 Y 1 D SER 68  ? A SER 2   
3  1 Y 1 D HIS 69  ? A HIS 3   
4  1 Y 1 D GLN 70  ? A GLN 4   
5  1 Y 1 D GLU 71  ? A GLU 5   
6  1 Y 1 D ARG 72  ? A ARG 6   
7  1 Y 1 D LEU 73  ? A LEU 7   
8  1 Y 1 D GLN 74  ? A GLN 8   
9  1 Y 1 D SER 75  ? A SER 9   
10 1 Y 1 D LYS 76  ? A LYS 10  
11 1 Y 1 D SER 77  ? A SER 11  
12 1 Y 1 D LEU 78  ? A LEU 12  
13 1 Y 1 D HIS 79  ? A HIS 13  
14 1 Y 1 D LEU 80  ? A LEU 14  
15 1 Y 1 D SER 81  ? A SER 15  
16 1 Y 1 D PRO 82  ? A PRO 16  
17 1 Y 1 D GLN 83  ? A GLN 17  
18 1 Y 1 D GLU 84  ? A GLU 18  
19 1 Y 1 D GLN 85  ? A GLN 19  
20 1 Y 1 D SER 86  ? A SER 20  
21 1 Y 1 D ALA 87  ? A ALA 21  
22 1 Y 1 D SER 88  ? A SER 22  
23 1 Y 1 D TYR 89  ? A TYR 23  
24 1 Y 1 D GLN 90  ? A GLN 24  
25 1 Y 1 D ASP 91  ? A ASP 25  
26 1 Y 1 D ARG 92  ? A ARG 26  
27 1 Y 1 D ARG 93  ? A ARG 27  
28 1 Y 1 D GLN 94  ? A GLN 28  
29 1 Y 1 D SER 95  ? A SER 29  
30 1 Y 1 D TRP 96  ? A TRP 30  
31 1 Y 1 D ARG 97  ? A ARG 31  
32 1 Y 1 D ARG 98  ? A ARG 32  
33 1 Y 1 D ALA 99  ? A ALA 33  
34 1 Y 1 D SER 100 ? A SER 34  
35 1 Y 1 D MET 101 ? A MET 35  
36 1 Y 1 D LYS 102 ? A LYS 36  
37 1 Y 1 D GLU 103 ? A GLU 37  
38 1 Y 1 D THR 104 ? A THR 38  
39 1 Y 1 D ASN 105 ? A ASN 39  
40 1 Y 1 D ARG 106 ? A ARG 40  
41 1 Y 1 D ARG 107 ? A ARG 41  
42 1 Y 1 D LYS 108 ? A LYS 42  
43 1 Y 1 D SER 109 ? A SER 43  
44 1 Y 1 D LEU 110 ? A LEU 44  
45 1 Y 1 D HIS 111 ? A HIS 45  
46 1 Y 1 D PRO 112 ? A PRO 46  
47 1 Y 1 D ILE 113 ? A ILE 47  
48 1 Y 1 D HIS 114 ? A HIS 48  
49 1 Y 1 D GLN 115 ? A GLN 49  
50 1 Y 1 D LYS 198 ? A LYS 132 
51 1 Y 1 D ALA 199 ? A ALA 133 
52 1 Y 1 D SER 200 ? A SER 134 
# 
loop_
_chem_comp_atom.comp_id 
_chem_comp_atom.atom_id 
_chem_comp_atom.type_symbol 
_chem_comp_atom.pdbx_aromatic_flag 
_chem_comp_atom.pdbx_stereo_config 
_chem_comp_atom.pdbx_ordinal 
ALA N    N N N 1   
ALA CA   C N S 2   
ALA C    C N N 3   
ALA O    O N N 4   
ALA CB   C N N 5   
ALA OXT  O N N 6   
ALA H    H N N 7   
ALA H2   H N N 8   
ALA HA   H N N 9   
ALA HB1  H N N 10  
ALA HB2  H N N 11  
ALA HB3  H N N 12  
ALA HXT  H N N 13  
ARG N    N N N 14  
ARG CA   C N S 15  
ARG C    C N N 16  
ARG O    O N N 17  
ARG CB   C N N 18  
ARG CG   C N N 19  
ARG CD   C N N 20  
ARG NE   N N N 21  
ARG CZ   C N N 22  
ARG NH1  N N N 23  
ARG NH2  N N N 24  
ARG OXT  O N N 25  
ARG H    H N N 26  
ARG H2   H N N 27  
ARG HA   H N N 28  
ARG HB2  H N N 29  
ARG HB3  H N N 30  
ARG HG2  H N N 31  
ARG HG3  H N N 32  
ARG HD2  H N N 33  
ARG HD3  H N N 34  
ARG HE   H N N 35  
ARG HH11 H N N 36  
ARG HH12 H N N 37  
ARG HH21 H N N 38  
ARG HH22 H N N 39  
ARG HXT  H N N 40  
ASN N    N N N 41  
ASN CA   C N S 42  
ASN C    C N N 43  
ASN O    O N N 44  
ASN CB   C N N 45  
ASN CG   C N N 46  
ASN OD1  O N N 47  
ASN ND2  N N N 48  
ASN OXT  O N N 49  
ASN H    H N N 50  
ASN H2   H N N 51  
ASN HA   H N N 52  
ASN HB2  H N N 53  
ASN HB3  H N N 54  
ASN HD21 H N N 55  
ASN HD22 H N N 56  
ASN HXT  H N N 57  
ASP N    N N N 58  
ASP CA   C N S 59  
ASP C    C N N 60  
ASP O    O N N 61  
ASP CB   C N N 62  
ASP CG   C N N 63  
ASP OD1  O N N 64  
ASP OD2  O N N 65  
ASP OXT  O N N 66  
ASP H    H N N 67  
ASP H2   H N N 68  
ASP HA   H N N 69  
ASP HB2  H N N 70  
ASP HB3  H N N 71  
ASP HD2  H N N 72  
ASP HXT  H N N 73  
CYS N    N N N 74  
CYS CA   C N R 75  
CYS C    C N N 76  
CYS O    O N N 77  
CYS CB   C N N 78  
CYS SG   S N N 79  
CYS OXT  O N N 80  
CYS H    H N N 81  
CYS H2   H N N 82  
CYS HA   H N N 83  
CYS HB2  H N N 84  
CYS HB3  H N N 85  
CYS HG   H N N 86  
CYS HXT  H N N 87  
GLN N    N N N 88  
GLN CA   C N S 89  
GLN C    C N N 90  
GLN O    O N N 91  
GLN CB   C N N 92  
GLN CG   C N N 93  
GLN CD   C N N 94  
GLN OE1  O N N 95  
GLN NE2  N N N 96  
GLN OXT  O N N 97  
GLN H    H N N 98  
GLN H2   H N N 99  
GLN HA   H N N 100 
GLN HB2  H N N 101 
GLN HB3  H N N 102 
GLN HG2  H N N 103 
GLN HG3  H N N 104 
GLN HE21 H N N 105 
GLN HE22 H N N 106 
GLN HXT  H N N 107 
GLU N    N N N 108 
GLU CA   C N S 109 
GLU C    C N N 110 
GLU O    O N N 111 
GLU CB   C N N 112 
GLU CG   C N N 113 
GLU CD   C N N 114 
GLU OE1  O N N 115 
GLU OE2  O N N 116 
GLU OXT  O N N 117 
GLU H    H N N 118 
GLU H2   H N N 119 
GLU HA   H N N 120 
GLU HB2  H N N 121 
GLU HB3  H N N 122 
GLU HG2  H N N 123 
GLU HG3  H N N 124 
GLU HE2  H N N 125 
GLU HXT  H N N 126 
GLY N    N N N 127 
GLY CA   C N N 128 
GLY C    C N N 129 
GLY O    O N N 130 
GLY OXT  O N N 131 
GLY H    H N N 132 
GLY H2   H N N 133 
GLY HA2  H N N 134 
GLY HA3  H N N 135 
GLY HXT  H N N 136 
HIS N    N N N 137 
HIS CA   C N S 138 
HIS C    C N N 139 
HIS O    O N N 140 
HIS CB   C N N 141 
HIS CG   C Y N 142 
HIS ND1  N Y N 143 
HIS CD2  C Y N 144 
HIS CE1  C Y N 145 
HIS NE2  N Y N 146 
HIS OXT  O N N 147 
HIS H    H N N 148 
HIS H2   H N N 149 
HIS HA   H N N 150 
HIS HB2  H N N 151 
HIS HB3  H N N 152 
HIS HD1  H N N 153 
HIS HD2  H N N 154 
HIS HE1  H N N 155 
HIS HE2  H N N 156 
HIS HXT  H N N 157 
HOH O    O N N 158 
HOH H1   H N N 159 
HOH H2   H N N 160 
ILE N    N N N 161 
ILE CA   C N S 162 
ILE C    C N N 163 
ILE O    O N N 164 
ILE CB   C N S 165 
ILE CG1  C N N 166 
ILE CG2  C N N 167 
ILE CD1  C N N 168 
ILE OXT  O N N 169 
ILE H    H N N 170 
ILE H2   H N N 171 
ILE HA   H N N 172 
ILE HB   H N N 173 
ILE HG12 H N N 174 
ILE HG13 H N N 175 
ILE HG21 H N N 176 
ILE HG22 H N N 177 
ILE HG23 H N N 178 
ILE HD11 H N N 179 
ILE HD12 H N N 180 
ILE HD13 H N N 181 
ILE HXT  H N N 182 
LEU N    N N N 183 
LEU CA   C N S 184 
LEU C    C N N 185 
LEU O    O N N 186 
LEU CB   C N N 187 
LEU CG   C N N 188 
LEU CD1  C N N 189 
LEU CD2  C N N 190 
LEU OXT  O N N 191 
LEU H    H N N 192 
LEU H2   H N N 193 
LEU HA   H N N 194 
LEU HB2  H N N 195 
LEU HB3  H N N 196 
LEU HG   H N N 197 
LEU HD11 H N N 198 
LEU HD12 H N N 199 
LEU HD13 H N N 200 
LEU HD21 H N N 201 
LEU HD22 H N N 202 
LEU HD23 H N N 203 
LEU HXT  H N N 204 
LYS N    N N N 205 
LYS CA   C N S 206 
LYS C    C N N 207 
LYS O    O N N 208 
LYS CB   C N N 209 
LYS CG   C N N 210 
LYS CD   C N N 211 
LYS CE   C N N 212 
LYS NZ   N N N 213 
LYS OXT  O N N 214 
LYS H    H N N 215 
LYS H2   H N N 216 
LYS HA   H N N 217 
LYS HB2  H N N 218 
LYS HB3  H N N 219 
LYS HG2  H N N 220 
LYS HG3  H N N 221 
LYS HD2  H N N 222 
LYS HD3  H N N 223 
LYS HE2  H N N 224 
LYS HE3  H N N 225 
LYS HZ1  H N N 226 
LYS HZ2  H N N 227 
LYS HZ3  H N N 228 
LYS HXT  H N N 229 
MET N    N N N 230 
MET CA   C N S 231 
MET C    C N N 232 
MET O    O N N 233 
MET CB   C N N 234 
MET CG   C N N 235 
MET SD   S N N 236 
MET CE   C N N 237 
MET OXT  O N N 238 
MET H    H N N 239 
MET H2   H N N 240 
MET HA   H N N 241 
MET HB2  H N N 242 
MET HB3  H N N 243 
MET HG2  H N N 244 
MET HG3  H N N 245 
MET HE1  H N N 246 
MET HE2  H N N 247 
MET HE3  H N N 248 
MET HXT  H N N 249 
PHE N    N N N 250 
PHE CA   C N S 251 
PHE C    C N N 252 
PHE O    O N N 253 
PHE CB   C N N 254 
PHE CG   C Y N 255 
PHE CD1  C Y N 256 
PHE CD2  C Y N 257 
PHE CE1  C Y N 258 
PHE CE2  C Y N 259 
PHE CZ   C Y N 260 
PHE OXT  O N N 261 
PHE H    H N N 262 
PHE H2   H N N 263 
PHE HA   H N N 264 
PHE HB2  H N N 265 
PHE HB3  H N N 266 
PHE HD1  H N N 267 
PHE HD2  H N N 268 
PHE HE1  H N N 269 
PHE HE2  H N N 270 
PHE HZ   H N N 271 
PHE HXT  H N N 272 
PRO N    N N N 273 
PRO CA   C N S 274 
PRO C    C N N 275 
PRO O    O N N 276 
PRO CB   C N N 277 
PRO CG   C N N 278 
PRO CD   C N N 279 
PRO OXT  O N N 280 
PRO H    H N N 281 
PRO HA   H N N 282 
PRO HB2  H N N 283 
PRO HB3  H N N 284 
PRO HG2  H N N 285 
PRO HG3  H N N 286 
PRO HD2  H N N 287 
PRO HD3  H N N 288 
PRO HXT  H N N 289 
SER N    N N N 290 
SER CA   C N S 291 
SER C    C N N 292 
SER O    O N N 293 
SER CB   C N N 294 
SER OG   O N N 295 
SER OXT  O N N 296 
SER H    H N N 297 
SER H2   H N N 298 
SER HA   H N N 299 
SER HB2  H N N 300 
SER HB3  H N N 301 
SER HG   H N N 302 
SER HXT  H N N 303 
SO4 S    S N N 304 
SO4 O1   O N N 305 
SO4 O2   O N N 306 
SO4 O3   O N N 307 
SO4 O4   O N N 308 
THR N    N N N 309 
THR CA   C N S 310 
THR C    C N N 311 
THR O    O N N 312 
THR CB   C N R 313 
THR OG1  O N N 314 
THR CG2  C N N 315 
THR OXT  O N N 316 
THR H    H N N 317 
THR H2   H N N 318 
THR HA   H N N 319 
THR HB   H N N 320 
THR HG1  H N N 321 
THR HG21 H N N 322 
THR HG22 H N N 323 
THR HG23 H N N 324 
THR HXT  H N N 325 
TRP N    N N N 326 
TRP CA   C N S 327 
TRP C    C N N 328 
TRP O    O N N 329 
TRP CB   C N N 330 
TRP CG   C Y N 331 
TRP CD1  C Y N 332 
TRP CD2  C Y N 333 
TRP NE1  N Y N 334 
TRP CE2  C Y N 335 
TRP CE3  C Y N 336 
TRP CZ2  C Y N 337 
TRP CZ3  C Y N 338 
TRP CH2  C Y N 339 
TRP OXT  O N N 340 
TRP H    H N N 341 
TRP H2   H N N 342 
TRP HA   H N N 343 
TRP HB2  H N N 344 
TRP HB3  H N N 345 
TRP HD1  H N N 346 
TRP HE1  H N N 347 
TRP HE3  H N N 348 
TRP HZ2  H N N 349 
TRP HZ3  H N N 350 
TRP HH2  H N N 351 
TRP HXT  H N N 352 
TYR N    N N N 353 
TYR CA   C N S 354 
TYR C    C N N 355 
TYR O    O N N 356 
TYR CB   C N N 357 
TYR CG   C Y N 358 
TYR CD1  C Y N 359 
TYR CD2  C Y N 360 
TYR CE1  C Y N 361 
TYR CE2  C Y N 362 
TYR CZ   C Y N 363 
TYR OH   O N N 364 
TYR OXT  O N N 365 
TYR H    H N N 366 
TYR H2   H N N 367 
TYR HA   H N N 368 
TYR HB2  H N N 369 
TYR HB3  H N N 370 
TYR HD1  H N N 371 
TYR HD2  H N N 372 
TYR HE1  H N N 373 
TYR HE2  H N N 374 
TYR HH   H N N 375 
TYR HXT  H N N 376 
VAL N    N N N 377 
VAL CA   C N S 378 
VAL C    C N N 379 
VAL O    O N N 380 
VAL CB   C N N 381 
VAL CG1  C N N 382 
VAL CG2  C N N 383 
VAL OXT  O N N 384 
VAL H    H N N 385 
VAL H2   H N N 386 
VAL HA   H N N 387 
VAL HB   H N N 388 
VAL HG11 H N N 389 
VAL HG12 H N N 390 
VAL HG13 H N N 391 
VAL HG21 H N N 392 
VAL HG22 H N N 393 
VAL HG23 H N N 394 
VAL HXT  H N N 395 
# 
loop_
_chem_comp_bond.comp_id 
_chem_comp_bond.atom_id_1 
_chem_comp_bond.atom_id_2 
_chem_comp_bond.value_order 
_chem_comp_bond.pdbx_aromatic_flag 
_chem_comp_bond.pdbx_stereo_config 
_chem_comp_bond.pdbx_ordinal 
ALA N   CA   sing N N 1   
ALA N   H    sing N N 2   
ALA N   H2   sing N N 3   
ALA CA  C    sing N N 4   
ALA CA  CB   sing N N 5   
ALA CA  HA   sing N N 6   
ALA C   O    doub N N 7   
ALA C   OXT  sing N N 8   
ALA CB  HB1  sing N N 9   
ALA CB  HB2  sing N N 10  
ALA CB  HB3  sing N N 11  
ALA OXT HXT  sing N N 12  
ARG N   CA   sing N N 13  
ARG N   H    sing N N 14  
ARG N   H2   sing N N 15  
ARG CA  C    sing N N 16  
ARG CA  CB   sing N N 17  
ARG CA  HA   sing N N 18  
ARG C   O    doub N N 19  
ARG C   OXT  sing N N 20  
ARG CB  CG   sing N N 21  
ARG CB  HB2  sing N N 22  
ARG CB  HB3  sing N N 23  
ARG CG  CD   sing N N 24  
ARG CG  HG2  sing N N 25  
ARG CG  HG3  sing N N 26  
ARG CD  NE   sing N N 27  
ARG CD  HD2  sing N N 28  
ARG CD  HD3  sing N N 29  
ARG NE  CZ   sing N N 30  
ARG NE  HE   sing N N 31  
ARG CZ  NH1  sing N N 32  
ARG CZ  NH2  doub N N 33  
ARG NH1 HH11 sing N N 34  
ARG NH1 HH12 sing N N 35  
ARG NH2 HH21 sing N N 36  
ARG NH2 HH22 sing N N 37  
ARG OXT HXT  sing N N 38  
ASN N   CA   sing N N 39  
ASN N   H    sing N N 40  
ASN N   H2   sing N N 41  
ASN CA  C    sing N N 42  
ASN CA  CB   sing N N 43  
ASN CA  HA   sing N N 44  
ASN C   O    doub N N 45  
ASN C   OXT  sing N N 46  
ASN CB  CG   sing N N 47  
ASN CB  HB2  sing N N 48  
ASN CB  HB3  sing N N 49  
ASN CG  OD1  doub N N 50  
ASN CG  ND2  sing N N 51  
ASN ND2 HD21 sing N N 52  
ASN ND2 HD22 sing N N 53  
ASN OXT HXT  sing N N 54  
ASP N   CA   sing N N 55  
ASP N   H    sing N N 56  
ASP N   H2   sing N N 57  
ASP CA  C    sing N N 58  
ASP CA  CB   sing N N 59  
ASP CA  HA   sing N N 60  
ASP C   O    doub N N 61  
ASP C   OXT  sing N N 62  
ASP CB  CG   sing N N 63  
ASP CB  HB2  sing N N 64  
ASP CB  HB3  sing N N 65  
ASP CG  OD1  doub N N 66  
ASP CG  OD2  sing N N 67  
ASP OD2 HD2  sing N N 68  
ASP OXT HXT  sing N N 69  
CYS N   CA   sing N N 70  
CYS N   H    sing N N 71  
CYS N   H2   sing N N 72  
CYS CA  C    sing N N 73  
CYS CA  CB   sing N N 74  
CYS CA  HA   sing N N 75  
CYS C   O    doub N N 76  
CYS C   OXT  sing N N 77  
CYS CB  SG   sing N N 78  
CYS CB  HB2  sing N N 79  
CYS CB  HB3  sing N N 80  
CYS SG  HG   sing N N 81  
CYS OXT HXT  sing N N 82  
GLN N   CA   sing N N 83  
GLN N   H    sing N N 84  
GLN N   H2   sing N N 85  
GLN CA  C    sing N N 86  
GLN CA  CB   sing N N 87  
GLN CA  HA   sing N N 88  
GLN C   O    doub N N 89  
GLN C   OXT  sing N N 90  
GLN CB  CG   sing N N 91  
GLN CB  HB2  sing N N 92  
GLN CB  HB3  sing N N 93  
GLN CG  CD   sing N N 94  
GLN CG  HG2  sing N N 95  
GLN CG  HG3  sing N N 96  
GLN CD  OE1  doub N N 97  
GLN CD  NE2  sing N N 98  
GLN NE2 HE21 sing N N 99  
GLN NE2 HE22 sing N N 100 
GLN OXT HXT  sing N N 101 
GLU N   CA   sing N N 102 
GLU N   H    sing N N 103 
GLU N   H2   sing N N 104 
GLU CA  C    sing N N 105 
GLU CA  CB   sing N N 106 
GLU CA  HA   sing N N 107 
GLU C   O    doub N N 108 
GLU C   OXT  sing N N 109 
GLU CB  CG   sing N N 110 
GLU CB  HB2  sing N N 111 
GLU CB  HB3  sing N N 112 
GLU CG  CD   sing N N 113 
GLU CG  HG2  sing N N 114 
GLU CG  HG3  sing N N 115 
GLU CD  OE1  doub N N 116 
GLU CD  OE2  sing N N 117 
GLU OE2 HE2  sing N N 118 
GLU OXT HXT  sing N N 119 
GLY N   CA   sing N N 120 
GLY N   H    sing N N 121 
GLY N   H2   sing N N 122 
GLY CA  C    sing N N 123 
GLY CA  HA2  sing N N 124 
GLY CA  HA3  sing N N 125 
GLY C   O    doub N N 126 
GLY C   OXT  sing N N 127 
GLY OXT HXT  sing N N 128 
HIS N   CA   sing N N 129 
HIS N   H    sing N N 130 
HIS N   H2   sing N N 131 
HIS CA  C    sing N N 132 
HIS CA  CB   sing N N 133 
HIS CA  HA   sing N N 134 
HIS C   O    doub N N 135 
HIS C   OXT  sing N N 136 
HIS CB  CG   sing N N 137 
HIS CB  HB2  sing N N 138 
HIS CB  HB3  sing N N 139 
HIS CG  ND1  sing Y N 140 
HIS CG  CD2  doub Y N 141 
HIS ND1 CE1  doub Y N 142 
HIS ND1 HD1  sing N N 143 
HIS CD2 NE2  sing Y N 144 
HIS CD2 HD2  sing N N 145 
HIS CE1 NE2  sing Y N 146 
HIS CE1 HE1  sing N N 147 
HIS NE2 HE2  sing N N 148 
HIS OXT HXT  sing N N 149 
HOH O   H1   sing N N 150 
HOH O   H2   sing N N 151 
ILE N   CA   sing N N 152 
ILE N   H    sing N N 153 
ILE N   H2   sing N N 154 
ILE CA  C    sing N N 155 
ILE CA  CB   sing N N 156 
ILE CA  HA   sing N N 157 
ILE C   O    doub N N 158 
ILE C   OXT  sing N N 159 
ILE CB  CG1  sing N N 160 
ILE CB  CG2  sing N N 161 
ILE CB  HB   sing N N 162 
ILE CG1 CD1  sing N N 163 
ILE CG1 HG12 sing N N 164 
ILE CG1 HG13 sing N N 165 
ILE CG2 HG21 sing N N 166 
ILE CG2 HG22 sing N N 167 
ILE CG2 HG23 sing N N 168 
ILE CD1 HD11 sing N N 169 
ILE CD1 HD12 sing N N 170 
ILE CD1 HD13 sing N N 171 
ILE OXT HXT  sing N N 172 
LEU N   CA   sing N N 173 
LEU N   H    sing N N 174 
LEU N   H2   sing N N 175 
LEU CA  C    sing N N 176 
LEU CA  CB   sing N N 177 
LEU CA  HA   sing N N 178 
LEU C   O    doub N N 179 
LEU C   OXT  sing N N 180 
LEU CB  CG   sing N N 181 
LEU CB  HB2  sing N N 182 
LEU CB  HB3  sing N N 183 
LEU CG  CD1  sing N N 184 
LEU CG  CD2  sing N N 185 
LEU CG  HG   sing N N 186 
LEU CD1 HD11 sing N N 187 
LEU CD1 HD12 sing N N 188 
LEU CD1 HD13 sing N N 189 
LEU CD2 HD21 sing N N 190 
LEU CD2 HD22 sing N N 191 
LEU CD2 HD23 sing N N 192 
LEU OXT HXT  sing N N 193 
LYS N   CA   sing N N 194 
LYS N   H    sing N N 195 
LYS N   H2   sing N N 196 
LYS CA  C    sing N N 197 
LYS CA  CB   sing N N 198 
LYS CA  HA   sing N N 199 
LYS C   O    doub N N 200 
LYS C   OXT  sing N N 201 
LYS CB  CG   sing N N 202 
LYS CB  HB2  sing N N 203 
LYS CB  HB3  sing N N 204 
LYS CG  CD   sing N N 205 
LYS CG  HG2  sing N N 206 
LYS CG  HG3  sing N N 207 
LYS CD  CE   sing N N 208 
LYS CD  HD2  sing N N 209 
LYS CD  HD3  sing N N 210 
LYS CE  NZ   sing N N 211 
LYS CE  HE2  sing N N 212 
LYS CE  HE3  sing N N 213 
LYS NZ  HZ1  sing N N 214 
LYS NZ  HZ2  sing N N 215 
LYS NZ  HZ3  sing N N 216 
LYS OXT HXT  sing N N 217 
MET N   CA   sing N N 218 
MET N   H    sing N N 219 
MET N   H2   sing N N 220 
MET CA  C    sing N N 221 
MET CA  CB   sing N N 222 
MET CA  HA   sing N N 223 
MET C   O    doub N N 224 
MET C   OXT  sing N N 225 
MET CB  CG   sing N N 226 
MET CB  HB2  sing N N 227 
MET CB  HB3  sing N N 228 
MET CG  SD   sing N N 229 
MET CG  HG2  sing N N 230 
MET CG  HG3  sing N N 231 
MET SD  CE   sing N N 232 
MET CE  HE1  sing N N 233 
MET CE  HE2  sing N N 234 
MET CE  HE3  sing N N 235 
MET OXT HXT  sing N N 236 
PHE N   CA   sing N N 237 
PHE N   H    sing N N 238 
PHE N   H2   sing N N 239 
PHE CA  C    sing N N 240 
PHE CA  CB   sing N N 241 
PHE CA  HA   sing N N 242 
PHE C   O    doub N N 243 
PHE C   OXT  sing N N 244 
PHE CB  CG   sing N N 245 
PHE CB  HB2  sing N N 246 
PHE CB  HB3  sing N N 247 
PHE CG  CD1  doub Y N 248 
PHE CG  CD2  sing Y N 249 
PHE CD1 CE1  sing Y N 250 
PHE CD1 HD1  sing N N 251 
PHE CD2 CE2  doub Y N 252 
PHE CD2 HD2  sing N N 253 
PHE CE1 CZ   doub Y N 254 
PHE CE1 HE1  sing N N 255 
PHE CE2 CZ   sing Y N 256 
PHE CE2 HE2  sing N N 257 
PHE CZ  HZ   sing N N 258 
PHE OXT HXT  sing N N 259 
PRO N   CA   sing N N 260 
PRO N   CD   sing N N 261 
PRO N   H    sing N N 262 
PRO CA  C    sing N N 263 
PRO CA  CB   sing N N 264 
PRO CA  HA   sing N N 265 
PRO C   O    doub N N 266 
PRO C   OXT  sing N N 267 
PRO CB  CG   sing N N 268 
PRO CB  HB2  sing N N 269 
PRO CB  HB3  sing N N 270 
PRO CG  CD   sing N N 271 
PRO CG  HG2  sing N N 272 
PRO CG  HG3  sing N N 273 
PRO CD  HD2  sing N N 274 
PRO CD  HD3  sing N N 275 
PRO OXT HXT  sing N N 276 
SER N   CA   sing N N 277 
SER N   H    sing N N 278 
SER N   H2   sing N N 279 
SER CA  C    sing N N 280 
SER CA  CB   sing N N 281 
SER CA  HA   sing N N 282 
SER C   O    doub N N 283 
SER C   OXT  sing N N 284 
SER CB  OG   sing N N 285 
SER CB  HB2  sing N N 286 
SER CB  HB3  sing N N 287 
SER OG  HG   sing N N 288 
SER OXT HXT  sing N N 289 
SO4 S   O1   doub N N 290 
SO4 S   O2   doub N N 291 
SO4 S   O3   sing N N 292 
SO4 S   O4   sing N N 293 
THR N   CA   sing N N 294 
THR N   H    sing N N 295 
THR N   H2   sing N N 296 
THR CA  C    sing N N 297 
THR CA  CB   sing N N 298 
THR CA  HA   sing N N 299 
THR C   O    doub N N 300 
THR C   OXT  sing N N 301 
THR CB  OG1  sing N N 302 
THR CB  CG2  sing N N 303 
THR CB  HB   sing N N 304 
THR OG1 HG1  sing N N 305 
THR CG2 HG21 sing N N 306 
THR CG2 HG22 sing N N 307 
THR CG2 HG23 sing N N 308 
THR OXT HXT  sing N N 309 
TRP N   CA   sing N N 310 
TRP N   H    sing N N 311 
TRP N   H2   sing N N 312 
TRP CA  C    sing N N 313 
TRP CA  CB   sing N N 314 
TRP CA  HA   sing N N 315 
TRP C   O    doub N N 316 
TRP C   OXT  sing N N 317 
TRP CB  CG   sing N N 318 
TRP CB  HB2  sing N N 319 
TRP CB  HB3  sing N N 320 
TRP CG  CD1  doub Y N 321 
TRP CG  CD2  sing Y N 322 
TRP CD1 NE1  sing Y N 323 
TRP CD1 HD1  sing N N 324 
TRP CD2 CE2  doub Y N 325 
TRP CD2 CE3  sing Y N 326 
TRP NE1 CE2  sing Y N 327 
TRP NE1 HE1  sing N N 328 
TRP CE2 CZ2  sing Y N 329 
TRP CE3 CZ3  doub Y N 330 
TRP CE3 HE3  sing N N 331 
TRP CZ2 CH2  doub Y N 332 
TRP CZ2 HZ2  sing N N 333 
TRP CZ3 CH2  sing Y N 334 
TRP CZ3 HZ3  sing N N 335 
TRP CH2 HH2  sing N N 336 
TRP OXT HXT  sing N N 337 
TYR N   CA   sing N N 338 
TYR N   H    sing N N 339 
TYR N   H2   sing N N 340 
TYR CA  C    sing N N 341 
TYR CA  CB   sing N N 342 
TYR CA  HA   sing N N 343 
TYR C   O    doub N N 344 
TYR C   OXT  sing N N 345 
TYR CB  CG   sing N N 346 
TYR CB  HB2  sing N N 347 
TYR CB  HB3  sing N N 348 
TYR CG  CD1  doub Y N 349 
TYR CG  CD2  sing Y N 350 
TYR CD1 CE1  sing Y N 351 
TYR CD1 HD1  sing N N 352 
TYR CD2 CE2  doub Y N 353 
TYR CD2 HD2  sing N N 354 
TYR CE1 CZ   doub Y N 355 
TYR CE1 HE1  sing N N 356 
TYR CE2 CZ   sing Y N 357 
TYR CE2 HE2  sing N N 358 
TYR CZ  OH   sing N N 359 
TYR OH  HH   sing N N 360 
TYR OXT HXT  sing N N 361 
VAL N   CA   sing N N 362 
VAL N   H    sing N N 363 
VAL N   H2   sing N N 364 
VAL CA  C    sing N N 365 
VAL CA  CB   sing N N 366 
VAL CA  HA   sing N N 367 
VAL C   O    doub N N 368 
VAL C   OXT  sing N N 369 
VAL CB  CG1  sing N N 370 
VAL CB  CG2  sing N N 371 
VAL CB  HB   sing N N 372 
VAL CG1 HG11 sing N N 373 
VAL CG1 HG12 sing N N 374 
VAL CG1 HG13 sing N N 375 
VAL CG2 HG21 sing N N 376 
VAL CG2 HG22 sing N N 377 
VAL CG2 HG23 sing N N 378 
VAL OXT HXT  sing N N 379 
# 
_pdbx_initial_refinement_model.id               1 
_pdbx_initial_refinement_model.entity_id_list   ? 
_pdbx_initial_refinement_model.type             'experimental model' 
_pdbx_initial_refinement_model.source_name      PDB 
_pdbx_initial_refinement_model.accession_code   5LSK 
_pdbx_initial_refinement_model.details          ? 
# 
_atom_sites.entry_id                    5LSI 
_atom_sites.fract_transf_matrix[1][1]   -0.01857081 
_atom_sites.fract_transf_matrix[1][2]   0.00523657 
_atom_sites.fract_transf_matrix[1][3]   0.00159922 
_atom_sites.fract_transf_matrix[2][1]   -0.00465384 
_atom_sites.fract_transf_matrix[2][2]   0.01869109 
_atom_sites.fract_transf_matrix[2][3]   0.00195789 
_atom_sites.fract_transf_matrix[3][1]   -0.00073472 
_atom_sites.fract_transf_matrix[3][2]   0.00108186 
_atom_sites.fract_transf_matrix[3][3]   -0.01207439 
_atom_sites.fract_transf_vector[1]      0.390429 
_atom_sites.fract_transf_vector[2]      -0.244608 
_atom_sites.fract_transf_vector[3]      -0.202494 
# 
loop_
_atom_type.symbol 
C 
N 
O 
S 
# 
loop_
_atom_site.group_PDB 
_atom_site.id 
_atom_site.type_symbol 
_atom_site.label_atom_id 
_atom_site.label_alt_id 
_atom_site.label_comp_id 
_atom_site.label_asym_id 
_atom_site.label_entity_id 
_atom_site.label_seq_id 
_atom_site.pdbx_PDB_ins_code 
_atom_site.Cartn_x 
_atom_site.Cartn_y 
_atom_site.Cartn_z 
_atom_site.occupancy 
_atom_site.B_iso_or_equiv 
_atom_site.pdbx_formal_charge 
_atom_site.auth_seq_id 
_atom_site.auth_comp_id 
_atom_site.auth_asym_id 
_atom_site.auth_atom_id 
_atom_site.pdbx_PDB_model_num 
ATOM   1    N N   . GLY A 1 50  ? 7.485   7.095   12.185  1.00 53.46 ? 116 GLY D N   1 
ATOM   2    C CA  . GLY A 1 50  ? 6.215   7.728   11.876  1.00 50.13 ? 116 GLY D CA  1 
ATOM   3    C C   . GLY A 1 50  ? 5.373   6.915   10.914  1.00 47.50 ? 116 GLY D C   1 
ATOM   4    O O   . GLY A 1 50  ? 4.640   6.013   11.322  1.00 46.64 ? 116 GLY D O   1 
ATOM   5    N N   . ILE A 1 51  ? 5.474   7.238   9.625   1.00 43.95 ? 117 ILE D N   1 
ATOM   6    C CA  . ILE A 1 51  ? 4.734   6.484   8.616   1.00 39.77 ? 117 ILE D CA  1 
ATOM   7    C C   . ILE A 1 51  ? 5.401   5.145   8.318   1.00 34.78 ? 117 ILE D C   1 
ATOM   8    O O   . ILE A 1 51  ? 4.735   4.224   7.829   1.00 32.25 ? 117 ILE D O   1 
ATOM   9    C CB  . ILE A 1 51  ? 4.570   7.338   7.345   1.00 41.68 ? 117 ILE D CB  1 
ATOM   10   C CG1 . ILE A 1 51  ? 3.111   7.344   6.878   1.00 41.21 ? 117 ILE D CG1 1 
ATOM   11   C CG2 . ILE A 1 51  ? 5.493   6.863   6.236   1.00 42.38 ? 117 ILE D CG2 1 
ATOM   12   C CD1 . ILE A 1 51  ? 2.611   6.013   6.373   1.00 37.46 ? 117 ILE D CD1 1 
ATOM   13   N N   . THR A 1 52  ? 6.696   5.005   8.623   1.00 34.70 ? 118 THR D N   1 
ATOM   14   C CA  . THR A 1 52  ? 7.412   3.744   8.453   1.00 31.64 ? 118 THR D CA  1 
ATOM   15   C C   . THR A 1 52  ? 7.020   2.693   9.484   1.00 35.63 ? 118 THR D C   1 
ATOM   16   O O   . THR A 1 52  ? 7.580   1.588   9.457   1.00 31.75 ? 118 THR D O   1 
ATOM   17   C CB  . THR A 1 52  ? 8.921   3.981   8.522   1.00 38.31 ? 118 THR D CB  1 
ATOM   18   O OG1 . THR A 1 52  ? 9.232   4.749   9.694   1.00 40.40 ? 118 THR D OG1 1 
ATOM   19   C CG2 . THR A 1 52  ? 9.402   4.726   7.284   1.00 34.42 ? 118 THR D CG2 1 
ATOM   20   N N   . GLU A 1 53  ? 6.095   3.004   10.396  1.00 29.71 ? 119 GLU D N   1 
ATOM   21   C CA  . GLU A 1 53  ? 5.563   1.975   11.281  1.00 30.94 ? 119 GLU D CA  1 
ATOM   22   C C   . GLU A 1 53  ? 4.846   0.887   10.498  1.00 29.46 ? 119 GLU D C   1 
ATOM   23   O O   . GLU A 1 53  ? 4.723   -0.245  10.981  1.00 30.18 ? 119 GLU D O   1 
ATOM   24   C CB  . GLU A 1 53  ? 4.600   2.589   12.299  1.00 38.55 ? 119 GLU D CB  1 
ATOM   25   C CG  . GLU A 1 53  ? 5.251   3.294   13.470  1.00 43.69 ? 119 GLU D CG  1 
ATOM   26   C CD  . GLU A 1 53  ? 4.234   3.723   14.517  1.00 53.12 ? 119 GLU D CD  1 
ATOM   27   O OE1 . GLU A 1 53  ? 3.168   3.074   14.617  1.00 47.86 ? 119 GLU D OE1 1 
ATOM   28   O OE2 . GLU A 1 53  ? 4.496   4.710   15.238  1.00 57.11 ? 119 GLU D OE2 1 
ATOM   29   N N   . LEU A 1 54  ? 4.362   1.207   9.295   1.00 27.90 ? 120 LEU D N   1 
ATOM   30   C CA  . LEU A 1 54  ? 3.575   0.243   8.535   1.00 26.04 ? 120 LEU D CA  1 
ATOM   31   C C   . LEU A 1 54  ? 4.398   -0.991  8.187   1.00 24.06 ? 120 LEU D C   1 
ATOM   32   O O   . LEU A 1 54  ? 3.965   -2.123  8.423   1.00 23.67 ? 120 LEU D O   1 
ATOM   33   C CB  . LEU A 1 54  ? 3.013   0.894   7.271   1.00 26.57 ? 120 LEU D CB  1 
ATOM   34   C CG  . LEU A 1 54  ? 1.945   1.971   7.476   1.00 29.76 ? 120 LEU D CG  1 
ATOM   35   C CD1 . LEU A 1 54  ? 1.236   2.245   6.167   1.00 26.43 ? 120 LEU D CD1 1 
ATOM   36   C CD2 . LEU A 1 54  ? 0.944   1.556   8.541   1.00 31.99 ? 120 LEU D CD2 1 
ATOM   37   N N   . SER A 1 55  ? 5.591   -0.795  7.618   1.00 25.82 ? 121 SER D N   1 
ATOM   38   C CA  . SER A 1 55  ? 6.422   -1.941  7.265   1.00 22.95 ? 121 SER D CA  1 
ATOM   39   C C   . SER A 1 55  ? 7.121   -2.530  8.481   1.00 23.27 ? 121 SER D C   1 
ATOM   40   O O   . SER A 1 55  ? 7.417   -3.730  8.499   1.00 22.16 ? 121 SER D O   1 
ATOM   41   C CB  . SER A 1 55  ? 7.449   -1.556  6.198   1.00 21.66 ? 121 SER D CB  1 
ATOM   42   O OG  . SER A 1 55  ? 8.279   -0.493  6.629   1.00 23.79 ? 121 SER D OG  1 
ATOM   43   N N   . ARG A 1 56  ? 7.390   -1.717  9.502   1.00 25.79 ? 122 ARG D N   1 
ATOM   44   C CA  . ARG A 1 56  ? 7.938   -2.266  10.738  1.00 24.79 ? 122 ARG D CA  1 
ATOM   45   C C   . ARG A 1 56  ? 6.968   -3.248  11.385  1.00 25.37 ? 122 ARG D C   1 
ATOM   46   O O   . ARG A 1 56  ? 7.395   -4.178  12.077  1.00 24.88 ? 122 ARG D O   1 
ATOM   47   C CB  . ARG A 1 56  ? 8.294   -1.133  11.704  1.00 25.88 ? 122 ARG D CB  1 
ATOM   48   C CG  . ARG A 1 56  ? 8.998   -1.589  12.975  1.00 31.98 ? 122 ARG D CG  1 
ATOM   49   C CD  . ARG A 1 56  ? 9.606   -0.411  13.735  1.00 36.26 ? 122 ARG D CD  1 
ATOM   50   N NE  . ARG A 1 56  ? 10.914  -0.030  13.209  1.00 40.42 ? 122 ARG D NE  1 
ATOM   51   C CZ  . ARG A 1 56  ? 12.075  -0.417  13.733  1.00 42.32 ? 122 ARG D CZ  1 
ATOM   52   N NH1 . ARG A 1 56  ? 12.095  -1.193  14.809  1.00 42.80 ? 122 ARG D NH1 1 
ATOM   53   N NH2 . ARG A 1 56  ? 13.218  -0.023  13.187  1.00 41.05 ? 122 ARG D NH2 1 
ATOM   54   N N   . SER A 1 57  ? 5.668   -3.084  11.146  1.00 23.92 ? 123 SER D N   1 
ATOM   55   C CA  . SER A 1 57  ? 4.662   -3.938  11.766  1.00 25.94 ? 123 SER D CA  1 
ATOM   56   C C   . SER A 1 57  ? 4.341   -5.190  10.959  1.00 25.80 ? 123 SER D C   1 
ATOM   57   O O   . SER A 1 57  ? 3.431   -5.934  11.339  1.00 26.16 ? 123 SER D O   1 
ATOM   58   C CB  . SER A 1 57  ? 3.370   -3.153  11.996  1.00 26.33 ? 123 SER D CB  1 
ATOM   59   O OG  . SER A 1 57  ? 2.593   -3.129  10.815  1.00 29.54 ? 123 SER D OG  1 
ATOM   60   N N   . ILE A 1 58  ? 5.045   -5.442  9.858   1.00 26.18 ? 124 ILE D N   1 
ATOM   61   C CA  . ILE A 1 58  ? 4.811   -6.616  9.024   1.00 21.99 ? 124 ILE D CA  1 
ATOM   62   C C   . ILE A 1 58  ? 5.963   -7.586  9.237   1.00 23.03 ? 124 ILE D C   1 
ATOM   63   O O   . ILE A 1 58  ? 7.133   -7.207  9.104   1.00 24.83 ? 124 ILE D O   1 
ATOM   64   C CB  . ILE A 1 58  ? 4.654   -6.233  7.541   1.00 26.95 ? 124 ILE D CB  1 
ATOM   65   C CG1 . ILE A 1 58  ? 3.445   -5.309  7.364   1.00 21.29 ? 124 ILE D CG1 1 
ATOM   66   C CG2 . ILE A 1 58  ? 4.484   -7.474  6.681   1.00 21.54 ? 124 ILE D CG2 1 
ATOM   67   C CD1 . ILE A 1 58  ? 3.336   -4.688  5.985   1.00 25.21 ? 124 ILE D CD1 1 
ATOM   68   N N   . SER A 1 59  ? 5.631   -8.828  9.583   1.00 25.43 ? 125 SER D N   1 
ATOM   69   C CA  . SER A 1 59  ? 6.637   -9.800  9.994   1.00 28.24 ? 125 SER D CA  1 
ATOM   70   C C   . SER A 1 59  ? 7.712   -9.971  8.928   1.00 28.95 ? 125 SER D C   1 
ATOM   71   O O   . SER A 1 59  ? 7.420   -10.066 7.734   1.00 27.63 ? 125 SER D O   1 
ATOM   72   C CB  . SER A 1 59  ? 5.971   -11.146 10.286  1.00 31.00 ? 125 SER D CB  1 
ATOM   73   O OG  . SER A 1 59  ? 6.936   -12.157 10.505  1.00 33.08 ? 125 SER D OG  1 
ATOM   74   N N   . VAL A 1 60  ? 8.976   -9.993  9.367   1.00 29.60 ? 126 VAL D N   1 
ATOM   75   C CA  . VAL A 1 60  ? 10.078  -10.260 8.446   1.00 27.28 ? 126 VAL D CA  1 
ATOM   76   C C   . VAL A 1 60  ? 10.316  -11.746 8.251   1.00 30.35 ? 126 VAL D C   1 
ATOM   77   O O   . VAL A 1 60  ? 11.171  -12.126 7.439   1.00 35.17 ? 126 VAL D O   1 
ATOM   78   C CB  . VAL A 1 60  ? 11.386  -9.592  8.912   1.00 27.77 ? 126 VAL D CB  1 
ATOM   79   C CG1 . VAL A 1 60  ? 11.230  -8.087  8.912   1.00 30.04 ? 126 VAL D CG1 1 
ATOM   80   C CG2 . VAL A 1 60  ? 11.782  -10.100 10.290  1.00 30.99 ? 126 VAL D CG2 1 
ATOM   81   N N   . ASP A 1 61  ? 9.591   -12.599 8.968   1.00 28.62 ? 127 ASP D N   1 
ATOM   82   C CA  . ASP A 1 61  ? 9.621   -14.030 8.699   1.00 30.20 ? 127 ASP D CA  1 
ATOM   83   C C   . ASP A 1 61  ? 8.794   -14.405 7.478   1.00 35.73 ? 127 ASP D C   1 
ATOM   84   O O   . ASP A 1 61  ? 8.806   -15.573 7.072   1.00 34.44 ? 127 ASP D O   1 
ATOM   85   C CB  . ASP A 1 61  ? 9.130   -14.812 9.919   1.00 36.41 ? 127 ASP D CB  1 
ATOM   86   C CG  . ASP A 1 61  ? 9.992   -14.574 11.146  1.00 45.36 ? 127 ASP D CG  1 
ATOM   87   O OD1 . ASP A 1 61  ? 11.188  -14.239 10.983  1.00 42.17 ? 127 ASP D OD1 1 
ATOM   88   O OD2 . ASP A 1 61  ? 9.474   -14.722 12.274  1.00 52.69 ? 127 ASP D OD2 1 
ATOM   89   N N   . LEU A 1 62  ? 8.081   -13.449 6.894   1.00 34.66 ? 128 LEU D N   1 
ATOM   90   C CA  . LEU A 1 62  ? 7.336   -13.665 5.666   1.00 35.36 ? 128 LEU D CA  1 
ATOM   91   C C   . LEU A 1 62  ? 8.206   -13.336 4.461   1.00 32.69 ? 128 LEU D C   1 
ATOM   92   O O   . LEU A 1 62  ? 9.067   -12.451 4.513   1.00 31.61 ? 128 LEU D O   1 
ATOM   93   C CB  . LEU A 1 62  ? 6.074   -12.801 5.639   1.00 34.08 ? 128 LEU D CB  1 
ATOM   94   C CG  . LEU A 1 62  ? 5.064   -12.985 6.771   1.00 37.79 ? 128 LEU D CG  1 
ATOM   95   C CD1 . LEU A 1 62  ? 4.035   -11.866 6.744   1.00 39.55 ? 128 LEU D CD1 1 
ATOM   96   C CD2 . LEU A 1 62  ? 4.386   -14.344 6.673   1.00 45.29 ? 128 LEU D CD2 1 
ATOM   97   N N   . ALA A 1 63  ? 7.970   -14.059 3.367   1.00 37.69 ? 129 ALA D N   1 
ATOM   98   C CA  . ALA A 1 63  ? 8.623   -13.736 2.108   1.00 28.52 ? 129 ALA D CA  1 
ATOM   99   C C   . ALA A 1 63  ? 8.346   -12.284 1.740   1.00 30.81 ? 129 ALA D C   1 
ATOM   100  O O   . ALA A 1 63  ? 7.262   -11.756 2.007   1.00 30.06 ? 129 ALA D O   1 
ATOM   101  C CB  . ALA A 1 63  ? 8.132   -14.669 0.999   1.00 32.55 ? 129 ALA D CB  1 
ATOM   102  N N   . GLU A 1 64  ? 9.339   -11.635 1.130   1.00 27.60 ? 130 GLU D N   1 
ATOM   103  C CA  . GLU A 1 64  ? 9.237   -10.198 0.905   1.00 29.14 ? 130 GLU D CA  1 
ATOM   104  C C   . GLU A 1 64  ? 8.083   -9.853  -0.031  1.00 30.79 ? 130 GLU D C   1 
ATOM   105  O O   . GLU A 1 64  ? 7.458   -8.796  0.125   1.00 26.71 ? 130 GLU D O   1 
ATOM   106  C CB  . GLU A 1 64  ? 10.568  -9.662  0.373   1.00 32.46 ? 130 GLU D CB  1 
ATOM   107  C CG  . GLU A 1 64  ? 10.800  -8.181  0.651   1.00 34.32 ? 130 GLU D CG  1 
ATOM   108  C CD  . GLU A 1 64  ? 11.240  -7.902  2.085   1.00 27.48 ? 130 GLU D CD  1 
ATOM   109  O OE1 . GLU A 1 64  ? 11.580  -6.741  2.382   1.00 31.89 ? 130 GLU D OE1 1 
ATOM   110  O OE2 . GLU A 1 64  ? 11.245  -8.837  2.916   1.00 35.86 ? 130 GLU D OE2 1 
ATOM   111  N N   . SER A 1 65  ? 7.756   -10.737 -0.976  1.00 30.33 ? 131 SER D N   1 
ATOM   112  C CA  . SER A 1 65  ? 6.602   -10.498 -1.840  1.00 32.55 ? 131 SER D CA  1 
ATOM   113  C C   . SER A 1 65  ? 5.296   -10.561 -1.053  1.00 29.31 ? 131 SER D C   1 
ATOM   114  O O   . SER A 1 65  ? 4.349   -9.824  -1.354  1.00 30.80 ? 131 SER D O   1 
ATOM   115  C CB  . SER A 1 65  ? 6.585   -11.507 -2.987  1.00 29.90 ? 131 SER D CB  1 
ATOM   116  O OG  . SER A 1 65  ? 6.515   -12.834 -2.490  1.00 35.77 ? 131 SER D OG  1 
ATOM   117  N N   . LYS A 1 66  ? 5.219   -11.441 -0.052  1.00 30.64 ? 132 LYS D N   1 
ATOM   118  C CA  . LYS A 1 66  ? 4.054   -11.451 0.829   1.00 27.92 ? 132 LYS D CA  1 
ATOM   119  C C   . LYS A 1 66  ? 3.983   -10.176 1.662   1.00 25.91 ? 132 LYS D C   1 
ATOM   120  O O   . LYS A 1 66  ? 2.892   -9.649  1.910   1.00 25.50 ? 132 LYS D O   1 
ATOM   121  C CB  . LYS A 1 66  ? 4.087   -12.675 1.742   1.00 33.17 ? 132 LYS D CB  1 
ATOM   122  C CG  . LYS A 1 66  ? 4.053   -14.010 1.018   1.00 38.49 ? 132 LYS D CG  1 
ATOM   123  C CD  . LYS A 1 66  ? 3.675   -15.129 1.979   1.00 45.68 ? 132 LYS D CD  1 
ATOM   124  C CE  . LYS A 1 66  ? 4.069   -16.497 1.440   1.00 50.96 ? 132 LYS D CE  1 
ATOM   125  N NZ  . LYS A 1 66  ? 3.471   -16.767 0.105   1.00 51.77 ? 132 LYS D NZ  1 
ATOM   126  N N   . ARG A 1 67  ? 5.137   -9.674  2.116   1.00 24.12 ? 133 ARG D N   1 
ATOM   127  C CA  . ARG A 1 67  ? 5.155   -8.440  2.898   1.00 26.59 ? 133 ARG D CA  1 
ATOM   128  C C   . ARG A 1 67  ? 4.664   -7.261  2.070   1.00 22.19 ? 133 ARG D C   1 
ATOM   129  O O   . ARG A 1 67  ? 3.996   -6.359  2.592   1.00 21.87 ? 133 ARG D O   1 
ATOM   130  C CB  . ARG A 1 67  ? 6.565   -8.167  3.431   1.00 25.85 ? 133 ARG D CB  1 
ATOM   131  C CG  . ARG A 1 67  ? 7.119   -9.257  4.343   1.00 26.91 ? 133 ARG D CG  1 
ATOM   132  C CD  . ARG A 1 67  ? 8.461   -8.860  4.953   1.00 26.14 ? 133 ARG D CD  1 
ATOM   133  N NE  . ARG A 1 67  ? 8.323   -7.800  5.952   1.00 23.66 ? 133 ARG D NE  1 
ATOM   134  C CZ  . ARG A 1 67  ? 8.908   -6.609  5.879   1.00 25.42 ? 133 ARG D CZ  1 
ATOM   135  N NH1 . ARG A 1 67  ? 9.693   -6.310  4.850   1.00 24.86 ? 133 ARG D NH1 1 
ATOM   136  N NH2 . ARG A 1 67  ? 8.717   -5.717  6.841   1.00 22.61 ? 133 ARG D NH2 1 
ATOM   137  N N   . LEU A 1 68  ? 4.988   -7.248  0.776   1.00 24.17 ? 134 LEU D N   1 
ATOM   138  C CA  . LEU A 1 68  ? 4.478   -6.195  -0.096  1.00 24.23 ? 134 LEU D CA  1 
ATOM   139  C C   . LEU A 1 68  ? 2.962   -6.272  -0.217  1.00 22.25 ? 134 LEU D C   1 
ATOM   140  O O   . LEU A 1 68  ? 2.277   -5.245  -0.165  1.00 24.25 ? 134 LEU D O   1 
ATOM   141  C CB  . LEU A 1 68  ? 5.133   -6.285  -1.474  1.00 26.12 ? 134 LEU D CB  1 
ATOM   142  C CG  . LEU A 1 68  ? 4.701   -5.205  -2.464  1.00 26.21 ? 134 LEU D CG  1 
ATOM   143  C CD1 . LEU A 1 68  ? 4.961   -3.827  -1.883  1.00 25.31 ? 134 LEU D CD1 1 
ATOM   144  C CD2 . LEU A 1 68  ? 5.420   -5.374  -3.795  1.00 32.58 ? 134 LEU D CD2 1 
ATOM   145  N N   . GLY A 1 69  ? 2.419   -7.481  -0.376  1.00 23.22 ? 135 GLY D N   1 
ATOM   146  C CA  . GLY A 1 69  ? 0.973   -7.634  -0.376  1.00 19.68 ? 135 GLY D CA  1 
ATOM   147  C C   . GLY A 1 69  ? 0.336   -7.116  0.899   1.00 24.17 ? 135 GLY D C   1 
ATOM   148  O O   . GLY A 1 69  ? -0.685  -6.425  0.857   1.00 23.37 ? 135 GLY D O   1 
ATOM   149  N N   . CYS A 1 70  ? 0.934   -7.436  2.052   1.00 23.52 ? 136 CYS D N   1 
ATOM   150  C CA  . CYS A 1 70  ? 0.438   -6.902  3.318   1.00 22.78 ? 136 CYS D CA  1 
ATOM   151  C C   . CYS A 1 70  ? 0.538   -5.384  3.354   1.00 21.33 ? 136 CYS D C   1 
ATOM   152  O O   . CYS A 1 70  ? -0.395  -4.704  3.798   1.00 22.64 ? 136 CYS D O   1 
ATOM   153  C CB  . CYS A 1 70  ? 1.214   -7.507  4.488   1.00 25.89 ? 136 CYS D CB  1 
ATOM   154  S SG  . CYS A 1 70  ? 0.973   -9.274  4.693   1.00 32.40 ? 136 CYS D SG  1 
ATOM   155  N N   . LEU A 1 71  ? 1.667   -4.836  2.896   1.00 21.53 ? 137 LEU D N   1 
ATOM   156  C CA  . LEU A 1 71  ? 1.847   -3.386  2.909   1.00 20.93 ? 137 LEU D CA  1 
ATOM   157  C C   . LEU A 1 71  ? 0.779   -2.683  2.080   1.00 20.79 ? 137 LEU D C   1 
ATOM   158  O O   . LEU A 1 71  ? 0.343   -1.580  2.427   1.00 21.62 ? 137 LEU D O   1 
ATOM   159  C CB  . LEU A 1 71  ? 3.243   -3.026  2.396   1.00 18.67 ? 137 LEU D CB  1 
ATOM   160  C CG  . LEU A 1 71  ? 3.504   -1.523  2.262   1.00 18.84 ? 137 LEU D CG  1 
ATOM   161  C CD1 . LEU A 1 71  ? 3.416   -0.847  3.631   1.00 21.26 ? 137 LEU D CD1 1 
ATOM   162  C CD2 . LEU A 1 71  ? 4.845   -1.266  1.617   1.00 21.51 ? 137 LEU D CD2 1 
ATOM   163  N N   . LEU A 1 72  ? 0.349   -3.302  0.975   1.00 24.22 ? 138 LEU D N   1 
ATOM   164  C CA  . LEU A 1 72  ? -0.718  -2.712  0.173   1.00 20.29 ? 138 LEU D CA  1 
ATOM   165  C C   . LEU A 1 72  ? -1.993  -2.549  0.990   1.00 23.06 ? 138 LEU D C   1 
ATOM   166  O O   . LEU A 1 72  ? -2.661  -1.511  0.912   1.00 23.69 ? 138 LEU D O   1 
ATOM   167  C CB  . LEU A 1 72  ? -0.986  -3.571  -1.064  1.00 24.74 ? 138 LEU D CB  1 
ATOM   168  C CG  . LEU A 1 72  ? 0.121   -3.637  -2.117  1.00 27.40 ? 138 LEU D CG  1 
ATOM   169  C CD1 . LEU A 1 72  ? -0.254  -4.608  -3.225  1.00 29.19 ? 138 LEU D CD1 1 
ATOM   170  C CD2 . LEU A 1 72  ? 0.395   -2.254  -2.687  1.00 21.58 ? 138 LEU D CD2 1 
ATOM   171  N N   . LEU A 1 73  ? -2.341  -3.559  1.788   1.00 23.11 ? 139 LEU D N   1 
ATOM   172  C CA  . LEU A 1 73  ? -3.573  -3.487  2.569   1.00 26.07 ? 139 LEU D CA  1 
ATOM   173  C C   . LEU A 1 73  ? -3.442  -2.506  3.728   1.00 29.35 ? 139 LEU D C   1 
ATOM   174  O O   . LEU A 1 73  ? -4.372  -1.738  4.003   1.00 29.16 ? 139 LEU D O   1 
ATOM   175  C CB  . LEU A 1 73  ? -3.949  -4.872  3.089   1.00 29.55 ? 139 LEU D CB  1 
ATOM   176  C CG  . LEU A 1 73  ? -5.248  -4.871  3.892   1.00 37.84 ? 139 LEU D CG  1 
ATOM   177  C CD1 . LEU A 1 73  ? -6.451  -4.931  2.957   1.00 35.96 ? 139 LEU D CD1 1 
ATOM   178  C CD2 . LEU A 1 73  ? -5.269  -6.004  4.911   1.00 46.98 ? 139 LEU D CD2 1 
ATOM   179  N N   . SER A 1 74  ? -2.305  -2.526  4.427   1.00 25.76 ? 140 SER D N   1 
ATOM   180  C CA  . SER A 1 74  ? -2.094  -1.584  5.522   1.00 25.37 ? 140 SER D CA  1 
ATOM   181  C C   . SER A 1 74  ? -2.163  -0.145  5.030   1.00 24.25 ? 140 SER D C   1 
ATOM   182  O O   . SER A 1 74  ? -2.759  0.716   5.687   1.00 25.28 ? 140 SER D O   1 
ATOM   183  C CB  . SER A 1 74  ? -0.744  -1.851  6.192   1.00 24.40 ? 140 SER D CB  1 
ATOM   184  O OG  . SER A 1 74  ? -0.684  -3.171  6.695   1.00 30.97 ? 140 SER D OG  1 
ATOM   185  N N   . SER A 1 75  ? -1.559  0.134   3.874   1.00 25.27 ? 141 SER D N   1 
ATOM   186  C CA  . SER A 1 75  ? -1.601  1.484   3.321   1.00 22.11 ? 141 SER D CA  1 
ATOM   187  C C   . SER A 1 75  ? -3.024  1.888   2.960   1.00 24.28 ? 141 SER D C   1 
ATOM   188  O O   . SER A 1 75  ? -3.431  3.035   3.189   1.00 24.46 ? 141 SER D O   1 
ATOM   189  C CB  . SER A 1 75  ? -0.693  1.575   2.099   1.00 23.07 ? 141 SER D CB  1 
ATOM   190  O OG  . SER A 1 75  ? 0.630   1.187   2.430   1.00 22.72 ? 141 SER D OG  1 
ATOM   191  N N   . PHE A 1 76  ? -3.794  0.966   2.383   1.00 23.93 ? 142 PHE D N   1 
ATOM   192  C CA  . PHE A 1 76  ? -5.192  1.257   2.092   1.00 24.97 ? 142 PHE D CA  1 
ATOM   193  C C   . PHE A 1 76  ? -5.946  1.606   3.369   1.00 26.84 ? 142 PHE D C   1 
ATOM   194  O O   . PHE A 1 76  ? -6.622  2.638   3.446   1.00 29.01 ? 142 PHE D O   1 
ATOM   195  C CB  . PHE A 1 76  ? -5.836  0.062   1.392   1.00 25.12 ? 142 PHE D CB  1 
ATOM   196  C CG  . PHE A 1 76  ? -7.205  0.342   0.849   1.00 25.01 ? 142 PHE D CG  1 
ATOM   197  C CD1 . PHE A 1 76  ? -8.318  -0.291  1.375   1.00 27.21 ? 142 PHE D CD1 1 
ATOM   198  C CD2 . PHE A 1 76  ? -7.380  1.242   -0.187  1.00 26.66 ? 142 PHE D CD2 1 
ATOM   199  C CE1 . PHE A 1 76  ? -9.579  -0.033  0.874   1.00 24.93 ? 142 PHE D CE1 1 
ATOM   200  C CE2 . PHE A 1 76  ? -8.638  1.502   -0.690  1.00 26.75 ? 142 PHE D CE2 1 
ATOM   201  C CZ  . PHE A 1 76  ? -9.738  0.864   -0.158  1.00 26.63 ? 142 PHE D CZ  1 
ATOM   202  N N   . GLN A 1 77  ? -5.818  0.760   4.395   1.00 24.50 ? 143 GLN D N   1 
ATOM   203  C CA  . GLN A 1 77  ? -6.481  1.023   5.669   1.00 28.18 ? 143 GLN D CA  1 
ATOM   204  C C   . GLN A 1 77  ? -5.966  2.309   6.305   1.00 26.49 ? 143 GLN D C   1 
ATOM   205  O O   . GLN A 1 77  ? -6.730  3.046   6.941   1.00 30.07 ? 143 GLN D O   1 
ATOM   206  C CB  . GLN A 1 77  ? -6.285  -0.168  6.610   1.00 28.41 ? 143 GLN D CB  1 
ATOM   207  C CG  . GLN A 1 77  ? -6.972  -1.439  6.123   1.00 32.85 ? 143 GLN D CG  1 
ATOM   208  C CD  . GLN A 1 77  ? -6.430  -2.699  6.778   1.00 43.36 ? 143 GLN D CD  1 
ATOM   209  O OE1 . GLN A 1 77  ? -5.282  -2.741  7.220   1.00 41.37 ? 143 GLN D OE1 1 
ATOM   210  N NE2 . GLN A 1 77  ? -7.259  -3.737  6.841   1.00 46.84 ? 143 GLN D NE2 1 
ATOM   211  N N   . PHE A 1 78  ? -4.673  2.599   6.142   1.00 23.92 ? 144 PHE D N   1 
ATOM   212  C CA  . PHE A 1 78  ? -4.120  3.841   6.673   1.00 26.85 ? 144 PHE D CA  1 
ATOM   213  C C   . PHE A 1 78  ? -4.793  5.058   6.043   1.00 27.14 ? 144 PHE D C   1 
ATOM   214  O O   . PHE A 1 78  ? -5.209  5.985   6.747   1.00 26.47 ? 144 PHE D O   1 
ATOM   215  C CB  . PHE A 1 78  ? -2.609  3.876   6.450   1.00 26.84 ? 144 PHE D CB  1 
ATOM   216  C CG  . PHE A 1 78  ? -1.940  5.084   7.035   1.00 29.18 ? 144 PHE D CG  1 
ATOM   217  C CD1 . PHE A 1 78  ? -1.615  5.123   8.383   1.00 32.99 ? 144 PHE D CD1 1 
ATOM   218  C CD2 . PHE A 1 78  ? -1.625  6.175   6.242   1.00 30.76 ? 144 PHE D CD2 1 
ATOM   219  C CE1 . PHE A 1 78  ? -0.995  6.234   8.928   1.00 36.38 ? 144 PHE D CE1 1 
ATOM   220  C CE2 . PHE A 1 78  ? -1.007  7.290   6.783   1.00 32.59 ? 144 PHE D CE2 1 
ATOM   221  C CZ  . PHE A 1 78  ? -0.692  7.318   8.130   1.00 34.69 ? 144 PHE D CZ  1 
ATOM   222  N N   . SER A 1 79  ? -4.934  5.067   4.715   1.00 24.27 ? 145 SER D N   1 
ATOM   223  C CA  . SER A 1 79  ? -5.556  6.219   4.069   1.00 28.26 ? 145 SER D CA  1 
ATOM   224  C C   . SER A 1 79  ? -7.039  6.320   4.409   1.00 30.01 ? 145 SER D C   1 
ATOM   225  O O   . SER A 1 79  ? -7.593  7.425   4.436   1.00 31.61 ? 145 SER D O   1 
ATOM   226  C CB  . SER A 1 79  ? -5.350  6.160   2.553   1.00 27.09 ? 145 SER D CB  1 
ATOM   227  O OG  . SER A 1 79  ? -6.153  5.159   1.956   1.00 31.11 ? 145 SER D OG  1 
ATOM   228  N N   . ILE A 1 80  ? -7.695  5.189   4.677   1.00 28.13 ? 146 ILE D N   1 
ATOM   229  C CA  . ILE A 1 80  ? -9.075  5.225   5.160   1.00 31.20 ? 146 ILE D CA  1 
ATOM   230  C C   . ILE A 1 80  ? -9.150  5.962   6.490   1.00 34.31 ? 146 ILE D C   1 
ATOM   231  O O   . ILE A 1 80  ? -9.992  6.846   6.687   1.00 33.62 ? 146 ILE D O   1 
ATOM   232  C CB  . ILE A 1 80  ? -9.638  3.799   5.293   1.00 35.25 ? 146 ILE D CB  1 
ATOM   233  C CG1 . ILE A 1 80  ? -9.694  3.111   3.935   1.00 31.13 ? 146 ILE D CG1 1 
ATOM   234  C CG2 . ILE A 1 80  ? -11.021 3.836   5.919   1.00 38.12 ? 146 ILE D CG2 1 
ATOM   235  C CD1 . ILE A 1 80  ? -10.466 3.880   2.944   1.00 34.52 ? 146 ILE D CD1 1 
ATOM   236  N N   . GLN A 1 81  ? -8.263  5.606   7.424   1.00 34.70 ? 147 GLN D N   1 
ATOM   237  C CA  . GLN A 1 81  ? -8.379  6.099   8.791   1.00 37.73 ? 147 GLN D CA  1 
ATOM   238  C C   . GLN A 1 81  ? -8.059  7.583   8.900   1.00 39.11 ? 147 GLN D C   1 
ATOM   239  O O   . GLN A 1 81  ? -8.553  8.250   9.815   1.00 38.54 ? 147 GLN D O   1 
ATOM   240  C CB  . GLN A 1 81  ? -7.468  5.297   9.716   1.00 40.74 ? 147 GLN D CB  1 
ATOM   241  C CG  . GLN A 1 81  ? -7.939  3.874   9.959   1.00 45.29 ? 147 GLN D CG  1 
ATOM   242  C CD  . GLN A 1 81  ? -7.132  3.184   11.039  1.00 50.86 ? 147 GLN D CD  1 
ATOM   243  O OE1 . GLN A 1 81  ? -6.094  3.691   11.470  1.00 53.22 ? 147 GLN D OE1 1 
ATOM   244  N NE2 . GLN A 1 81  ? -7.608  2.027   11.489  1.00 51.57 ? 147 GLN D NE2 1 
ATOM   245  N N   . LYS A 1 82  ? -7.232  8.117   7.997   1.00 35.51 ? 148 LYS D N   1 
ATOM   246  C CA  . LYS A 1 82  ? -6.955  9.548   8.022   1.00 38.80 ? 148 LYS D CA  1 
ATOM   247  C C   . LYS A 1 82  ? -8.080  10.369  7.406   1.00 41.77 ? 148 LYS D C   1 
ATOM   248  O O   . LYS A 1 82  ? -8.196  11.564  7.704   1.00 43.40 ? 148 LYS D O   1 
ATOM   249  C CB  . LYS A 1 82  ? -5.636  9.854   7.308   1.00 34.28 ? 148 LYS D CB  1 
ATOM   250  C CG  . LYS A 1 82  ? -4.499  8.889   7.643   1.00 34.86 ? 148 LYS D CG  1 
ATOM   251  C CD  . LYS A 1 82  ? -3.599  9.391   8.791   1.00 43.44 ? 148 LYS D CD  1 
ATOM   252  C CE  . LYS A 1 82  ? -4.182  9.087   10.183  1.00 44.52 ? 148 LYS D CE  1 
ATOM   253  N NZ  . LYS A 1 82  ? -3.229  9.353   11.314  1.00 48.40 ? 148 LYS D NZ  1 
ATOM   254  N N   . LEU A 1 83  ? -8.910  9.752   6.570   1.00 37.77 ? 149 LEU D N   1 
ATOM   255  C CA  . LEU A 1 83  ? -10.035 10.430  5.943   1.00 39.36 ? 149 LEU D CA  1 
ATOM   256  C C   . LEU A 1 83  ? -11.300 10.380  6.790   1.00 40.37 ? 149 LEU D C   1 
ATOM   257  O O   . LEU A 1 83  ? -12.103 11.320  6.746   1.00 42.78 ? 149 LEU D O   1 
ATOM   258  C CB  . LEU A 1 83  ? -10.306 9.803   4.571   1.00 40.80 ? 149 LEU D CB  1 
ATOM   259  C CG  . LEU A 1 83  ? -11.455 10.342  3.726   1.00 40.95 ? 149 LEU D CG  1 
ATOM   260  C CD1 . LEU A 1 83  ? -11.158 11.757  3.271   1.00 42.39 ? 149 LEU D CD1 1 
ATOM   261  C CD2 . LEU A 1 83  ? -11.703 9.430   2.533   1.00 34.65 ? 149 LEU D CD2 1 
ATOM   262  N N   . GLU A 1 84  ? -11.478 9.317   7.571   1.00 41.17 ? 150 GLU D N   1 
ATOM   263  C CA  . GLU A 1 84  ? -12.731 9.112   8.296   1.00 45.18 ? 150 GLU D CA  1 
ATOM   264  C C   . GLU A 1 84  ? -13.086 10.220  9.290   1.00 46.14 ? 150 GLU D C   1 
ATOM   265  O O   . GLU A 1 84  ? -14.279 10.560  9.378   1.00 48.11 ? 150 GLU D O   1 
ATOM   266  C CB  . GLU A 1 84  ? -12.688 7.755   9.008   1.00 42.72 ? 150 GLU D CB  1 
ATOM   267  C CG  . GLU A 1 84  ? -14.028 7.300   9.549   1.00 52.52 ? 150 GLU D CG  1 
ATOM   268  C CD  . GLU A 1 84  ? -13.890 6.394   10.755  1.00 60.28 ? 150 GLU D CD  1 
ATOM   269  O OE1 . GLU A 1 84  ? -14.127 6.871   11.888  1.00 58.88 ? 150 GLU D OE1 1 
ATOM   270  O OE2 . GLU A 1 84  ? -13.538 5.209   10.574  1.00 59.19 ? 150 GLU D OE2 1 
ATOM   271  N N   . PRO A 1 85  ? -12.159 10.796  10.068  1.00 46.52 ? 151 PRO D N   1 
ATOM   272  C CA  . PRO A 1 85  ? -12.565 11.846  11.020  1.00 48.52 ? 151 PRO D CA  1 
ATOM   273  C C   . PRO A 1 85  ? -13.154 13.087  10.367  1.00 51.10 ? 151 PRO D C   1 
ATOM   274  O O   . PRO A 1 85  ? -13.694 13.939  11.085  1.00 53.94 ? 151 PRO D O   1 
ATOM   275  C CB  . PRO A 1 85  ? -11.259 12.180  11.755  1.00 48.58 ? 151 PRO D CB  1 
ATOM   276  C CG  . PRO A 1 85  ? -10.438 10.957  11.633  1.00 47.95 ? 151 PRO D CG  1 
ATOM   277  C CD  . PRO A 1 85  ? -10.749 10.414  10.269  1.00 44.05 ? 151 PRO D CD  1 
ATOM   278  N N   . PHE A 1 86  ? -13.074 13.217  9.043   1.00 45.94 ? 152 PHE D N   1 
ATOM   279  C CA  . PHE A 1 86  ? -13.576 14.383  8.330   1.00 48.76 ? 152 PHE D CA  1 
ATOM   280  C C   . PHE A 1 86  ? -14.892 14.106  7.610   1.00 48.33 ? 152 PHE D C   1 
ATOM   281  O O   . PHE A 1 86  ? -15.253 14.840  6.685   1.00 52.45 ? 152 PHE D O   1 
ATOM   282  C CB  . PHE A 1 86  ? -12.521 14.877  7.341   1.00 43.78 ? 152 PHE D CB  1 
ATOM   283  C CG  . PHE A 1 86  ? -11.172 15.084  7.963   1.00 46.51 ? 152 PHE D CG  1 
ATOM   284  C CD1 . PHE A 1 86  ? -11.048 15.773  9.158   1.00 49.51 ? 152 PHE D CD1 1 
ATOM   285  C CD2 . PHE A 1 86  ? -10.032 14.573  7.368   1.00 48.43 ? 152 PHE D CD2 1 
ATOM   286  C CE1 . PHE A 1 86  ? -9.811  15.962  9.741   1.00 53.57 ? 152 PHE D CE1 1 
ATOM   287  C CE2 . PHE A 1 86  ? -8.789  14.758  7.947   1.00 47.90 ? 152 PHE D CE2 1 
ATOM   288  C CZ  . PHE A 1 86  ? -8.679  15.454  9.135   1.00 51.93 ? 152 PHE D CZ  1 
ATOM   289  N N   . LEU A 1 87  ? -15.613 13.064  8.017   1.00 49.97 ? 153 LEU D N   1 
ATOM   290  C CA  . LEU A 1 87  ? -16.888 12.688  7.420   1.00 53.10 ? 153 LEU D CA  1 
ATOM   291  C C   . LEU A 1 87  ? -17.977 12.790  8.478   1.00 58.74 ? 153 LEU D C   1 
ATOM   292  O O   . LEU A 1 87  ? -17.813 12.278  9.590   1.00 62.74 ? 153 LEU D O   1 
ATOM   293  C CB  . LEU A 1 87  ? -16.831 11.264  6.860   1.00 47.85 ? 153 LEU D CB  1 
ATOM   294  C CG  . LEU A 1 87  ? -15.626 10.895  5.992   1.00 48.23 ? 153 LEU D CG  1 
ATOM   295  C CD1 . LEU A 1 87  ? -15.825 9.539   5.371   1.00 48.13 ? 153 LEU D CD1 1 
ATOM   296  C CD2 . LEU A 1 87  ? -15.380 11.914  4.904   1.00 41.86 ? 153 LEU D CD2 1 
ATOM   297  N N   . ARG A 1 88  ? -19.090 13.437  8.135   1.00 65.94 ? 154 ARG D N   1 
ATOM   298  C CA  . ARG A 1 88  ? -20.190 13.613  9.071   1.00 69.44 ? 154 ARG D CA  1 
ATOM   299  C C   . ARG A 1 88  ? -21.487 13.117  8.441   1.00 73.71 ? 154 ARG D C   1 
ATOM   300  O O   . ARG A 1 88  ? -21.580 12.921  7.226   1.00 76.30 ? 154 ARG D O   1 
ATOM   301  C CB  . ARG A 1 88  ? -20.300 15.077  9.517   1.00 68.45 ? 154 ARG D CB  1 
ATOM   302  C CG  . ARG A 1 88  ? -19.097 15.520  10.343  1.00 68.87 ? 154 ARG D CG  1 
ATOM   303  C CD  . ARG A 1 88  ? -18.959 17.027  10.419  1.00 71.72 ? 154 ARG D CD  1 
ATOM   304  N NE  . ARG A 1 88  ? -20.040 17.642  11.182  1.00 81.57 ? 154 ARG D NE  1 
ATOM   305  C CZ  . ARG A 1 88  ? -20.088 18.931  11.496  1.00 85.80 ? 154 ARG D CZ  1 
ATOM   306  N NH1 . ARG A 1 88  ? -19.110 19.743  11.117  1.00 85.04 ? 154 ARG D NH1 1 
ATOM   307  N NH2 . ARG A 1 88  ? -21.111 19.409  12.194  1.00 89.18 ? 154 ARG D NH2 1 
ATOM   308  N N   . ASP A 1 89  ? -22.491 12.911  9.295   1.00 73.17 ? 155 ASP D N   1 
ATOM   309  C CA  . ASP A 1 89  ? -23.724 12.210  8.926   1.00 76.07 ? 155 ASP D CA  1 
ATOM   310  C C   . ASP A 1 89  ? -24.702 13.057  8.119   1.00 80.76 ? 155 ASP D C   1 
ATOM   311  O O   . ASP A 1 89  ? -25.899 13.062  8.418   1.00 84.74 ? 155 ASP D O   1 
ATOM   312  C CB  . ASP A 1 89  ? -24.395 11.688  10.194  1.00 75.61 ? 155 ASP D CB  1 
ATOM   313  C CG  . ASP A 1 89  ? -24.018 10.253  10.507  1.00 73.96 ? 155 ASP D CG  1 
ATOM   314  O OD1 . ASP A 1 89  ? -24.500 9.343   9.802   1.00 73.07 ? 155 ASP D OD1 1 
ATOM   315  O OD2 . ASP A 1 89  ? -23.243 10.033  11.462  1.00 73.19 ? 155 ASP D OD2 1 
ATOM   316  N N   . THR A 1 90  ? -24.238 13.773  7.095   1.00 78.91 ? 156 THR D N   1 
ATOM   317  C CA  . THR A 1 90  ? -25.161 14.509  6.246   1.00 80.69 ? 156 THR D CA  1 
ATOM   318  C C   . THR A 1 90  ? -26.090 13.539  5.518   1.00 83.69 ? 156 THR D C   1 
ATOM   319  O O   . THR A 1 90  ? -25.771 12.363  5.319   1.00 82.71 ? 156 THR D O   1 
ATOM   320  C CB  . THR A 1 90  ? -24.405 15.375  5.237   1.00 80.13 ? 156 THR D CB  1 
ATOM   321  O OG1 . THR A 1 90  ? -23.746 14.536  4.281   1.00 81.07 ? 156 THR D OG1 1 
ATOM   322  C CG2 . THR A 1 90  ? -23.374 16.245  5.944   1.00 78.49 ? 156 THR D CG2 1 
ATOM   323  N N   . LYS A 1 91  ? -27.259 14.047  5.128   1.00 87.13 ? 157 LYS D N   1 
ATOM   324  C CA  . LYS A 1 91  ? -28.293 13.194  4.555   1.00 87.01 ? 157 LYS D CA  1 
ATOM   325  C C   . LYS A 1 91  ? -27.794 12.523  3.282   1.00 84.88 ? 157 LYS D C   1 
ATOM   326  O O   . LYS A 1 91  ? -27.211 13.170  2.407   1.00 83.02 ? 157 LYS D O   1 
ATOM   327  C CB  . LYS A 1 91  ? -29.558 14.009  4.272   1.00 86.14 ? 157 LYS D CB  1 
ATOM   328  C CG  . LYS A 1 91  ? -30.838 13.178  4.246   1.00 86.51 ? 157 LYS D CG  1 
ATOM   329  C CD  . LYS A 1 91  ? -32.082 14.057  4.186   1.00 81.68 ? 157 LYS D CD  1 
ATOM   330  C CE  . LYS A 1 91  ? -32.761 14.152  5.547   1.00 79.64 ? 157 LYS D CE  1 
ATOM   331  N NZ  . LYS A 1 91  ? -34.245 14.261  5.439   1.00 68.99 ? 157 LYS D NZ  1 
ATOM   332  N N   . GLY A 1 92  ? -28.017 11.213  3.191   1.00 84.18 ? 158 GLY D N   1 
ATOM   333  C CA  . GLY A 1 92  ? -27.551 10.425  2.074   1.00 81.02 ? 158 GLY D CA  1 
ATOM   334  C C   . GLY A 1 92  ? -26.140 9.892   2.210   1.00 80.52 ? 158 GLY D C   1 
ATOM   335  O O   . GLY A 1 92  ? -25.706 9.109   1.354   1.00 78.34 ? 158 GLY D O   1 
ATOM   336  N N   . PHE A 1 93  ? -25.404 10.289  3.261   1.00 78.95 ? 159 PHE D N   1 
ATOM   337  C CA  . PHE A 1 93  ? -24.017 9.856   3.459   1.00 74.00 ? 159 PHE D CA  1 
ATOM   338  C C   . PHE A 1 93  ? -23.773 9.685   4.960   1.00 74.65 ? 159 PHE D C   1 
ATOM   339  O O   . PHE A 1 93  ? -23.241 10.569  5.637   1.00 74.72 ? 159 PHE D O   1 
ATOM   340  C CB  . PHE A 1 93  ? -23.032 10.840  2.828   1.00 72.52 ? 159 PHE D CB  1 
ATOM   341  C CG  . PHE A 1 93  ? -23.123 10.906  1.330   1.00 71.09 ? 159 PHE D CG  1 
ATOM   342  C CD1 . PHE A 1 93  ? -22.537 9.925   0.546   1.00 65.71 ? 159 PHE D CD1 1 
ATOM   343  C CD2 . PHE A 1 93  ? -23.801 11.942  0.707   1.00 70.41 ? 159 PHE D CD2 1 
ATOM   344  C CE1 . PHE A 1 93  ? -22.623 9.978   -0.833  1.00 65.51 ? 159 PHE D CE1 1 
ATOM   345  C CE2 . PHE A 1 93  ? -23.888 12.000  -0.673  1.00 68.42 ? 159 PHE D CE2 1 
ATOM   346  C CZ  . PHE A 1 93  ? -23.298 11.017  -1.444  1.00 68.17 ? 159 PHE D CZ  1 
ATOM   347  N N   . SER A 1 94  ? -24.169 8.527   5.481   1.00 67.36 ? 160 SER D N   1 
ATOM   348  C CA  . SER A 1 94  ? -23.902 8.188   6.868   1.00 66.79 ? 160 SER D CA  1 
ATOM   349  C C   . SER A 1 94  ? -22.505 7.604   7.002   1.00 61.30 ? 160 SER D C   1 
ATOM   350  O O   . SER A 1 94  ? -22.040 6.866   6.129   1.00 59.59 ? 160 SER D O   1 
ATOM   351  C CB  . SER A 1 94  ? -24.935 7.187   7.386   1.00 66.63 ? 160 SER D CB  1 
ATOM   352  O OG  . SER A 1 94  ? -24.704 5.897   6.845   1.00 66.78 ? 160 SER D OG  1 
ATOM   353  N N   . LEU A 1 95  ? -21.831 7.940   8.104   1.00 59.71 ? 161 LEU D N   1 
ATOM   354  C CA  . LEU A 1 95  ? -20.522 7.350   8.362   1.00 58.53 ? 161 LEU D CA  1 
ATOM   355  C C   . LEU A 1 95  ? -20.626 5.835   8.482   1.00 56.79 ? 161 LEU D C   1 
ATOM   356  O O   . LEU A 1 95  ? -19.691 5.117   8.110   1.00 53.70 ? 161 LEU D O   1 
ATOM   357  C CB  . LEU A 1 95  ? -19.908 7.973   9.619   1.00 58.14 ? 161 LEU D CB  1 
ATOM   358  C CG  . LEU A 1 95  ? -18.409 7.820   9.911   1.00 61.02 ? 161 LEU D CG  1 
ATOM   359  C CD1 . LEU A 1 95  ? -17.935 8.924   10.839  1.00 61.93 ? 161 LEU D CD1 1 
ATOM   360  C CD2 . LEU A 1 95  ? -18.025 6.453   10.460  1.00 61.00 ? 161 LEU D CD2 1 
ATOM   361  N N   . GLU A 1 96  ? -21.760 5.335   8.978   1.00 60.19 ? 162 GLU D N   1 
ATOM   362  C CA  . GLU A 1 96  ? -22.008 3.897   8.991   1.00 58.46 ? 162 GLU D CA  1 
ATOM   363  C C   . GLU A 1 96  ? -21.888 3.305   7.590   1.00 55.31 ? 162 GLU D C   1 
ATOM   364  O O   . GLU A 1 96  ? -21.248 2.265   7.395   1.00 50.45 ? 162 GLU D O   1 
ATOM   365  C CB  . GLU A 1 96  ? -23.391 3.616   9.579   1.00 59.89 ? 162 GLU D CB  1 
ATOM   366  C CG  . GLU A 1 96  ? -24.071 2.388   9.000   1.00 67.34 ? 162 GLU D CG  1 
ATOM   367  C CD  . GLU A 1 96  ? -25.566 2.378   9.257   1.00 77.12 ? 162 GLU D CD  1 
ATOM   368  O OE1 . GLU A 1 96  ? -26.009 3.036   10.222  1.00 76.28 ? 162 GLU D OE1 1 
ATOM   369  O OE2 . GLU A 1 96  ? -26.297 1.721   8.485   1.00 79.22 ? 162 GLU D OE2 1 
ATOM   370  N N   . SER A 1 97  ? -22.496 3.959   6.597   1.00 53.06 ? 163 SER D N   1 
ATOM   371  C CA  . SER A 1 97  ? -22.419 3.447   5.234   1.00 55.74 ? 163 SER D CA  1 
ATOM   372  C C   . SER A 1 97  ? -21.012 3.584   4.662   1.00 53.00 ? 163 SER D C   1 
ATOM   373  O O   . SER A 1 97  ? -20.602 2.762   3.834   1.00 48.42 ? 163 SER D O   1 
ATOM   374  C CB  . SER A 1 97  ? -23.435 4.163   4.342   1.00 57.69 ? 163 SER D CB  1 
ATOM   375  O OG  . SER A 1 97  ? -23.262 5.568   4.391   1.00 63.11 ? 163 SER D OG  1 
ATOM   376  N N   . PHE A 1 98  ? -20.262 4.604   5.088   1.00 53.98 ? 164 PHE D N   1 
ATOM   377  C CA  . PHE A 1 98  ? -18.879 4.737   4.637   1.00 48.82 ? 164 PHE D CA  1 
ATOM   378  C C   . PHE A 1 98  ? -18.016 3.603   5.172   1.00 47.30 ? 164 PHE D C   1 
ATOM   379  O O   . PHE A 1 98  ? -17.203 3.034   4.435   1.00 46.47 ? 164 PHE D O   1 
ATOM   380  C CB  . PHE A 1 98  ? -18.308 6.088   5.064   1.00 49.90 ? 164 PHE D CB  1 
ATOM   381  C CG  . PHE A 1 98  ? -16.878 6.298   4.647   1.00 46.85 ? 164 PHE D CG  1 
ATOM   382  C CD1 . PHE A 1 98  ? -16.573 6.744   3.371   1.00 45.67 ? 164 PHE D CD1 1 
ATOM   383  C CD2 . PHE A 1 98  ? -15.838 6.046   5.530   1.00 49.52 ? 164 PHE D CD2 1 
ATOM   384  C CE1 . PHE A 1 98  ? -15.257 6.936   2.983   1.00 45.65 ? 164 PHE D CE1 1 
ATOM   385  C CE2 . PHE A 1 98  ? -14.522 6.236   5.147   1.00 46.85 ? 164 PHE D CE2 1 
ATOM   386  C CZ  . PHE A 1 98  ? -14.231 6.681   3.873   1.00 39.46 ? 164 PHE D CZ  1 
ATOM   387  N N   . ARG A 1 99  ? -18.173 3.264   6.455   1.00 46.70 ? 165 ARG D N   1 
ATOM   388  C CA  . ARG A 1 99  ? -17.419 2.151   7.021   1.00 45.07 ? 165 ARG D CA  1 
ATOM   389  C C   . ARG A 1 99  ? -17.803 0.831   6.377   1.00 44.84 ? 165 ARG D C   1 
ATOM   390  O O   . ARG A 1 99  ? -16.956 -0.058  6.235   1.00 42.95 ? 165 ARG D O   1 
ATOM   391  C CB  . ARG A 1 99  ? -17.634 2.082   8.530   1.00 45.96 ? 165 ARG D CB  1 
ATOM   392  C CG  . ARG A 1 99  ? -17.065 3.260   9.275   1.00 48.02 ? 165 ARG D CG  1 
ATOM   393  C CD  . ARG A 1 99  ? -16.957 2.964   10.752  1.00 53.60 ? 165 ARG D CD  1 
ATOM   394  N NE  . ARG A 1 99  ? -15.893 3.747   11.368  1.00 54.18 ? 165 ARG D NE  1 
ATOM   395  C CZ  . ARG A 1 99  ? -15.421 3.528   12.589  1.00 60.15 ? 165 ARG D CZ  1 
ATOM   396  N NH1 . ARG A 1 99  ? -15.926 2.549   13.329  1.00 60.49 ? 165 ARG D NH1 1 
ATOM   397  N NH2 . ARG A 1 99  ? -14.451 4.291   13.075  1.00 56.79 ? 165 ARG D NH2 1 
ATOM   398  N N   . ALA A 1 100 ? -19.073 0.677   5.995   1.00 45.11 ? 166 ALA D N   1 
ATOM   399  C CA  . ALA A 1 100 ? -19.485 -0.533  5.292   1.00 43.03 ? 166 ALA D CA  1 
ATOM   400  C C   . ALA A 1 100 ? -18.835 -0.616  3.918   1.00 42.33 ? 166 ALA D C   1 
ATOM   401  O O   . ALA A 1 100 ? -18.383 -1.689  3.503   1.00 43.40 ? 166 ALA D O   1 
ATOM   402  C CB  . ALA A 1 100 ? -21.007 -0.578  5.172   1.00 46.28 ? 166 ALA D CB  1 
ATOM   403  N N   . LYS A 1 101 ? -18.776 0.507   3.200   1.00 44.02 ? 167 LYS D N   1 
ATOM   404  C CA  . LYS A 1 101 ? -18.130 0.511   1.892   1.00 39.13 ? 167 LYS D CA  1 
ATOM   405  C C   . LYS A 1 101 ? -16.623 0.332   2.024   1.00 38.38 ? 167 LYS D C   1 
ATOM   406  O O   . LYS A 1 101 ? -16.006 -0.388  1.232   1.00 40.14 ? 167 LYS D O   1 
ATOM   407  C CB  . LYS A 1 101 ? -18.452 1.810   1.153   1.00 44.39 ? 167 LYS D CB  1 
ATOM   408  C CG  . LYS A 1 101 ? -18.127 1.780   -0.334  1.00 44.25 ? 167 LYS D CG  1 
ATOM   409  C CD  . LYS A 1 101 ? -18.836 0.628   -1.027  1.00 44.24 ? 167 LYS D CD  1 
ATOM   410  C CE  . LYS A 1 101 ? -19.482 1.074   -2.329  1.00 51.68 ? 167 LYS D CE  1 
ATOM   411  N NZ  . LYS A 1 101 ? -18.478 1.589   -3.300  1.00 50.74 ? 167 LYS D NZ  1 
ATOM   412  N N   . ALA A 1 102 ? -16.015 0.973   3.025   1.00 38.04 ? 168 ALA D N   1 
ATOM   413  C CA  . ALA A 1 102 ? -14.565 0.905   3.178   1.00 37.28 ? 168 ALA D CA  1 
ATOM   414  C C   . ALA A 1 102 ? -14.112 -0.490  3.591   1.00 38.63 ? 168 ALA D C   1 
ATOM   415  O O   . ALA A 1 102 ? -13.109 -0.999  3.077   1.00 39.25 ? 168 ALA D O   1 
ATOM   416  C CB  . ALA A 1 102 ? -14.097 1.945   4.194   1.00 38.99 ? 168 ALA D CB  1 
ATOM   417  N N   . SER A 1 103 ? -14.831 -1.125  4.520   1.00 38.30 ? 169 SER D N   1 
ATOM   418  C CA  . SER A 1 103 ? -14.447 -2.466  4.946   1.00 39.75 ? 169 SER D CA  1 
ATOM   419  C C   . SER A 1 103 ? -14.733 -3.497  3.862   1.00 40.55 ? 169 SER D C   1 
ATOM   420  O O   . SER A 1 103 ? -14.014 -4.497  3.755   1.00 40.34 ? 169 SER D O   1 
ATOM   421  C CB  . SER A 1 103 ? -15.171 -2.842  6.238   1.00 43.65 ? 169 SER D CB  1 
ATOM   422  O OG  . SER A 1 103 ? -16.411 -3.465  5.956   1.00 49.43 ? 169 SER D OG  1 
ATOM   423  N N   . SER A 1 104 ? -15.773 -3.273  3.057   1.00 39.72 ? 170 SER D N   1 
ATOM   424  C CA  . SER A 1 104 ? -16.034 -4.151  1.923   1.00 37.80 ? 170 SER D CA  1 
ATOM   425  C C   . SER A 1 104 ? -14.923 -4.056  0.888   1.00 39.45 ? 170 SER D C   1 
ATOM   426  O O   . SER A 1 104 ? -14.510 -5.069  0.311   1.00 33.93 ? 170 SER D O   1 
ATOM   427  C CB  . SER A 1 104 ? -17.380 -3.804  1.293   1.00 41.23 ? 170 SER D CB  1 
ATOM   428  O OG  . SER A 1 104 ? -17.420 -4.207  -0.063  1.00 44.77 ? 170 SER D OG  1 
ATOM   429  N N   . LEU A 1 105 ? -14.426 -2.843  0.635   1.00 37.30 ? 171 LEU D N   1 
ATOM   430  C CA  . LEU A 1 105 ? -13.347 -2.678  -0.332  1.00 34.93 ? 171 LEU D CA  1 
ATOM   431  C C   . LEU A 1 105 ? -12.034 -3.242  0.190   1.00 32.49 ? 171 LEU D C   1 
ATOM   432  O O   . LEU A 1 105 ? -11.214 -3.729  -0.599  1.00 31.27 ? 171 LEU D O   1 
ATOM   433  C CB  . LEU A 1 105 ? -13.193 -1.203  -0.695  1.00 32.66 ? 171 LEU D CB  1 
ATOM   434  C CG  . LEU A 1 105 ? -14.272 -0.658  -1.634  1.00 36.10 ? 171 LEU D CG  1 
ATOM   435  C CD1 . LEU A 1 105 ? -14.206 0.855   -1.715  1.00 34.43 ? 171 LEU D CD1 1 
ATOM   436  C CD2 . LEU A 1 105 ? -14.124 -1.276  -3.012  1.00 35.96 ? 171 LEU D CD2 1 
ATOM   437  N N   . SER A 1 106 ? -11.817 -3.189  1.509   1.00 31.75 ? 172 SER D N   1 
ATOM   438  C CA  . SER A 1 106 ? -10.597 -3.747  2.085   1.00 32.84 ? 172 SER D CA  1 
ATOM   439  C C   . SER A 1 106 ? -10.510 -5.246  1.848   1.00 35.99 ? 172 SER D C   1 
ATOM   440  O O   . SER A 1 106 ? -9.420  -5.783  1.620   1.00 34.30 ? 172 SER D O   1 
ATOM   441  C CB  . SER A 1 106 ? -10.529 -3.444  3.584   1.00 32.39 ? 172 SER D CB  1 
ATOM   442  O OG  . SER A 1 106 ? -10.245 -2.078  3.822   1.00 36.23 ? 172 SER D OG  1 
ATOM   443  N N   . GLU A 1 107 ? -11.648 -5.941  1.904   1.00 38.87 ? 173 GLU D N   1 
ATOM   444  C CA  . GLU A 1 107 ? -11.640 -7.380  1.675   1.00 37.71 ? 173 GLU D CA  1 
ATOM   445  C C   . GLU A 1 107 ? -11.480 -7.709  0.196   1.00 35.86 ? 173 GLU D C   1 
ATOM   446  O O   . GLU A 1 107 ? -10.815 -8.690  -0.152  1.00 38.68 ? 173 GLU D O   1 
ATOM   447  C CB  . GLU A 1 107 ? -12.915 -8.008  2.237   1.00 41.37 ? 173 GLU D CB  1 
ATOM   448  C CG  . GLU A 1 107 ? -13.016 -7.924  3.757   1.00 44.18 ? 173 GLU D CG  1 
ATOM   449  C CD  . GLU A 1 107 ? -11.884 -8.656  4.466   1.00 54.25 ? 173 GLU D CD  1 
ATOM   450  O OE1 . GLU A 1 107 ? -11.733 -9.876  4.245   1.00 52.96 ? 173 GLU D OE1 1 
ATOM   451  O OE2 . GLU A 1 107 ? -11.141 -8.010  5.241   1.00 52.86 ? 173 GLU D OE2 1 
ATOM   452  N N   . GLU A 1 108 ? -12.077 -6.906  -0.690  1.00 37.28 ? 174 GLU D N   1 
ATOM   453  C CA  . GLU A 1 108 ? -11.838 -7.088  -2.117  1.00 34.84 ? 174 GLU D CA  1 
ATOM   454  C C   . GLU A 1 108 ? -10.381 -6.823  -2.464  1.00 35.32 ? 174 GLU D C   1 
ATOM   455  O O   . GLU A 1 108 ? -9.802  -7.512  -3.311  1.00 33.35 ? 174 GLU D O   1 
ATOM   456  C CB  . GLU A 1 108 ? -12.755 -6.179  -2.934  1.00 37.21 ? 174 GLU D CB  1 
ATOM   457  C CG  . GLU A 1 108 ? -14.102 -6.795  -3.268  1.00 44.65 ? 174 GLU D CG  1 
ATOM   458  C CD  . GLU A 1 108 ? -13.984 -8.010  -4.180  1.00 55.45 ? 174 GLU D CD  1 
ATOM   459  O OE1 . GLU A 1 108 ? -14.196 -9.143  -3.694  1.00 51.64 ? 174 GLU D OE1 1 
ATOM   460  O OE2 . GLU A 1 108 ? -13.672 -7.830  -5.378  1.00 60.75 ? 174 GLU D OE2 1 
ATOM   461  N N   . LEU A 1 109 ? -9.764  -5.834  -1.813  1.00 28.84 ? 175 LEU D N   1 
ATOM   462  C CA  . LEU A 1 109 ? -8.354  -5.565  -2.073  1.00 26.38 ? 175 LEU D CA  1 
ATOM   463  C C   . LEU A 1 109 ? -7.480  -6.729  -1.627  1.00 30.06 ? 175 LEU D C   1 
ATOM   464  O O   . LEU A 1 109 ? -6.515  -7.084  -2.313  1.00 28.61 ? 175 LEU D O   1 
ATOM   465  C CB  . LEU A 1 109 ? -7.920  -4.276  -1.382  1.00 28.68 ? 175 LEU D CB  1 
ATOM   466  C CG  . LEU A 1 109 ? -6.439  -3.946  -1.587  1.00 30.01 ? 175 LEU D CG  1 
ATOM   467  C CD1 . LEU A 1 109 ? -6.149  -3.714  -3.065  1.00 24.75 ? 175 LEU D CD1 1 
ATOM   468  C CD2 . LEU A 1 109 ? -6.040  -2.740  -0.765  1.00 25.29 ? 175 LEU D CD2 1 
ATOM   469  N N   . LYS A 1 110 ? -7.803  -7.339  -0.482  1.00 30.30 ? 176 LYS D N   1 
ATOM   470  C CA  . LYS A 1 110 ? -7.026  -8.480  -0.007  1.00 29.31 ? 176 LYS D CA  1 
ATOM   471  C C   . LYS A 1 110 ? -7.084  -9.635  -1.001  1.00 31.64 ? 176 LYS D C   1 
ATOM   472  O O   . LYS A 1 110 ? -6.072  -10.305 -1.243  1.00 31.43 ? 176 LYS D O   1 
ATOM   473  C CB  . LYS A 1 110 ? -7.528  -8.918  1.368   1.00 35.52 ? 176 LYS D CB  1 
ATOM   474  C CG  . LYS A 1 110 ? -6.580  -9.836  2.119   1.00 39.33 ? 176 LYS D CG  1 
ATOM   475  C CD  . LYS A 1 110 ? -7.125  -10.193 3.500   1.00 47.36 ? 176 LYS D CD  1 
ATOM   476  C CE  . LYS A 1 110 ? -7.281  -8.963  4.388   1.00 49.47 ? 176 LYS D CE  1 
ATOM   477  N NZ  . LYS A 1 110 ? -8.685  -8.464  4.462   1.00 50.75 ? 176 LYS D NZ  1 
ATOM   478  N N   . HIS A 1 111 ? -8.262  -9.882  -1.587  1.00 29.60 ? 177 HIS D N   1 
ATOM   479  C CA  . HIS A 1 111 ? -8.378  -10.877 -2.650  1.00 34.64 ? 177 HIS D CA  1 
ATOM   480  C C   . HIS A 1 111 ? -7.591  -10.459 -3.886  1.00 31.66 ? 177 HIS D C   1 
ATOM   481  O O   . HIS A 1 111 ? -6.900  -11.281 -4.500  1.00 27.57 ? 177 HIS D O   1 
ATOM   482  C CB  . HIS A 1 111 ? -9.847  -11.093 -3.021  1.00 36.63 ? 177 HIS D CB  1 
ATOM   483  C CG  . HIS A 1 111 ? -10.673 -11.709 -1.933  1.00 40.38 ? 177 HIS D CG  1 
ATOM   484  N ND1 . HIS A 1 111 ? -10.298 -12.859 -1.272  1.00 42.01 ? 177 HIS D ND1 1 
ATOM   485  C CD2 . HIS A 1 111 ? -11.870 -11.348 -1.410  1.00 42.04 ? 177 HIS D CD2 1 
ATOM   486  C CE1 . HIS A 1 111 ? -11.219 -13.170 -0.378  1.00 42.82 ? 177 HIS D CE1 1 
ATOM   487  N NE2 . HIS A 1 111 ? -12.185 -12.271 -0.442  1.00 42.46 ? 177 HIS D NE2 1 
ATOM   488  N N   . PHE A 1 112 ? -7.703  -9.185  -4.272  1.00 27.68 ? 178 PHE D N   1 
ATOM   489  C CA  . PHE A 1 112 ? -6.966  -8.671  -5.423  1.00 29.53 ? 178 PHE D CA  1 
ATOM   490  C C   . PHE A 1 112 ? -5.464  -8.848  -5.246  1.00 30.15 ? 178 PHE D C   1 
ATOM   491  O O   . PHE A 1 112 ? -4.759  -9.224  -6.191  1.00 32.10 ? 178 PHE D O   1 
ATOM   492  C CB  . PHE A 1 112 ? -7.310  -7.196  -5.629  1.00 29.83 ? 178 PHE D CB  1 
ATOM   493  C CG  . PHE A 1 112 ? -6.730  -6.596  -6.878  1.00 29.34 ? 178 PHE D CG  1 
ATOM   494  C CD1 . PHE A 1 112 ? -7.291  -6.863  -8.113  1.00 27.98 ? 178 PHE D CD1 1 
ATOM   495  C CD2 . PHE A 1 112 ? -5.639  -5.743  -6.813  1.00 29.62 ? 178 PHE D CD2 1 
ATOM   496  C CE1 . PHE A 1 112 ? -6.768  -6.301  -9.265  1.00 36.95 ? 178 PHE D CE1 1 
ATOM   497  C CE2 . PHE A 1 112 ? -5.113  -5.176  -7.957  1.00 29.19 ? 178 PHE D CE2 1 
ATOM   498  C CZ  . PHE A 1 112 ? -5.676  -5.456  -9.185  1.00 33.26 ? 178 PHE D CZ  1 
ATOM   499  N N   . ALA A 1 113 ? -4.955  -8.582  -4.040  1.00 28.49 ? 179 ALA D N   1 
ATOM   500  C CA  . ALA A 1 113 ? -3.525  -8.728  -3.793  1.00 26.16 ? 179 ALA D CA  1 
ATOM   501  C C   . ALA A 1 113 ? -3.102  -10.189 -3.840  1.00 30.92 ? 179 ALA D C   1 
ATOM   502  O O   . ALA A 1 113 ? -1.992  -10.504 -4.287  1.00 30.28 ? 179 ALA D O   1 
ATOM   503  C CB  . ALA A 1 113 ? -3.157  -8.103  -2.448  1.00 28.86 ? 179 ALA D CB  1 
ATOM   504  N N   . ASP A 1 114 ? -3.963  -11.096 -3.368  1.00 29.04 ? 180 ASP D N   1 
ATOM   505  C CA  . ASP A 1 114 ? -3.682  -12.519 -3.536  1.00 31.12 ? 180 ASP D CA  1 
ATOM   506  C C   . ASP A 1 114 ? -3.547  -12.874 -5.011  1.00 30.04 ? 180 ASP D C   1 
ATOM   507  O O   . ASP A 1 114 ? -2.630  -13.606 -5.402  1.00 30.97 ? 180 ASP D O   1 
ATOM   508  C CB  . ASP A 1 114 ? -4.777  -13.362 -2.880  1.00 28.18 ? 180 ASP D CB  1 
ATOM   509  C CG  . ASP A 1 114 ? -4.742  -13.297 -1.362  1.00 36.08 ? 180 ASP D CG  1 
ATOM   510  O OD1 . ASP A 1 114 ? -3.703  -12.886 -0.797  1.00 34.83 ? 180 ASP D OD1 1 
ATOM   511  O OD2 . ASP A 1 114 ? -5.757  -13.672 -0.732  1.00 31.72 ? 180 ASP D OD2 1 
ATOM   512  N N   . GLY A 1 115 ? -4.442  -12.349 -5.849  1.00 32.96 ? 181 GLY D N   1 
ATOM   513  C CA  . GLY A 1 115 ? -4.321  -12.575 -7.280  1.00 30.35 ? 181 GLY D CA  1 
ATOM   514  C C   . GLY A 1 115 ? -3.019  -12.040 -7.846  1.00 33.05 ? 181 GLY D C   1 
ATOM   515  O O   . GLY A 1 115 ? -2.366  -12.702 -8.654  1.00 36.93 ? 181 GLY D O   1 
ATOM   516  N N   . LEU A 1 116 ? -2.622  -10.835 -7.428  1.00 31.71 ? 182 LEU D N   1 
ATOM   517  C CA  . LEU A 1 116 ? -1.351  -10.283 -7.888  1.00 32.60 ? 182 LEU D CA  1 
ATOM   518  C C   . LEU A 1 116 ? -0.172  -11.101 -7.383  1.00 35.67 ? 182 LEU D C   1 
ATOM   519  O O   . LEU A 1 116 ? 0.896   -11.097 -8.006  1.00 33.25 ? 182 LEU D O   1 
ATOM   520  C CB  . LEU A 1 116 ? -1.208  -8.827  -7.444  1.00 30.23 ? 182 LEU D CB  1 
ATOM   521  C CG  . LEU A 1 116 ? -2.229  -7.839  -8.007  1.00 33.96 ? 182 LEU D CG  1 
ATOM   522  C CD1 . LEU A 1 116 ? -1.834  -6.411  -7.665  1.00 33.84 ? 182 LEU D CD1 1 
ATOM   523  C CD2 . LEU A 1 116 ? -2.355  -8.019  -9.507  1.00 36.25 ? 182 LEU D CD2 1 
ATOM   524  N N   . GLU A 1 117 ? -0.343  -11.804 -6.261  1.00 33.87 ? 183 GLU D N   1 
ATOM   525  C CA  . GLU A 1 117 ? 0.735   -12.632 -5.732  1.00 34.17 ? 183 GLU D CA  1 
ATOM   526  C C   . GLU A 1 117 ? 0.925   -13.913 -6.535  1.00 33.85 ? 183 GLU D C   1 
ATOM   527  O O   . GLU A 1 117 ? 2.042   -14.439 -6.593  1.00 35.39 ? 183 GLU D O   1 
ATOM   528  C CB  . GLU A 1 117 ? 0.476   -12.967 -4.260  1.00 34.68 ? 183 GLU D CB  1 
ATOM   529  C CG  . GLU A 1 117 ? 0.781   -11.821 -3.306  1.00 39.14 ? 183 GLU D CG  1 
ATOM   530  C CD  . GLU A 1 117 ? 0.601   -12.189 -1.840  1.00 41.37 ? 183 GLU D CD  1 
ATOM   531  O OE1 . GLU A 1 117 ? -0.152  -11.483 -1.132  1.00 37.86 ? 183 GLU D OE1 1 
ATOM   532  O OE2 . GLU A 1 117 ? 1.217   -13.183 -1.396  1.00 39.69 ? 183 GLU D OE2 1 
ATOM   533  N N   . THR A 1 118 ? -0.131  -14.426 -7.167  1.00 35.65 ? 184 THR D N   1 
ATOM   534  C CA  . THR A 1 118 ? -0.014  -15.677 -7.906  1.00 36.85 ? 184 THR D CA  1 
ATOM   535  C C   . THR A 1 118 ? 0.149   -15.495 -9.409  1.00 38.23 ? 184 THR D C   1 
ATOM   536  O O   . THR A 1 118 ? 0.659   -16.407 -10.067 1.00 42.57 ? 184 THR D O   1 
ATOM   537  C CB  . THR A 1 118 ? -1.229  -16.580 -7.642  1.00 39.16 ? 184 THR D CB  1 
ATOM   538  O OG1 . THR A 1 118 ? -2.286  -16.256 -8.551  1.00 50.39 ? 184 THR D OG1 1 
ATOM   539  C CG2 . THR A 1 118 ? -1.725  -16.395 -6.236  1.00 33.76 ? 184 THR D CG2 1 
ATOM   540  N N   . ASP A 1 119 ? -0.260  -14.358 -9.975  1.00 40.44 ? 185 ASP D N   1 
ATOM   541  C CA  . ASP A 1 119 ? -0.116  -14.148 -11.413 1.00 40.18 ? 185 ASP D CA  1 
ATOM   542  C C   . ASP A 1 119 ? 1.188   -13.449 -11.785 1.00 40.93 ? 185 ASP D C   1 
ATOM   543  O O   . ASP A 1 119 ? 1.351   -13.047 -12.941 1.00 43.89 ? 185 ASP D O   1 
ATOM   544  C CB  . ASP A 1 119 ? -1.322  -13.377 -11.977 1.00 36.24 ? 185 ASP D CB  1 
ATOM   545  C CG  . ASP A 1 119 ? -1.416  -11.933 -11.484 1.00 41.73 ? 185 ASP D CG  1 
ATOM   546  O OD1 . ASP A 1 119 ? -0.420  -11.360 -10.993 1.00 44.64 ? 185 ASP D OD1 1 
ATOM   547  O OD2 . ASP A 1 119 ? -2.519  -11.355 -11.603 1.00 44.92 ? 185 ASP D OD2 1 
ATOM   548  N N   . GLY A 1 120 ? 2.106   -13.283 -10.834 1.00 39.00 ? 186 GLY D N   1 
ATOM   549  C CA  . GLY A 1 120 ? 3.413   -12.728 -11.105 1.00 41.25 ? 186 GLY D CA  1 
ATOM   550  C C   . GLY A 1 120 ? 3.512   -11.218 -11.055 1.00 38.20 ? 186 GLY D C   1 
ATOM   551  O O   . GLY A 1 120 ? 4.625   -10.688 -11.167 1.00 36.00 ? 186 GLY D O   1 
ATOM   552  N N   . THR A 1 121 ? 2.397   -10.504 -10.885 1.00 35.67 ? 187 THR D N   1 
ATOM   553  C CA  . THR A 1 121 ? 2.447   -9.046  -10.953 1.00 37.78 ? 187 THR D CA  1 
ATOM   554  C C   . THR A 1 121 ? 3.224   -8.457  -9.779  1.00 37.13 ? 187 THR D C   1 
ATOM   555  O O   . THR A 1 121 ? 4.047   -7.552  -9.970  1.00 34.70 ? 187 THR D O   1 
ATOM   556  C CB  . THR A 1 121 ? 1.033   -8.468  -11.010 1.00 37.38 ? 187 THR D CB  1 
ATOM   557  O OG1 . THR A 1 121 ? 0.275   -9.158  -12.011 1.00 39.53 ? 187 THR D OG1 1 
ATOM   558  C CG2 . THR A 1 121 ? 1.082   -6.994  -11.367 1.00 36.33 ? 187 THR D CG2 1 
ATOM   559  N N   . LEU A 1 122 ? 2.978   -8.947  -8.559  1.00 37.21 ? 188 LEU D N   1 
ATOM   560  C CA  . LEU A 1 122 ? 3.761   -8.480  -7.417  1.00 34.44 ? 188 LEU D CA  1 
ATOM   561  C C   . LEU A 1 122 ? 5.224   -8.864  -7.547  1.00 30.65 ? 188 LEU D C   1 
ATOM   562  O O   . LEU A 1 122 ? 6.101   -8.116  -7.101  1.00 36.16 ? 188 LEU D O   1 
ATOM   563  C CB  . LEU A 1 122 ? 3.209   -9.045  -6.107  1.00 36.48 ? 188 LEU D CB  1 
ATOM   564  C CG  . LEU A 1 122 ? 2.037   -8.339  -5.435  1.00 36.63 ? 188 LEU D CG  1 
ATOM   565  C CD1 . LEU A 1 122 ? 2.088   -8.560  -3.929  1.00 32.04 ? 188 LEU D CD1 1 
ATOM   566  C CD2 . LEU A 1 122 ? 2.027   -6.866  -5.780  1.00 34.69 ? 188 LEU D CD2 1 
ATOM   567  N N   . GLN A 1 123 ? 5.502   -10.026 -8.137  1.00 36.66 ? 189 GLN D N   1 
ATOM   568  C CA  . GLN A 1 123 ? 6.880   -10.490 -8.250  1.00 38.38 ? 189 GLN D CA  1 
ATOM   569  C C   . GLN A 1 123 ? 7.716   -9.560  -9.118  1.00 36.37 ? 189 GLN D C   1 
ATOM   570  O O   . GLN A 1 123 ? 8.929   -9.443  -8.908  1.00 35.80 ? 189 GLN D O   1 
ATOM   571  C CB  . GLN A 1 123 ? 6.898   -11.917 -8.800  1.00 41.44 ? 189 GLN D CB  1 
ATOM   572  C CG  . GLN A 1 123 ? 8.288   -12.493 -9.014  1.00 44.47 ? 189 GLN D CG  1 
ATOM   573  C CD  . GLN A 1 123 ? 9.131   -12.484 -7.755  1.00 46.63 ? 189 GLN D CD  1 
ATOM   574  O OE1 . GLN A 1 123 ? 8.614   -12.636 -6.646  1.00 45.70 ? 189 GLN D OE1 1 
ATOM   575  N NE2 . GLN A 1 123 ? 10.436  -12.299 -7.918  1.00 44.37 ? 189 GLN D NE2 1 
ATOM   576  N N   . LYS A 1 124 ? 7.088   -8.883  -10.086 1.00 36.74 ? 190 LYS D N   1 
ATOM   577  C CA  . LYS A 1 124 ? 7.816   -7.956  -10.945 1.00 35.47 ? 190 LYS D CA  1 
ATOM   578  C C   . LYS A 1 124 ? 8.486   -6.836  -10.159 1.00 36.26 ? 190 LYS D C   1 
ATOM   579  O O   . LYS A 1 124 ? 9.486   -6.282  -10.627 1.00 36.20 ? 190 LYS D O   1 
ATOM   580  C CB  . LYS A 1 124 ? 6.879   -7.360  -11.995 1.00 37.53 ? 190 LYS D CB  1 
ATOM   581  C CG  . LYS A 1 124 ? 6.390   -8.346  -13.043 1.00 35.30 ? 190 LYS D CG  1 
ATOM   582  C CD  . LYS A 1 124 ? 5.556   -7.629  -14.093 1.00 42.24 ? 190 LYS D CD  1 
ATOM   583  C CE  . LYS A 1 124 ? 5.193   -8.548  -15.246 1.00 48.73 ? 190 LYS D CE  1 
ATOM   584  N NZ  . LYS A 1 124 ? 4.532   -7.797  -16.349 1.00 50.72 ? 190 LYS D NZ  1 
ATOM   585  N N   . CYS A 1 125 ? 7.965   -6.493  -8.976  1.00 30.80 ? 191 CYS D N   1 
ATOM   586  C CA  . CYS A 1 125 ? 8.590   -5.467  -8.151  1.00 32.02 ? 191 CYS D CA  1 
ATOM   587  C C   . CYS A 1 125 ? 9.938   -5.901  -7.594  1.00 33.21 ? 191 CYS D C   1 
ATOM   588  O O   . CYS A 1 125 ? 10.673  -5.057  -7.069  1.00 30.76 ? 191 CYS D O   1 
ATOM   589  C CB  . CYS A 1 125 ? 7.665   -5.082  -6.996  1.00 26.66 ? 191 CYS D CB  1 
ATOM   590  S SG  . CYS A 1 125 ? 6.054   -4.455  -7.505  1.00 28.11 ? 191 CYS D SG  1 
ATOM   591  N N   . PHE A 1 126 ? 10.274  -7.185  -7.689  1.00 31.10 ? 192 PHE D N   1 
ATOM   592  C CA  . PHE A 1 126 ? 11.509  -7.712  -7.133  1.00 36.70 ? 192 PHE D CA  1 
ATOM   593  C C   . PHE A 1 126 ? 12.450  -8.254  -8.193  1.00 39.77 ? 192 PHE D C   1 
ATOM   594  O O   . PHE A 1 126 ? 13.495  -8.812  -7.846  1.00 44.23 ? 192 PHE D O   1 
ATOM   595  C CB  . PHE A 1 126 ? 11.196  -8.810  -6.108  1.00 37.57 ? 192 PHE D CB  1 
ATOM   596  C CG  . PHE A 1 126 ? 10.247  -8.371  -5.032  1.00 35.04 ? 192 PHE D CG  1 
ATOM   597  C CD1 . PHE A 1 126 ? 10.721  -7.779  -3.874  1.00 34.55 ? 192 PHE D CD1 1 
ATOM   598  C CD2 . PHE A 1 126 ? 8.881   -8.535  -5.185  1.00 34.89 ? 192 PHE D CD2 1 
ATOM   599  C CE1 . PHE A 1 126 ? 9.851   -7.365  -2.885  1.00 30.45 ? 192 PHE D CE1 1 
ATOM   600  C CE2 . PHE A 1 126 ? 8.003   -8.125  -4.197  1.00 31.71 ? 192 PHE D CE2 1 
ATOM   601  C CZ  . PHE A 1 126 ? 8.489   -7.539  -3.046  1.00 31.79 ? 192 PHE D CZ  1 
ATOM   602  N N   . GLU A 1 127 ? 12.114  -8.107  -9.467  1.00 43.50 ? 193 GLU D N   1 
ATOM   603  C CA  . GLU A 1 127 ? 12.953  -8.571  -10.558 1.00 47.80 ? 193 GLU D CA  1 
ATOM   604  C C   . GLU A 1 127 ? 13.682  -7.396  -11.193 1.00 53.70 ? 193 GLU D C   1 
ATOM   605  O O   . GLU A 1 127 ? 13.165  -6.277  -11.249 1.00 51.76 ? 193 GLU D O   1 
ATOM   606  C CB  . GLU A 1 127 ? 12.119  -9.291  -11.618 1.00 45.21 ? 193 GLU D CB  1 
ATOM   607  C CG  . GLU A 1 127 ? 11.572  -10.635 -11.172 1.00 47.99 ? 193 GLU D CG  1 
ATOM   608  C CD  . GLU A 1 127 ? 10.408  -11.099 -12.029 1.00 53.49 ? 193 GLU D CD  1 
ATOM   609  O OE1 . GLU A 1 127 ? 10.009  -10.355 -12.951 1.00 53.28 ? 193 GLU D OE1 1 
ATOM   610  O OE2 . GLU A 1 127 ? 9.895   -12.210 -11.785 1.00 55.31 ? 193 GLU D OE2 1 
ATOM   611  N N   . ASP A 1 128 ? 14.895  -7.662  -11.664 1.00 61.38 ? 194 ASP D N   1 
ATOM   612  C CA  . ASP A 1 128 ? 15.618  -6.688  -12.469 1.00 65.04 ? 194 ASP D CA  1 
ATOM   613  C C   . ASP A 1 128 ? 16.438  -7.423  -13.515 1.00 65.15 ? 194 ASP D C   1 
ATOM   614  O O   . ASP A 1 128 ? 17.182  -8.353  -13.192 1.00 68.06 ? 194 ASP D O   1 
ATOM   615  C CB  . ASP A 1 128 ? 16.518  -5.786  -11.610 1.00 66.10 ? 194 ASP D CB  1 
ATOM   616  C CG  . ASP A 1 128 ? 17.388  -6.564  -10.636 1.00 67.45 ? 194 ASP D CG  1 
ATOM   617  O OD1 . ASP A 1 128 ? 18.387  -7.172  -11.074 1.00 66.71 ? 194 ASP D OD1 1 
ATOM   618  O OD2 . ASP A 1 128 ? 17.079  -6.552  -9.425  1.00 67.90 ? 194 ASP D OD2 1 
ATOM   619  N N   . SER A 1 129 ? 16.258  -7.027  -14.768 1.00 66.39 ? 195 SER D N   1 
ATOM   620  C CA  . SER A 1 129 ? 17.127  -7.397  -15.878 1.00 66.81 ? 195 SER D CA  1 
ATOM   621  C C   . SER A 1 129 ? 17.394  -6.163  -16.724 1.00 68.14 ? 195 SER D C   1 
ATOM   622  O O   . SER A 1 129 ? 17.297  -6.177  -17.952 1.00 68.12 ? 195 SER D O   1 
ATOM   623  C CB  . SER A 1 129 ? 16.517  -8.525  -16.710 1.00 65.44 ? 195 SER D CB  1 
ATOM   624  O OG  . SER A 1 129 ? 17.521  -9.278  -17.369 1.00 62.85 ? 195 SER D OG  1 
ATOM   625  N N   . ASN A 1 130 ? 17.718  -5.062  -16.046 1.00 67.76 ? 196 ASN D N   1 
ATOM   626  C CA  . ASN A 1 130 ? 17.811  -3.735  -16.639 1.00 67.93 ? 196 ASN D CA  1 
ATOM   627  C C   . ASN A 1 130 ? 19.188  -3.145  -16.353 1.00 61.30 ? 196 ASN D C   1 
ATOM   628  O O   . ASN A 1 130 ? 20.017  -3.738  -15.657 1.00 57.84 ? 196 ASN D O   1 
ATOM   629  C CB  . ASN A 1 130 ? 16.709  -2.812  -16.096 1.00 68.63 ? 196 ASN D CB  1 
ATOM   630  C CG  . ASN A 1 130 ? 15.313  -3.378  -16.296 1.00 72.53 ? 196 ASN D CG  1 
ATOM   631  O OD1 . ASN A 1 130 ? 14.695  -3.181  -17.344 1.00 71.01 ? 196 ASN D OD1 1 
ATOM   632  N ND2 . ASN A 1 130 ? 14.806  -4.080  -15.285 1.00 64.71 ? 196 ASN D ND2 1 
ATOM   633  N N   . GLY A 1 131 ? 19.426  -1.954  -16.891 1.00 60.39 ? 197 GLY D N   1 
ATOM   634  C CA  . GLY A 1 131 ? 20.654  -1.235  -16.625 1.00 60.54 ? 197 GLY D CA  1 
ATOM   635  C C   . GLY A 1 131 ? 20.738  -0.734  -15.197 1.00 59.78 ? 197 GLY D C   1 
ATOM   636  O O   . GLY A 1 131 ? 20.383  0.409   -14.911 1.00 68.59 ? 197 GLY D O   1 
ATOM   637  N N   . GLY B 2 1   ? 30.962  -22.116 4.316   1.00 50.43 ? 24  GLY E N   1 
ATOM   638  C CA  . GLY B 2 1   ? 30.111  -22.280 5.483   1.00 50.76 ? 24  GLY E CA  1 
ATOM   639  C C   . GLY B 2 1   ? 30.623  -21.509 6.683   1.00 45.96 ? 24  GLY E C   1 
ATOM   640  O O   . GLY B 2 1   ? 30.022  -20.515 7.090   1.00 51.55 ? 24  GLY E O   1 
ATOM   641  N N   . PRO B 2 2   ? 31.731  -21.977 7.265   1.00 42.90 ? 25  PRO E N   1 
ATOM   642  C CA  . PRO B 2 2   ? 32.369  -21.212 8.347   1.00 37.43 ? 25  PRO E CA  1 
ATOM   643  C C   . PRO B 2 2   ? 33.070  -19.951 7.869   1.00 41.40 ? 25  PRO E C   1 
ATOM   644  O O   . PRO B 2 2   ? 33.294  -19.045 8.682   1.00 39.69 ? 25  PRO E O   1 
ATOM   645  C CB  . PRO B 2 2   ? 33.375  -22.210 8.940   1.00 31.09 ? 25  PRO E CB  1 
ATOM   646  C CG  . PRO B 2 2   ? 32.918  -23.558 8.462   1.00 38.33 ? 25  PRO E CG  1 
ATOM   647  C CD  . PRO B 2 2   ? 32.330  -23.310 7.108   1.00 43.62 ? 25  PRO E CD  1 
ATOM   648  N N   . LEU B 2 3   ? 33.426  -19.861 6.588   1.00 36.49 ? 26  LEU E N   1 
ATOM   649  C CA  . LEU B 2 3   ? 34.149  -18.696 6.096   1.00 39.37 ? 26  LEU E CA  1 
ATOM   650  C C   . LEU B 2 3   ? 33.260  -17.456 6.118   1.00 41.97 ? 26  LEU E C   1 
ATOM   651  O O   . LEU B 2 3   ? 32.044  -17.526 5.916   1.00 40.81 ? 26  LEU E O   1 
ATOM   652  C CB  . LEU B 2 3   ? 34.666  -18.942 4.678   1.00 40.05 ? 26  LEU E CB  1 
ATOM   653  C CG  . LEU B 2 3   ? 35.720  -20.035 4.486   1.00 36.19 ? 26  LEU E CG  1 
ATOM   654  C CD1 . LEU B 2 3   ? 36.145  -20.116 3.026   1.00 36.41 ? 26  LEU E CD1 1 
ATOM   655  C CD2 . LEU B 2 3   ? 36.923  -19.799 5.389   1.00 33.12 ? 26  LEU E CD2 1 
ATOM   656  N N   . GLY B 2 4   ? 33.882  -16.313 6.375   1.00 39.06 ? 27  GLY E N   1 
ATOM   657  C CA  . GLY B 2 4   ? 33.188  -15.044 6.366   1.00 40.47 ? 27  GLY E CA  1 
ATOM   658  C C   . GLY B 2 4   ? 32.434  -14.774 7.657   1.00 43.43 ? 27  GLY E C   1 
ATOM   659  O O   . GLY B 2 4   ? 32.122  -15.672 8.440   1.00 43.76 ? 27  GLY E O   1 
ATOM   660  N N   . SER B 2 5   ? 32.142  -13.496 7.880   1.00 40.84 ? 28  SER E N   1 
ATOM   661  C CA  . SER B 2 5   ? 31.354  -13.096 9.035   1.00 46.41 ? 28  SER E CA  1 
ATOM   662  C C   . SER B 2 5   ? 29.865  -13.202 8.721   1.00 50.20 ? 28  SER E C   1 
ATOM   663  O O   . SER B 2 5   ? 29.441  -13.075 7.569   1.00 48.63 ? 28  SER E O   1 
ATOM   664  C CB  . SER B 2 5   ? 31.705  -11.670 9.461   1.00 46.00 ? 28  SER E CB  1 
ATOM   665  O OG  . SER B 2 5   ? 31.569  -10.762 8.382   1.00 49.08 ? 28  SER E OG  1 
ATOM   666  N N   . SER B 2 6   ? 29.074  -13.446 9.762   1.00 55.01 ? 29  SER E N   1 
ATOM   667  C CA  . SER B 2 6   ? 27.634  -13.583 9.599   1.00 57.60 ? 29  SER E CA  1 
ATOM   668  C C   . SER B 2 6   ? 26.964  -12.215 9.563   1.00 57.29 ? 29  SER E C   1 
ATOM   669  O O   . SER B 2 6   ? 27.476  -11.231 10.106  1.00 53.13 ? 29  SER E O   1 
ATOM   670  C CB  . SER B 2 6   ? 27.040  -14.426 10.730  1.00 56.67 ? 29  SER E CB  1 
ATOM   671  O OG  . SER B 2 6   ? 27.191  -13.779 11.980  1.00 57.87 ? 29  SER E OG  1 
ATOM   672  N N   . ALA B 2 7   ? 25.807  -12.163 8.909   1.00 61.74 ? 30  ALA E N   1 
ATOM   673  C CA  . ALA B 2 7   ? 25.070  -10.914 8.798   1.00 59.57 ? 30  ALA E CA  1 
ATOM   674  C C   . ALA B 2 7   ? 24.350  -10.602 10.103  1.00 58.28 ? 30  ALA E C   1 
ATOM   675  O O   . ALA B 2 7   ? 23.824  -11.496 10.773  1.00 50.31 ? 30  ALA E O   1 
ATOM   676  C CB  . ALA B 2 7   ? 24.066  -10.988 7.647   1.00 58.87 ? 30  ALA E CB  1 
ATOM   677  N N   . THR B 2 8   ? 24.341  -9.323  10.466  1.00 60.28 ? 31  THR E N   1 
ATOM   678  C CA  . THR B 2 8   ? 23.611  -8.885  11.643  1.00 60.97 ? 31  THR E CA  1 
ATOM   679  C C   . THR B 2 8   ? 22.109  -8.920  11.360  1.00 61.74 ? 31  THR E C   1 
ATOM   680  O O   . THR B 2 8   ? 21.688  -8.763  10.213  1.00 60.06 ? 31  THR E O   1 
ATOM   681  C CB  . THR B 2 8   ? 24.047  -7.477  12.045  1.00 59.98 ? 31  THR E CB  1 
ATOM   682  O OG1 . THR B 2 8   ? 23.859  -6.580  10.942  1.00 62.27 ? 31  THR E OG1 1 
ATOM   683  C CG2 . THR B 2 8   ? 25.517  -7.470  12.457  1.00 54.97 ? 31  THR E CG2 1 
ATOM   684  N N   . PRO B 2 9   ? 21.281  -9.134  12.388  1.00 60.22 ? 32  PRO E N   1 
ATOM   685  C CA  . PRO B 2 9   ? 19.837  -9.273  12.159  1.00 53.06 ? 32  PRO E CA  1 
ATOM   686  C C   . PRO B 2 9   ? 19.240  -8.047  11.481  1.00 52.64 ? 32  PRO E C   1 
ATOM   687  O O   . PRO B 2 9   ? 19.795  -6.946  11.516  1.00 51.32 ? 32  PRO E O   1 
ATOM   688  C CB  . PRO B 2 9   ? 19.266  -9.466  13.571  1.00 49.78 ? 32  PRO E CB  1 
ATOM   689  C CG  . PRO B 2 9   ? 20.333  -8.967  14.496  1.00 50.17 ? 32  PRO E CG  1 
ATOM   690  C CD  . PRO B 2 9   ? 21.625  -9.279  13.813  1.00 51.43 ? 32  PRO E CD  1 
ATOM   691  N N   . ARG B 2 10  ? 18.084  -8.257  10.855  1.00 52.48 ? 33  ARG E N   1 
ATOM   692  C CA  . ARG B 2 10  ? 17.497  -7.246  9.985   1.00 49.79 ? 33  ARG E CA  1 
ATOM   693  C C   . ARG B 2 10  ? 17.079  -6.014  10.777  1.00 44.66 ? 33  ARG E C   1 
ATOM   694  O O   . ARG B 2 10  ? 16.436  -6.119  11.825  1.00 45.15 ? 33  ARG E O   1 
ATOM   695  C CB  . ARG B 2 10  ? 16.302  -7.825  9.230   1.00 49.07 ? 33  ARG E CB  1 
ATOM   696  C CG  . ARG B 2 10  ? 15.662  -6.845  8.264   1.00 42.94 ? 33  ARG E CG  1 
ATOM   697  C CD  . ARG B 2 10  ? 14.673  -7.533  7.343   1.00 43.88 ? 33  ARG E CD  1 
ATOM   698  N NE  . ARG B 2 10  ? 14.125  -6.606  6.357   1.00 34.07 ? 33  ARG E NE  1 
ATOM   699  C CZ  . ARG B 2 10  ? 13.281  -6.957  5.393   1.00 34.49 ? 33  ARG E CZ  1 
ATOM   700  N NH1 . ARG B 2 10  ? 12.884  -8.217  5.282   1.00 35.46 ? 33  ARG E NH1 1 
ATOM   701  N NH2 . ARG B 2 10  ? 12.831  -6.046  4.541   1.00 31.30 ? 33  ARG E NH2 1 
ATOM   702  N N   . GLU B 2 11  ? 17.447  -4.843  10.263  1.00 44.80 ? 34  GLU E N   1 
ATOM   703  C CA  . GLU B 2 11  ? 17.121  -3.560  10.869  1.00 45.80 ? 34  GLU E CA  1 
ATOM   704  C C   . GLU B 2 11  ? 16.270  -2.667  9.976   1.00 45.75 ? 34  GLU E C   1 
ATOM   705  O O   . GLU B 2 11  ? 15.496  -1.858  10.494  1.00 39.35 ? 34  GLU E O   1 
ATOM   706  C CB  . GLU B 2 11  ? 18.414  -2.818  11.247  1.00 51.95 ? 34  GLU E CB  1 
ATOM   707  C CG  . GLU B 2 11  ? 18.219  -1.456  11.889  1.00 56.97 ? 34  GLU E CG  1 
ATOM   708  C CD  . GLU B 2 11  ? 19.352  -0.497  11.567  1.00 68.23 ? 34  GLU E CD  1 
ATOM   709  O OE1 . GLU B 2 11  ? 19.065  0.648   11.155  1.00 70.77 ? 34  GLU E OE1 1 
ATOM   710  O OE2 . GLU B 2 11  ? 20.529  -0.890  11.719  1.00 70.67 ? 34  GLU E OE2 1 
ATOM   711  N N   . ASP B 2 12  ? 16.380  -2.802  8.655   1.00 42.32 ? 35  ASP E N   1 
ATOM   712  C CA  . ASP B 2 12  ? 15.559  -2.050  7.711   1.00 38.83 ? 35  ASP E CA  1 
ATOM   713  C C   . ASP B 2 12  ? 14.328  -2.884  7.378   1.00 33.11 ? 35  ASP E C   1 
ATOM   714  O O   . ASP B 2 12  ? 14.425  -3.891  6.672   1.00 34.93 ? 35  ASP E O   1 
ATOM   715  C CB  . ASP B 2 12  ? 16.354  -1.718  6.451   1.00 39.90 ? 35  ASP E CB  1 
ATOM   716  C CG  . ASP B 2 12  ? 15.608  -0.784  5.513   1.00 39.66 ? 35  ASP E CG  1 
ATOM   717  O OD1 . ASP B 2 12  ? 14.407  -0.522  5.738   1.00 36.72 ? 35  ASP E OD1 1 
ATOM   718  O OD2 . ASP B 2 12  ? 16.232  -0.310  4.540   1.00 45.25 ? 35  ASP E OD2 1 
ATOM   719  N N   . PHE B 2 13  ? 13.172  -2.460  7.878   1.00 30.67 ? 36  PHE E N   1 
ATOM   720  C CA  . PHE B 2 13  ? 11.939  -3.215  7.707   1.00 27.57 ? 36  PHE E CA  1 
ATOM   721  C C   . PHE B 2 13  ? 11.163  -2.827  6.455   1.00 27.50 ? 36  PHE E C   1 
ATOM   722  O O   . PHE B 2 13  ? 10.117  -3.425  6.186   1.00 25.18 ? 36  PHE E O   1 
ATOM   723  C CB  . PHE B 2 13  ? 11.055  -3.049  8.944   1.00 28.72 ? 36  PHE E CB  1 
ATOM   724  C CG  . PHE B 2 13  ? 11.635  -3.676  10.173  1.00 29.65 ? 36  PHE E CG  1 
ATOM   725  C CD1 . PHE B 2 13  ? 11.451  -5.023  10.425  1.00 28.00 ? 36  PHE E CD1 1 
ATOM   726  C CD2 . PHE B 2 13  ? 12.380  -2.926  11.065  1.00 33.72 ? 36  PHE E CD2 1 
ATOM   727  C CE1 . PHE B 2 13  ? 11.993  -5.612  11.549  1.00 28.22 ? 36  PHE E CE1 1 
ATOM   728  C CE2 . PHE B 2 13  ? 12.922  -3.507  12.191  1.00 33.43 ? 36  PHE E CE2 1 
ATOM   729  C CZ  . PHE B 2 13  ? 12.727  -4.854  12.434  1.00 28.25 ? 36  PHE E CZ  1 
ATOM   730  N N   . ARG B 2 14  ? 11.645  -1.850  5.691   1.00 27.47 ? 37  ARG E N   1 
ATOM   731  C CA  . ARG B 2 14  ? 11.004  -1.517  4.427   1.00 27.90 ? 37  ARG E CA  1 
ATOM   732  C C   . ARG B 2 14  ? 11.086  -2.700  3.471   1.00 30.00 ? 37  ARG E C   1 
ATOM   733  O O   . ARG B 2 14  ? 12.072  -3.443  3.460   1.00 29.63 ? 37  ARG E O   1 
ATOM   734  C CB  . ARG B 2 14  ? 11.664  -0.285  3.804   1.00 25.58 ? 37  ARG E CB  1 
ATOM   735  C CG  . ARG B 2 14  ? 11.498  0.989   4.614   1.00 26.68 ? 37  ARG E CG  1 
ATOM   736  C CD  . ARG B 2 14  ? 12.284  2.136   4.000   1.00 29.56 ? 37  ARG E CD  1 
ATOM   737  N NE  . ARG B 2 14  ? 13.711  1.832   3.930   1.00 34.62 ? 37  ARG E NE  1 
ATOM   738  C CZ  . ARG B 2 14  ? 14.617  2.622   3.363   1.00 40.69 ? 37  ARG E CZ  1 
ATOM   739  N NH1 . ARG B 2 14  ? 14.249  3.772   2.812   1.00 38.05 ? 37  ARG E NH1 1 
ATOM   740  N NH2 . ARG B 2 14  ? 15.894  2.261   3.342   1.00 41.48 ? 37  ARG E NH2 1 
ATOM   741  N N   . VAL B 2 15  ? 10.031  -2.883  2.677   1.00 29.07 ? 38  VAL E N   1 
ATOM   742  C CA  . VAL B 2 15  ? 10.015  -3.955  1.689   1.00 27.81 ? 38  VAL E CA  1 
ATOM   743  C C   . VAL B 2 15  ? 11.072  -3.672  0.630   1.00 25.29 ? 38  VAL E C   1 
ATOM   744  O O   . VAL B 2 15  ? 11.100  -2.590  0.033   1.00 30.90 ? 38  VAL E O   1 
ATOM   745  C CB  . VAL B 2 15  ? 8.616   -4.095  1.071   1.00 27.81 ? 38  VAL E CB  1 
ATOM   746  C CG1 . VAL B 2 15  ? 8.565   -5.284  0.124   1.00 28.93 ? 38  VAL E CG1 1 
ATOM   747  C CG2 . VAL B 2 15  ? 7.571   -4.229  2.166   1.00 22.51 ? 38  VAL E CG2 1 
ATOM   748  N N   . ARG B 2 16  ? 11.954  -4.643  0.402   1.00 29.12 ? 39  ARG E N   1 
ATOM   749  C CA  . ARG B 2 16  ? 13.112  -4.472  -0.476  1.00 32.17 ? 39  ARG E CA  1 
ATOM   750  C C   . ARG B 2 16  ? 12.693  -4.734  -1.916  1.00 32.47 ? 39  ARG E C   1 
ATOM   751  O O   . ARG B 2 16  ? 12.615  -5.883  -2.352  1.00 32.43 ? 39  ARG E O   1 
ATOM   752  C CB  . ARG B 2 16  ? 14.241  -5.408  -0.059  1.00 33.20 ? 39  ARG E CB  1 
ATOM   753  C CG  . ARG B 2 16  ? 14.944  -4.989  1.216   1.00 39.32 ? 39  ARG E CG  1 
ATOM   754  C CD  . ARG B 2 16  ? 15.575  -6.170  1.932   1.00 44.18 ? 39  ARG E CD  1 
ATOM   755  N NE  . ARG B 2 16  ? 16.281  -5.740  3.137   1.00 51.12 ? 39  ARG E NE  1 
ATOM   756  C CZ  . ARG B 2 16  ? 16.771  -6.566  4.055   1.00 54.07 ? 39  ARG E CZ  1 
ATOM   757  N NH1 . ARG B 2 16  ? 16.628  -7.878  3.915   1.00 52.49 ? 39  ARG E NH1 1 
ATOM   758  N NH2 . ARG B 2 16  ? 17.400  -6.079  5.116   1.00 53.93 ? 39  ARG E NH2 1 
ATOM   759  N N   . CYS B 2 17  ? 12.438  -3.669  -2.666  1.00 31.87 ? 40  CYS E N   1 
ATOM   760  C CA  . CYS B 2 17  ? 12.024  -3.779  -4.055  1.00 32.63 ? 40  CYS E CA  1 
ATOM   761  C C   . CYS B 2 17  ? 13.163  -3.376  -4.980  1.00 35.32 ? 40  CYS E C   1 
ATOM   762  O O   . CYS B 2 17  ? 14.127  -2.722  -4.571  1.00 38.89 ? 40  CYS E O   1 
ATOM   763  C CB  . CYS B 2 17  ? 10.791  -2.913  -4.329  1.00 29.59 ? 40  CYS E CB  1 
ATOM   764  S SG  . CYS B 2 17  ? 9.311   -3.469  -3.456  1.00 31.65 ? 40  CYS E SG  1 
ATOM   765  N N   . THR B 2 18  ? 13.038  -3.778  -6.244  1.00 38.45 ? 41  THR E N   1 
ATOM   766  C CA  . THR B 2 18  ? 14.055  -3.518  -7.254  1.00 40.84 ? 41  THR E CA  1 
ATOM   767  C C   . THR B 2 18  ? 13.581  -2.635  -8.397  1.00 39.24 ? 41  THR E C   1 
ATOM   768  O O   . THR B 2 18  ? 14.409  -1.957  -9.007  1.00 44.20 ? 41  THR E O   1 
ATOM   769  C CB  . THR B 2 18  ? 14.573  -4.836  -7.849  1.00 41.26 ? 41  THR E CB  1 
ATOM   770  O OG1 . THR B 2 18  ? 13.514  -5.488  -8.561  1.00 46.40 ? 41  THR E OG1 1 
ATOM   771  C CG2 . THR B 2 18  ? 15.078  -5.758  -6.753  1.00 42.85 ? 41  THR E CG2 1 
ATOM   772  N N   . SER B 2 19  ? 12.286  -2.625  -8.711  1.00 38.20 ? 42  SER E N   1 
ATOM   773  C CA  . SER B 2 19  ? 11.766  -1.921  -9.879  1.00 36.14 ? 42  SER E CA  1 
ATOM   774  C C   . SER B 2 19  ? 10.788  -0.840  -9.438  1.00 32.28 ? 42  SER E C   1 
ATOM   775  O O   . SER B 2 19  ? 9.690   -1.142  -8.958  1.00 28.40 ? 42  SER E O   1 
ATOM   776  C CB  . SER B 2 19  ? 11.096  -2.892  -10.849 1.00 32.27 ? 42  SER E CB  1 
ATOM   777  O OG  . SER B 2 19  ? 10.493  -2.183  -11.913 1.00 30.91 ? 42  SER E OG  1 
ATOM   778  N N   . LYS B 2 20  ? 11.179  0.421   -9.632  1.00 33.45 ? 43  LYS E N   1 
ATOM   779  C CA  . LYS B 2 20  ? 10.292  1.538   -9.330  1.00 29.75 ? 43  LYS E CA  1 
ATOM   780  C C   . LYS B 2 20  ? 9.077   1.549   -10.251 1.00 29.93 ? 43  LYS E C   1 
ATOM   781  O O   . LYS B 2 20  ? 7.965   1.875   -9.819  1.00 31.71 ? 43  LYS E O   1 
ATOM   782  C CB  . LYS B 2 20  ? 11.073  2.846   -9.442  1.00 34.51 ? 43  LYS E CB  1 
ATOM   783  C CG  . LYS B 2 20  ? 10.450  4.038   -8.750  1.00 35.52 ? 43  LYS E CG  1 
ATOM   784  C CD  . LYS B 2 20  ? 11.457  5.175   -8.659  1.00 38.20 ? 43  LYS E CD  1 
ATOM   785  C CE  . LYS B 2 20  ? 10.807  6.464   -8.191  1.00 39.15 ? 43  LYS E CE  1 
ATOM   786  N NZ  . LYS B 2 20  ? 11.804  7.560   -8.045  1.00 46.05 ? 43  LYS E NZ  1 
ATOM   787  N N   . ARG B 2 21  ? 9.264   1.196   -11.525 1.00 33.01 ? 44  ARG E N   1 
ATOM   788  C CA  . ARG B 2 21  ? 8.143   1.211   -12.458 1.00 28.80 ? 44  ARG E CA  1 
ATOM   789  C C   . ARG B 2 21  ? 7.111   0.149   -12.106 1.00 25.12 ? 44  ARG E C   1 
ATOM   790  O O   . ARG B 2 21  ? 5.904   0.403   -12.178 1.00 25.83 ? 44  ARG E O   1 
ATOM   791  C CB  . ARG B 2 21  ? 8.635   1.010   -13.889 1.00 31.74 ? 44  ARG E CB  1 
ATOM   792  C CG  . ARG B 2 21  ? 7.512   0.956   -14.908 1.00 35.29 ? 44  ARG E CG  1 
ATOM   793  C CD  . ARG B 2 21  ? 8.028   0.574   -16.286 1.00 43.20 ? 44  ARG E CD  1 
ATOM   794  N NE  . ARG B 2 21  ? 9.112   1.447   -16.726 1.00 49.68 ? 44  ARG E NE  1 
ATOM   795  C CZ  . ARG B 2 21  ? 9.796   1.279   -17.853 1.00 55.60 ? 44  ARG E CZ  1 
ATOM   796  N NH1 . ARG B 2 21  ? 9.508   0.268   -18.665 1.00 50.88 ? 44  ARG E NH1 1 
ATOM   797  N NH2 . ARG B 2 21  ? 10.770  2.124   -18.170 1.00 57.09 ? 44  ARG E NH2 1 
ATOM   798  N N   . ALA B 2 22  ? 7.567   -1.047  -11.727 1.00 26.94 ? 45  ALA E N   1 
ATOM   799  C CA  . ALA B 2 22  ? 6.640   -2.124  -11.389 1.00 26.66 ? 45  ALA E CA  1 
ATOM   800  C C   . ALA B 2 22  ? 5.802   -1.776  -10.161 1.00 28.67 ? 45  ALA E C   1 
ATOM   801  O O   . ALA B 2 22  ? 4.620   -2.137  -10.084 1.00 26.02 ? 45  ALA E O   1 
ATOM   802  C CB  . ALA B 2 22  ? 7.412   -3.424  -11.168 1.00 28.04 ? 45  ALA E CB  1 
ATOM   803  N N   . VAL B 2 23  ? 6.395   -1.083  -9.188  1.00 24.70 ? 46  VAL E N   1 
ATOM   804  C CA  . VAL B 2 23  ? 5.625   -0.625  -8.035  1.00 23.90 ? 46  VAL E CA  1 
ATOM   805  C C   . VAL B 2 23  ? 4.582   0.396   -8.468  1.00 25.09 ? 46  VAL E C   1 
ATOM   806  O O   . VAL B 2 23  ? 3.425   0.349   -8.029  1.00 28.47 ? 46  VAL E O   1 
ATOM   807  C CB  . VAL B 2 23  ? 6.562   -0.054  -6.954  1.00 25.90 ? 46  VAL E CB  1 
ATOM   808  C CG1 . VAL B 2 23  ? 5.756   0.554   -5.810  1.00 20.92 ? 46  VAL E CG1 1 
ATOM   809  C CG2 . VAL B 2 23  ? 7.500   -1.132  -6.437  1.00 23.52 ? 46  VAL E CG2 1 
ATOM   810  N N   . THR B 2 24  ? 4.972   1.329   -9.343  1.00 24.48 ? 47  THR E N   1 
ATOM   811  C CA  . THR B 2 24  ? 4.040   2.336   -9.842  1.00 24.67 ? 47  THR E CA  1 
ATOM   812  C C   . THR B 2 24  ? 2.855   1.691   -10.553 1.00 24.01 ? 47  THR E C   1 
ATOM   813  O O   . THR B 2 24  ? 1.711   2.135   -10.403 1.00 25.50 ? 47  THR E O   1 
ATOM   814  C CB  . THR B 2 24  ? 4.770   3.302   -10.778 1.00 28.14 ? 47  THR E CB  1 
ATOM   815  O OG1 . THR B 2 24  ? 5.653   4.133   -10.015 1.00 32.29 ? 47  THR E OG1 1 
ATOM   816  C CG2 . THR B 2 24  ? 3.788   4.181   -11.539 1.00 29.08 ? 47  THR E CG2 1 
ATOM   817  N N   . GLU B 2 25  ? 3.109   0.632   -11.323 1.00 25.21 ? 48  GLU E N   1 
ATOM   818  C CA  . GLU B 2 25  ? 2.025   -0.031  -12.038 1.00 25.62 ? 48  GLU E CA  1 
ATOM   819  C C   . GLU B 2 25  ? 1.120   -0.795  -11.080 1.00 26.12 ? 48  GLU E C   1 
ATOM   820  O O   . GLU B 2 25  ? -0.106  -0.810  -11.252 1.00 27.61 ? 48  GLU E O   1 
ATOM   821  C CB  . GLU B 2 25  ? 2.609   -0.944  -13.118 1.00 27.41 ? 48  GLU E CB  1 
ATOM   822  C CG  . GLU B 2 25  ? 3.389   -0.155  -14.164 1.00 27.39 ? 48  GLU E CG  1 
ATOM   823  C CD  . GLU B 2 25  ? 4.031   -1.013  -15.240 1.00 32.57 ? 48  GLU E CD  1 
ATOM   824  O OE1 . GLU B 2 25  ? 4.355   -2.189  -14.972 1.00 34.19 ? 48  GLU E OE1 1 
ATOM   825  O OE2 . GLU B 2 25  ? 4.217   -0.495  -16.362 1.00 35.58 ? 48  GLU E OE2 1 
ATOM   826  N N   . MET B 2 26  ? 1.706   -1.421  -10.057 1.00 26.94 ? 49  MET E N   1 
ATOM   827  C CA  . MET B 2 26  ? 0.913   -2.049  -9.004  1.00 26.32 ? 49  MET E CA  1 
ATOM   828  C C   . MET B 2 26  ? 0.030   -1.031  -8.288  1.00 25.30 ? 49  MET E C   1 
ATOM   829  O O   . MET B 2 26  ? -1.141  -1.306  -8.003  1.00 24.93 ? 49  MET E O   1 
ATOM   830  C CB  . MET B 2 26  ? 1.842   -2.745  -8.012  1.00 25.36 ? 49  MET E CB  1 
ATOM   831  C CG  . MET B 2 26  ? 1.186   -3.131  -6.699  1.00 31.40 ? 49  MET E CG  1 
ATOM   832  S SD  . MET B 2 26  ? 2.404   -3.497  -5.417  1.00 47.97 ? 49  MET E SD  1 
ATOM   833  C CE  . MET B 2 26  ? 3.183   -1.900  -5.201  1.00 32.56 ? 49  MET E CE  1 
ATOM   834  N N   . LEU B 2 27  ? 0.575   0.152   -7.989  1.00 22.90 ? 50  LEU E N   1 
ATOM   835  C CA  . LEU B 2 27  ? -0.217  1.190   -7.334  1.00 23.09 ? 50  LEU E CA  1 
ATOM   836  C C   . LEU B 2 27  ? -1.354  1.669   -8.227  1.00 25.69 ? 50  LEU E C   1 
ATOM   837  O O   . LEU B 2 27  ? -2.444  1.993   -7.738  1.00 23.63 ? 50  LEU E O   1 
ATOM   838  C CB  . LEU B 2 27  ? 0.677   2.363   -6.932  1.00 23.88 ? 50  LEU E CB  1 
ATOM   839  C CG  . LEU B 2 27  ? 1.697   2.067   -5.827  1.00 25.20 ? 50  LEU E CG  1 
ATOM   840  C CD1 . LEU B 2 27  ? 2.533   3.298   -5.516  1.00 28.00 ? 50  LEU E CD1 1 
ATOM   841  C CD2 . LEU B 2 27  ? 1.008   1.558   -4.576  1.00 29.52 ? 50  LEU E CD2 1 
ATOM   842  N N   . GLN B 2 28  ? -1.122  1.729   -9.542  1.00 23.71 ? 51  GLN E N   1 
ATOM   843  C CA  . GLN B 2 28  ? -2.198  2.114   -10.453 1.00 25.85 ? 51  GLN E CA  1 
ATOM   844  C C   . GLN B 2 28  ? -3.349  1.120   -10.394 1.00 24.22 ? 51  GLN E C   1 
ATOM   845  O O   . GLN B 2 28  ? -4.522  1.516   -10.387 1.00 22.69 ? 51  GLN E O   1 
ATOM   846  C CB  . GLN B 2 28  ? -1.669  2.237   -11.882 1.00 20.55 ? 51  GLN E CB  1 
ATOM   847  C CG  . GLN B 2 28  ? -0.719  3.404   -12.081 1.00 22.15 ? 51  GLN E CG  1 
ATOM   848  C CD  . GLN B 2 28  ? -0.199  3.505   -13.500 1.00 27.21 ? 51  GLN E CD  1 
ATOM   849  O OE1 . GLN B 2 28  ? -0.608  2.746   -14.382 1.00 25.50 ? 51  GLN E OE1 1 
ATOM   850  N NE2 . GLN B 2 28  ? 0.700   4.452   -13.731 1.00 22.19 ? 51  GLN E NE2 1 
ATOM   851  N N   . LEU B 2 29  ? -3.035  -0.177  -10.338 1.00 25.02 ? 52  LEU E N   1 
ATOM   852  C CA  . LEU B 2 29  ? -4.081  -1.194  -10.234 1.00 25.55 ? 52  LEU E CA  1 
ATOM   853  C C   . LEU B 2 29  ? -4.856  -1.054  -8.930  1.00 28.49 ? 52  LEU E C   1 
ATOM   854  O O   . LEU B 2 29  ? -6.095  -1.027  -8.929  1.00 29.13 ? 52  LEU E O   1 
ATOM   855  C CB  . LEU B 2 29  ? -3.466  -2.591  -10.347 1.00 27.06 ? 52  LEU E CB  1 
ATOM   856  C CG  . LEU B 2 29  ? -2.917  -2.986  -11.722 1.00 27.07 ? 52  LEU E CG  1 
ATOM   857  C CD1 . LEU B 2 29  ? -2.096  -4.263  -11.635 1.00 27.86 ? 52  LEU E CD1 1 
ATOM   858  C CD2 . LEU B 2 29  ? -4.050  -3.151  -12.718 1.00 24.69 ? 52  LEU E CD2 1 
ATOM   859  N N   . CYS B 2 30  ? -4.142  -0.966  -7.805  1.00 26.02 ? 53  CYS E N   1 
ATOM   860  C CA  . CYS B 2 30  ? -4.797  -0.812  -6.511  1.00 27.14 ? 53  CYS E CA  1 
ATOM   861  C C   . CYS B 2 30  ? -5.509  0.524   -6.375  1.00 27.93 ? 53  CYS E C   1 
ATOM   862  O O   . CYS B 2 30  ? -6.419  0.643   -5.549  1.00 27.49 ? 53  CYS E O   1 
ATOM   863  C CB  . CYS B 2 30  ? -3.779  -0.962  -5.382  1.00 22.20 ? 53  CYS E CB  1 
ATOM   864  S SG  . CYS B 2 30  ? -3.010  -2.589  -5.330  1.00 28.39 ? 53  CYS E SG  1 
ATOM   865  N N   . GLY B 2 31  ? -5.117  1.530   -7.158  1.00 25.28 ? 54  GLY E N   1 
ATOM   866  C CA  . GLY B 2 31  ? -5.789  2.815   -7.089  1.00 25.05 ? 54  GLY E CA  1 
ATOM   867  C C   . GLY B 2 31  ? -7.266  2.743   -7.405  1.00 27.41 ? 54  GLY E C   1 
ATOM   868  O O   . GLY B 2 31  ? -8.020  3.643   -7.021  1.00 32.77 ? 54  GLY E O   1 
ATOM   869  N N   . ARG B 2 32  ? -7.698  1.690   -8.102  1.00 30.31 ? 55  ARG E N   1 
ATOM   870  C CA  . ARG B 2 32  ? -9.112  1.530   -8.411  1.00 32.58 ? 55  ARG E CA  1 
ATOM   871  C C   . ARG B 2 32  ? -9.945  1.373   -7.148  1.00 31.43 ? 55  ARG E C   1 
ATOM   872  O O   . ARG B 2 32  ? -11.083 1.849   -7.093  1.00 31.37 ? 55  ARG E O   1 
ATOM   873  C CB  . ARG B 2 32  ? -9.304  0.328   -9.339  1.00 37.00 ? 55  ARG E CB  1 
ATOM   874  C CG  . ARG B 2 32  ? -10.744 0.035   -9.721  1.00 43.87 ? 55  ARG E CG  1 
ATOM   875  C CD  . ARG B 2 32  ? -10.807 -0.843  -10.968 1.00 49.44 ? 55  ARG E CD  1 
ATOM   876  N NE  . ARG B 2 32  ? -12.074 -1.565  -11.076 1.00 59.98 ? 55  ARG E NE  1 
ATOM   877  C CZ  . ARG B 2 32  ? -13.184 -1.062  -11.608 1.00 60.04 ? 55  ARG E CZ  1 
ATOM   878  N NH1 . ARG B 2 32  ? -13.194 0.175   -12.083 1.00 57.25 ? 55  ARG E NH1 1 
ATOM   879  N NH2 . ARG B 2 32  ? -14.288 -1.798  -11.661 1.00 61.77 ? 55  ARG E NH2 1 
ATOM   880  N N   . PHE B 2 33  ? -9.391  0.728   -6.119  1.00 27.70 ? 56  PHE E N   1 
ATOM   881  C CA  . PHE B 2 33  ? -10.141 0.534   -4.880  1.00 28.84 ? 56  PHE E CA  1 
ATOM   882  C C   . PHE B 2 33  ? -10.292 1.835   -4.102  1.00 31.79 ? 56  PHE E C   1 
ATOM   883  O O   . PHE B 2 33  ? -11.286 2.014   -3.388  1.00 33.32 ? 56  PHE E O   1 
ATOM   884  C CB  . PHE B 2 33  ? -9.467  -0.545  -4.031  1.00 26.16 ? 56  PHE E CB  1 
ATOM   885  C CG  . PHE B 2 33  ? -9.438  -1.891  -4.695  1.00 30.48 ? 56  PHE E CG  1 
ATOM   886  C CD1 . PHE B 2 33  ? -10.444 -2.814  -4.460  1.00 34.97 ? 56  PHE E CD1 1 
ATOM   887  C CD2 . PHE B 2 33  ? -8.423  -2.222  -5.578  1.00 31.71 ? 56  PHE E CD2 1 
ATOM   888  C CE1 . PHE B 2 33  ? -10.428 -4.048  -5.081  1.00 32.53 ? 56  PHE E CE1 1 
ATOM   889  C CE2 . PHE B 2 33  ? -8.404  -3.452  -6.204  1.00 31.92 ? 56  PHE E CE2 1 
ATOM   890  C CZ  . PHE B 2 33  ? -9.407  -4.366  -5.955  1.00 35.13 ? 56  PHE E CZ  1 
ATOM   891  N N   . VAL B 2 34  ? -9.338  2.758   -4.231  1.00 26.91 ? 57  VAL E N   1 
ATOM   892  C CA  . VAL B 2 34  ? -9.512  4.074   -3.626  1.00 28.67 ? 57  VAL E CA  1 
ATOM   893  C C   . VAL B 2 34  ? -10.626 4.840   -4.332  1.00 32.99 ? 57  VAL E C   1 
ATOM   894  O O   . VAL B 2 34  ? -11.428 5.529   -3.689  1.00 28.43 ? 57  VAL E O   1 
ATOM   895  C CB  . VAL B 2 34  ? -8.187  4.855   -3.647  1.00 30.17 ? 57  VAL E CB  1 
ATOM   896  C CG1 . VAL B 2 34  ? -8.381  6.241   -3.053  1.00 30.77 ? 57  VAL E CG1 1 
ATOM   897  C CG2 . VAL B 2 34  ? -7.112  4.091   -2.891  1.00 28.41 ? 57  VAL E CG2 1 
ATOM   898  N N   . GLN B 2 35  ? -10.694 4.733   -5.664  1.00 30.66 ? 58  GLN E N   1 
ATOM   899  C CA  . GLN B 2 35  ? -11.735 5.426   -6.418  1.00 33.78 ? 58  GLN E CA  1 
ATOM   900  C C   . GLN B 2 35  ? -13.124 4.940   -6.026  1.00 32.94 ? 58  GLN E C   1 
ATOM   901  O O   . GLN B 2 35  ? -14.072 5.730   -5.976  1.00 37.76 ? 58  GLN E O   1 
ATOM   902  C CB  . GLN B 2 35  ? -11.510 5.238   -7.919  1.00 34.76 ? 58  GLN E CB  1 
ATOM   903  C CG  . GLN B 2 35  ? -10.198 5.807   -8.425  1.00 37.63 ? 58  GLN E CG  1 
ATOM   904  C CD  . GLN B 2 35  ? -10.188 7.320   -8.431  1.00 47.27 ? 58  GLN E CD  1 
ATOM   905  O OE1 . GLN B 2 35  ? -9.224  7.948   -7.992  1.00 53.51 ? 58  GLN E OE1 1 
ATOM   906  N NE2 . GLN B 2 35  ? -11.262 7.917   -8.936  1.00 51.42 ? 58  GLN E NE2 1 
ATOM   907  N N   . LYS B 2 36  ? -13.263 3.643   -5.737  1.00 34.92 ? 59  LYS E N   1 
ATOM   908  C CA  . LYS B 2 36  ? -14.562 3.099   -5.358  1.00 37.92 ? 59  LYS E CA  1 
ATOM   909  C C   . LYS B 2 36  ? -15.086 3.696   -4.059  1.00 38.83 ? 59  LYS E C   1 
ATOM   910  O O   . LYS B 2 36  ? -16.289 3.611   -3.794  1.00 40.84 ? 59  LYS E O   1 
ATOM   911  C CB  . LYS B 2 36  ? -14.485 1.576   -5.232  1.00 38.08 ? 59  LYS E CB  1 
ATOM   912  C CG  . LYS B 2 36  ? -13.975 0.868   -6.473  1.00 43.97 ? 59  LYS E CG  1 
ATOM   913  C CD  . LYS B 2 36  ? -14.788 1.222   -7.703  1.00 46.39 ? 59  LYS E CD  1 
ATOM   914  C CE  . LYS B 2 36  ? -15.438 -0.018  -8.301  1.00 54.49 ? 59  LYS E CE  1 
ATOM   915  N NZ  . LYS B 2 36  ? -16.265 0.299   -9.501  1.00 60.43 ? 59  LYS E NZ  1 
ATOM   916  N N   . LEU B 2 37  ? -14.214 4.287   -3.239  1.00 40.02 ? 60  LEU E N   1 
ATOM   917  C CA  . LEU B 2 37  ? -14.672 4.980   -2.040  1.00 37.91 ? 60  LEU E CA  1 
ATOM   918  C C   . LEU B 2 37  ? -15.520 6.198   -2.363  1.00 41.64 ? 60  LEU E C   1 
ATOM   919  O O   . LEU B 2 37  ? -16.310 6.623   -1.513  1.00 42.51 ? 60  LEU E O   1 
ATOM   920  C CB  . LEU B 2 37  ? -13.484 5.421   -1.193  1.00 36.82 ? 60  LEU E CB  1 
ATOM   921  C CG  . LEU B 2 37  ? -12.677 4.333   -0.505  1.00 37.59 ? 60  LEU E CG  1 
ATOM   922  C CD1 . LEU B 2 37  ? -11.288 4.874   -0.245  1.00 41.08 ? 60  LEU E CD1 1 
ATOM   923  C CD2 . LEU B 2 37  ? -13.358 3.924   0.790   1.00 34.90 ? 60  LEU E CD2 1 
ATOM   924  N N   . GLY B 2 38  ? -15.364 6.770   -3.562  1.00 40.43 ? 61  GLY E N   1 
ATOM   925  C CA  . GLY B 2 38  ? -16.114 7.963   -3.912  1.00 42.86 ? 61  GLY E CA  1 
ATOM   926  C C   . GLY B 2 38  ? -17.613 7.765   -3.832  1.00 48.04 ? 61  GLY E C   1 
ATOM   927  O O   . GLY B 2 38  ? -18.357 8.726   -3.635  1.00 52.31 ? 61  GLY E O   1 
ATOM   928  N N   . ASP B 2 39  ? -18.075 6.521   -3.982  1.00 45.36 ? 62  ASP E N   1 
ATOM   929  C CA  . ASP B 2 39  ? -19.497 6.233   -3.832  1.00 50.61 ? 62  ASP E CA  1 
ATOM   930  C C   . ASP B 2 39  ? -19.998 6.667   -2.460  1.00 55.67 ? 62  ASP E C   1 
ATOM   931  O O   . ASP B 2 39  ? -21.012 7.364   -2.350  1.00 61.66 ? 62  ASP E O   1 
ATOM   932  C CB  . ASP B 2 39  ? -19.758 4.741   -4.050  1.00 54.74 ? 62  ASP E CB  1 
ATOM   933  C CG  . ASP B 2 39  ? -19.089 4.203   -5.314  1.00 58.92 ? 62  ASP E CG  1 
ATOM   934  O OD1 . ASP B 2 39  ? -19.069 4.923   -6.339  1.00 57.59 ? 62  ASP E OD1 1 
ATOM   935  O OD2 . ASP B 2 39  ? -18.598 3.050   -5.280  1.00 63.08 ? 62  ASP E OD2 1 
ATOM   936  N N   . ALA B 2 40  ? -19.277 6.288   -1.403  1.00 49.93 ? 63  ALA E N   1 
ATOM   937  C CA  . ALA B 2 40  ? -19.674 6.635   -0.045  1.00 51.02 ? 63  ALA E CA  1 
ATOM   938  C C   . ALA B 2 40  ? -19.304 8.062   0.343   1.00 50.93 ? 63  ALA E C   1 
ATOM   939  O O   . ALA B 2 40  ? -19.665 8.498   1.442   1.00 53.23 ? 63  ALA E O   1 
ATOM   940  C CB  . ALA B 2 40  ? -19.045 5.658   0.950   1.00 52.66 ? 63  ALA E CB  1 
ATOM   941  N N   . LEU B 2 41  ? -18.601 8.797   -0.519  1.00 50.68 ? 64  LEU E N   1 
ATOM   942  C CA  . LEU B 2 41  ? -18.228 10.159  -0.157  1.00 48.83 ? 64  LEU E CA  1 
ATOM   943  C C   . LEU B 2 41  ? -19.268 11.151  -0.671  1.00 54.09 ? 64  LEU E C   1 
ATOM   944  O O   . LEU B 2 41  ? -19.827 10.959  -1.755  1.00 55.78 ? 64  LEU E O   1 
ATOM   945  C CB  . LEU B 2 41  ? -16.861 10.519  -0.730  1.00 46.41 ? 64  LEU E CB  1 
ATOM   946  C CG  . LEU B 2 41  ? -15.652 9.881   -0.049  1.00 46.08 ? 64  LEU E CG  1 
ATOM   947  C CD1 . LEU B 2 41  ? -14.359 10.395  -0.667  1.00 40.56 ? 64  LEU E CD1 1 
ATOM   948  C CD2 . LEU B 2 41  ? -15.686 10.155  1.444   1.00 42.74 ? 64  LEU E CD2 1 
ATOM   949  N N   . PRO B 2 42  ? -19.536 12.218  0.077   1.00 55.94 ? 65  PRO E N   1 
ATOM   950  C CA  . PRO B 2 42  ? -20.485 13.228  -0.397  1.00 56.99 ? 65  PRO E CA  1 
ATOM   951  C C   . PRO B 2 42  ? -19.875 14.088  -1.490  1.00 56.83 ? 65  PRO E C   1 
ATOM   952  O O   . PRO B 2 42  ? -18.667 14.336  -1.526  1.00 53.52 ? 65  PRO E O   1 
ATOM   953  C CB  . PRO B 2 42  ? -20.790 14.057  0.860   1.00 54.76 ? 65  PRO E CB  1 
ATOM   954  C CG  . PRO B 2 42  ? -19.972 13.447  1.981   1.00 55.90 ? 65  PRO E CG  1 
ATOM   955  C CD  . PRO B 2 42  ? -18.916 12.607  1.351   1.00 55.18 ? 65  PRO E CD  1 
ATOM   956  N N   . GLU B 2 43  ? -20.746 14.541  -2.397  1.00 56.72 ? 66  GLU E N   1 
ATOM   957  C CA  . GLU B 2 43  ? -20.301 15.314  -3.552  1.00 57.55 ? 66  GLU E CA  1 
ATOM   958  C C   . GLU B 2 43  ? -19.546 16.573  -3.140  1.00 54.35 ? 66  GLU E C   1 
ATOM   959  O O   . GLU B 2 43  ? -18.715 17.077  -3.906  1.00 53.41 ? 66  GLU E O   1 
ATOM   960  C CB  . GLU B 2 43  ? -21.511 15.666  -4.419  1.00 62.99 ? 66  GLU E CB  1 
ATOM   961  C CG  . GLU B 2 43  ? -21.209 16.510  -5.642  1.00 68.16 ? 66  GLU E CG  1 
ATOM   962  C CD  . GLU B 2 43  ? -22.439 16.745  -6.493  1.00 79.65 ? 66  GLU E CD  1 
ATOM   963  O OE1 . GLU B 2 43  ? -23.120 15.755  -6.834  1.00 82.33 ? 66  GLU E OE1 1 
ATOM   964  O OE2 . GLU B 2 43  ? -22.732 17.919  -6.809  1.00 81.11 ? 66  GLU E OE2 1 
ATOM   965  N N   . GLU B 2 44  ? -19.800 17.070  -1.926  1.00 57.27 ? 67  GLU E N   1 
ATOM   966  C CA  . GLU B 2 44  ? -19.187 18.313  -1.466  1.00 54.79 ? 67  GLU E CA  1 
ATOM   967  C C   . GLU B 2 44  ? -17.666 18.213  -1.432  1.00 55.35 ? 67  GLU E C   1 
ATOM   968  O O   . GLU B 2 44  ? -16.965 19.161  -1.807  1.00 56.65 ? 67  GLU E O   1 
ATOM   969  C CB  . GLU B 2 44  ? -19.736 18.668  -0.080  1.00 59.34 ? 67  GLU E CB  1 
ATOM   970  C CG  . GLU B 2 44  ? -19.582 20.130  0.310   1.00 68.23 ? 67  GLU E CG  1 
ATOM   971  C CD  . GLU B 2 44  ? -20.189 20.438  1.673   1.00 76.15 ? 67  GLU E CD  1 
ATOM   972  O OE1 . GLU B 2 44  ? -19.730 21.401  2.327   1.00 71.79 ? 67  GLU E OE1 1 
ATOM   973  O OE2 . GLU B 2 44  ? -21.125 19.720  2.092   1.00 76.02 ? 67  GLU E OE2 1 
ATOM   974  N N   . ILE B 2 45  ? -17.137 17.079  -0.971  1.00 50.59 ? 68  ILE E N   1 
ATOM   975  C CA  . ILE B 2 45  ? -15.710 16.900  -0.754  1.00 46.48 ? 68  ILE E CA  1 
ATOM   976  C C   . ILE B 2 45  ? -15.140 15.755  -1.580  1.00 42.04 ? 68  ILE E C   1 
ATOM   977  O O   . ILE B 2 45  ? -13.962 15.424  -1.436  1.00 37.04 ? 68  ILE E O   1 
ATOM   978  C CB  . ILE B 2 45  ? -15.400 16.683  0.741   1.00 44.43 ? 68  ILE E CB  1 
ATOM   979  C CG1 . ILE B 2 45  ? -16.238 15.522  1.282   1.00 45.02 ? 68  ILE E CG1 1 
ATOM   980  C CG2 . ILE B 2 45  ? -15.650 17.958  1.528   1.00 44.41 ? 68  ILE E CG2 1 
ATOM   981  C CD1 . ILE B 2 45  ? -15.575 14.745  2.401   1.00 43.19 ? 68  ILE E CD1 1 
ATOM   982  N N   . ARG B 2 46  ? -15.950 15.148  -2.454  1.00 43.49 ? 69  ARG E N   1 
ATOM   983  C CA  . ARG B 2 46  ? -15.564 13.886  -3.085  1.00 42.67 ? 69  ARG E CA  1 
ATOM   984  C C   . ARG B 2 46  ? -14.248 14.011  -3.846  1.00 37.04 ? 69  ARG E C   1 
ATOM   985  O O   . ARG B 2 46  ? -13.313 13.236  -3.615  1.00 37.83 ? 69  ARG E O   1 
ATOM   986  C CB  . ARG B 2 46  ? -16.676 13.397  -4.013  1.00 43.63 ? 69  ARG E CB  1 
ATOM   987  C CG  . ARG B 2 46  ? -16.346 12.086  -4.714  1.00 43.51 ? 69  ARG E CG  1 
ATOM   988  C CD  . ARG B 2 46  ? -17.511 11.567  -5.545  1.00 46.07 ? 69  ARG E CD  1 
ATOM   989  N NE  . ARG B 2 46  ? -18.706 11.344  -4.734  1.00 54.44 ? 69  ARG E NE  1 
ATOM   990  C CZ  . ARG B 2 46  ? -19.900 11.870  -4.998  1.00 58.87 ? 69  ARG E CZ  1 
ATOM   991  N NH1 . ARG B 2 46  ? -20.066 12.646  -6.059  1.00 59.46 ? 69  ARG E NH1 1 
ATOM   992  N NH2 . ARG B 2 46  ? -20.930 11.613  -4.202  1.00 60.83 ? 69  ARG E NH2 1 
ATOM   993  N N   . GLU B 2 47  ? -14.152 14.979  -4.759  1.00 35.60 ? 70  GLU E N   1 
ATOM   994  C CA  . GLU B 2 47  ? -12.951 15.090  -5.585  1.00 38.10 ? 70  GLU E CA  1 
ATOM   995  C C   . GLU B 2 47  ? -11.689 15.366  -4.774  1.00 32.91 ? 70  GLU E C   1 
ATOM   996  O O   . GLU B 2 47  ? -10.711 14.618  -4.931  1.00 31.95 ? 70  GLU E O   1 
ATOM   997  C CB  . GLU B 2 47  ? -13.155 16.149  -6.672  1.00 43.10 ? 70  GLU E CB  1 
ATOM   998  C CG  . GLU B 2 47  ? -14.084 15.731  -7.789  1.00 45.00 ? 70  GLU E CG  1 
ATOM   999  C CD  . GLU B 2 47  ? -14.020 16.681  -8.967  1.00 60.69 ? 70  GLU E CD  1 
ATOM   1000 O OE1 . GLU B 2 47  ? -13.739 17.881  -8.746  1.00 61.06 ? 70  GLU E OE1 1 
ATOM   1001 O OE2 . GLU B 2 47  ? -14.238 16.228  -10.112 1.00 65.87 ? 70  GLU E OE2 1 
ATOM   1002 N N   . PRO B 2 48  ? -11.624 16.394  -3.916  1.00 33.31 ? 71  PRO E N   1 
ATOM   1003 C CA  . PRO B 2 48  ? -10.386 16.593  -3.147  1.00 33.46 ? 71  PRO E CA  1 
ATOM   1004 C C   . PRO B 2 48  ? -10.098 15.463  -2.171  1.00 31.52 ? 71  PRO E C   1 
ATOM   1005 O O   . PRO B 2 48  ? -8.923  15.157  -1.935  1.00 28.75 ? 71  PRO E O   1 
ATOM   1006 C CB  . PRO B 2 48  ? -10.635 17.922  -2.420  1.00 36.05 ? 71  PRO E CB  1 
ATOM   1007 C CG  . PRO B 2 48  ? -12.111 18.018  -2.322  1.00 34.11 ? 71  PRO E CG  1 
ATOM   1008 C CD  . PRO B 2 48  ? -12.626 17.428  -3.597  1.00 36.84 ? 71  PRO E CD  1 
ATOM   1009 N N   . ALA B 2 49  ? -11.130 14.825  -1.610  1.00 29.22 ? 72  ALA E N   1 
ATOM   1010 C CA  . ALA B 2 49  ? -10.904 13.721  -0.682  1.00 30.52 ? 72  ALA E CA  1 
ATOM   1011 C C   . ALA B 2 49  ? -10.298 12.515  -1.387  1.00 31.81 ? 72  ALA E C   1 
ATOM   1012 O O   . ALA B 2 49  ? -9.454  11.815  -0.815  1.00 28.89 ? 72  ALA E O   1 
ATOM   1013 C CB  . ALA B 2 49  ? -12.209 13.334  0.010   1.00 36.66 ? 72  ALA E CB  1 
ATOM   1014 N N   . LEU B 2 50  ? -10.712 12.256  -2.630  1.00 29.73 ? 73  LEU E N   1 
ATOM   1015 C CA  . LEU B 2 50  ? -10.162 11.122  -3.365  1.00 28.00 ? 73  LEU E CA  1 
ATOM   1016 C C   . LEU B 2 50  ? -8.722  11.382  -3.784  1.00 29.74 ? 73  LEU E C   1 
ATOM   1017 O O   . LEU B 2 50  ? -7.882  10.478  -3.721  1.00 28.14 ? 73  LEU E O   1 
ATOM   1018 C CB  . LEU B 2 50  ? -11.029 10.807  -4.585  1.00 34.01 ? 73  LEU E CB  1 
ATOM   1019 C CG  . LEU B 2 50  ? -12.324 10.035  -4.315  1.00 36.55 ? 73  LEU E CG  1 
ATOM   1020 C CD1 . LEU B 2 50  ? -13.014 9.669   -5.619  1.00 38.42 ? 73  LEU E CD1 1 
ATOM   1021 C CD2 . LEU B 2 50  ? -12.040 8.789   -3.487  1.00 36.51 ? 73  LEU E CD2 1 
ATOM   1022 N N   . ARG B 2 51  ? -8.418  12.604  -4.235  1.00 28.51 ? 74  ARG E N   1 
ATOM   1023 C CA  . ARG B 2 51  ? -7.026  12.954  -4.497  1.00 28.94 ? 74  ARG E CA  1 
ATOM   1024 C C   . ARG B 2 51  ? -6.182  12.797  -3.240  1.00 26.78 ? 74  ARG E C   1 
ATOM   1025 O O   . ARG B 2 51  ? -5.070  12.257  -3.290  1.00 27.45 ? 74  ARG E O   1 
ATOM   1026 C CB  . ARG B 2 51  ? -6.926  14.384  -5.031  1.00 30.50 ? 74  ARG E CB  1 
ATOM   1027 C CG  . ARG B 2 51  ? -7.425  14.564  -6.463  1.00 32.12 ? 74  ARG E CG  1 
ATOM   1028 C CD  . ARG B 2 51  ? -6.967  15.900  -7.047  1.00 36.77 ? 74  ARG E CD  1 
ATOM   1029 N NE  . ARG B 2 51  ? -7.433  17.041  -6.264  1.00 30.43 ? 74  ARG E NE  1 
ATOM   1030 C CZ  . ARG B 2 51  ? -8.576  17.682  -6.484  1.00 34.30 ? 74  ARG E CZ  1 
ATOM   1031 N NH1 . ARG B 2 51  ? -9.374  17.298  -7.470  1.00 36.77 ? 74  ARG E NH1 1 
ATOM   1032 N NH2 . ARG B 2 51  ? -8.919  18.708  -5.716  1.00 33.40 ? 74  ARG E NH2 1 
ATOM   1033 N N   . ASP B 2 52  ? -6.703  13.257  -2.101  1.00 28.45 ? 75  ASP E N   1 
ATOM   1034 C CA  . ASP B 2 52  ? -5.974  13.139  -0.841  1.00 27.44 ? 75  ASP E CA  1 
ATOM   1035 C C   . ASP B 2 52  ? -5.774  11.675  -0.463  1.00 25.86 ? 75  ASP E C   1 
ATOM   1036 O O   . ASP B 2 52  ? -4.664  11.262  -0.102  1.00 27.41 ? 75  ASP E O   1 
ATOM   1037 C CB  . ASP B 2 52  ? -6.727  13.891  0.259   1.00 30.34 ? 75  ASP E CB  1 
ATOM   1038 C CG  . ASP B 2 52  ? -6.051  13.783  1.609   1.00 36.72 ? 75  ASP E CG  1 
ATOM   1039 O OD1 . ASP B 2 52  ? -4.803  13.724  1.654   1.00 42.20 ? 75  ASP E OD1 1 
ATOM   1040 O OD2 . ASP B 2 52  ? -6.770  13.753  2.630   1.00 41.79 ? 75  ASP E OD2 1 
ATOM   1041 N N   . ALA B 2 53  ? -6.838  10.872  -0.558  1.00 25.23 ? 76  ALA E N   1 
ATOM   1042 C CA  . ALA B 2 53  ? -6.743  9.458   -0.199  1.00 23.84 ? 76  ALA E CA  1 
ATOM   1043 C C   . ALA B 2 53  ? -5.787  8.709   -1.119  1.00 25.37 ? 76  ALA E C   1 
ATOM   1044 O O   . ALA B 2 53  ? -5.012  7.861   -0.663  1.00 26.73 ? 76  ALA E O   1 
ATOM   1045 C CB  . ALA B 2 53  ? -8.127  8.810   -0.230  1.00 24.96 ? 76  ALA E CB  1 
ATOM   1046 N N   . GLN B 2 54  ? -5.837  8.998   -2.421  1.00 25.59 ? 77  GLN E N   1 
ATOM   1047 C CA  . GLN B 2 54  ? -4.927  8.355   -3.362  1.00 24.93 ? 77  GLN E CA  1 
ATOM   1048 C C   . GLN B 2 54  ? -3.474  8.688   -3.041  1.00 23.67 ? 77  GLN E C   1 
ATOM   1049 O O   . GLN B 2 54  ? -2.606  7.807   -3.034  1.00 25.04 ? 77  GLN E O   1 
ATOM   1050 C CB  . GLN B 2 54  ? -5.269  8.786   -4.789  1.00 26.64 ? 77  GLN E CB  1 
ATOM   1051 C CG  . GLN B 2 54  ? -4.603  7.949   -5.851  1.00 32.42 ? 77  GLN E CG  1 
ATOM   1052 C CD  . GLN B 2 54  ? -5.338  6.650   -6.088  1.00 42.65 ? 77  GLN E CD  1 
ATOM   1053 O OE1 . GLN B 2 54  ? -4.943  5.600   -5.580  1.00 40.59 ? 77  GLN E OE1 1 
ATOM   1054 N NE2 . GLN B 2 54  ? -6.421  6.712   -6.860  1.00 36.64 ? 77  GLN E NE2 1 
ATOM   1055 N N   . TRP B 2 55  ? -3.196  9.969   -2.774  1.00 22.93 ? 78  TRP E N   1 
ATOM   1056 C CA  . TRP B 2 55  ? -1.836  10.413  -2.482  1.00 24.54 ? 78  TRP E CA  1 
ATOM   1057 C C   . TRP B 2 55  ? -1.349  9.865   -1.144  1.00 24.19 ? 78  TRP E C   1 
ATOM   1058 O O   . TRP B 2 55  ? -0.175  9.508   -1.002  1.00 23.89 ? 78  TRP E O   1 
ATOM   1059 C CB  . TRP B 2 55  ? -1.784  11.943  -2.508  1.00 27.67 ? 78  TRP E CB  1 
ATOM   1060 C CG  . TRP B 2 55  ? -0.502  12.528  -2.015  1.00 32.62 ? 78  TRP E CG  1 
ATOM   1061 C CD1 . TRP B 2 55  ? 0.758   12.279  -2.492  1.00 39.81 ? 78  TRP E CD1 1 
ATOM   1062 C CD2 . TRP B 2 55  ? -0.349  13.468  -0.949  1.00 38.26 ? 78  TRP E CD2 1 
ATOM   1063 N NE1 . TRP B 2 55  ? 1.687   13.011  -1.776  1.00 42.56 ? 78  TRP E NE1 1 
ATOM   1064 C CE2 . TRP B 2 55  ? 1.030   13.747  -0.823  1.00 39.39 ? 78  TRP E CE2 1 
ATOM   1065 C CE3 . TRP B 2 55  ? -1.244  14.104  -0.086  1.00 43.77 ? 78  TRP E CE3 1 
ATOM   1066 C CZ2 . TRP B 2 55  ? 1.529   14.635  0.134   1.00 49.87 ? 78  TRP E CZ2 1 
ATOM   1067 C CZ3 . TRP B 2 55  ? -0.749  14.984  0.863   1.00 47.21 ? 78  TRP E CZ3 1 
ATOM   1068 C CH2 . TRP B 2 55  ? 0.623   15.244  0.966   1.00 52.35 ? 78  TRP E CH2 1 
ATOM   1069 N N   . THR B 2 56  ? -2.237  9.790   -0.149  1.00 23.72 ? 79  THR E N   1 
ATOM   1070 C CA  . THR B 2 56  ? -1.885  9.149   1.113   1.00 25.03 ? 79  THR E CA  1 
ATOM   1071 C C   . THR B 2 56  ? -1.583  7.673   0.905   1.00 24.30 ? 79  THR E C   1 
ATOM   1072 O O   . THR B 2 56  ? -0.620  7.142   1.468   1.00 21.36 ? 79  THR E O   1 
ATOM   1073 C CB  . THR B 2 56  ? -3.021  9.321   2.123   1.00 27.25 ? 79  THR E CB  1 
ATOM   1074 O OG1 . THR B 2 56  ? -3.239  10.716  2.366   1.00 26.94 ? 79  THR E OG1 1 
ATOM   1075 C CG2 . THR B 2 56  ? -2.683  8.630   3.428   1.00 28.55 ? 79  THR E CG2 1 
ATOM   1076 N N   . PHE B 2 57  ? -2.394  6.999   0.087   1.00 23.34 ? 80  PHE E N   1 
ATOM   1077 C CA  . PHE B 2 57  ? -2.174  5.581   -0.183  1.00 23.17 ? 80  PHE E CA  1 
ATOM   1078 C C   . PHE B 2 57  ? -0.825  5.354   -0.855  1.00 25.32 ? 80  PHE E C   1 
ATOM   1079 O O   . PHE B 2 57  ? -0.032  4.514   -0.416  1.00 26.24 ? 80  PHE E O   1 
ATOM   1080 C CB  . PHE B 2 57  ? -3.312  5.035   -1.048  1.00 22.71 ? 80  PHE E CB  1 
ATOM   1081 C CG  . PHE B 2 57  ? -3.066  3.650   -1.575  1.00 25.23 ? 80  PHE E CG  1 
ATOM   1082 C CD1 . PHE B 2 57  ? -3.092  2.556   -0.726  1.00 21.34 ? 80  PHE E CD1 1 
ATOM   1083 C CD2 . PHE B 2 57  ? -2.819  3.441   -2.924  1.00 22.32 ? 80  PHE E CD2 1 
ATOM   1084 C CE1 . PHE B 2 57  ? -2.867  1.278   -1.211  1.00 22.43 ? 80  PHE E CE1 1 
ATOM   1085 C CE2 . PHE B 2 57  ? -2.597  2.166   -3.418  1.00 22.59 ? 80  PHE E CE2 1 
ATOM   1086 C CZ  . PHE B 2 57  ? -2.616  1.085   -2.560  1.00 25.10 ? 80  PHE E CZ  1 
ATOM   1087 N N   . GLU B 2 58  ? -0.541  6.109   -1.918  1.00 22.67 ? 81  GLU E N   1 
ATOM   1088 C CA  . GLU B 2 58  ? 0.722   5.930   -2.628  1.00 25.87 ? 81  GLU E CA  1 
ATOM   1089 C C   . GLU B 2 58  ? 1.912   6.322   -1.762  1.00 22.71 ? 81  GLU E C   1 
ATOM   1090 O O   . GLU B 2 58  ? 2.966   5.678   -1.820  1.00 26.13 ? 81  GLU E O   1 
ATOM   1091 C CB  . GLU B 2 58  ? 0.709   6.732   -3.929  1.00 27.06 ? 81  GLU E CB  1 
ATOM   1092 C CG  . GLU B 2 58  ? -0.248  6.177   -4.968  1.00 26.72 ? 81  GLU E CG  1 
ATOM   1093 C CD  . GLU B 2 58  ? -0.355  7.056   -6.200  1.00 40.91 ? 81  GLU E CD  1 
ATOM   1094 O OE1 . GLU B 2 58  ? 0.023   8.247   -6.123  1.00 39.84 ? 81  GLU E OE1 1 
ATOM   1095 O OE2 . GLU B 2 58  ? -0.821  6.552   -7.245  1.00 38.94 ? 81  GLU E OE2 1 
ATOM   1096 N N   . SER B 2 59  ? 1.768   7.371   -0.950  1.00 20.34 ? 82  SER E N   1 
ATOM   1097 C CA  . SER B 2 59  ? 2.861   7.776   -0.069  1.00 25.31 ? 82  SER E CA  1 
ATOM   1098 C C   . SER B 2 59  ? 3.172   6.705   0.967   1.00 24.06 ? 82  SER E C   1 
ATOM   1099 O O   . SER B 2 59  ? 4.342   6.411   1.230   1.00 26.65 ? 82  SER E O   1 
ATOM   1100 C CB  . SER B 2 59  ? 2.527   9.095   0.623   1.00 26.95 ? 82  SER E CB  1 
ATOM   1101 O OG  . SER B 2 59  ? 2.467   10.148  -0.317  1.00 30.15 ? 82  SER E OG  1 
ATOM   1102 N N   . ALA B 2 60  ? 2.139   6.103   1.562   1.00 26.19 ? 83  ALA E N   1 
ATOM   1103 C CA  . ALA B 2 60  ? 2.373   5.087   2.583   1.00 24.07 ? 83  ALA E CA  1 
ATOM   1104 C C   . ALA B 2 60  ? 3.121   3.894   2.009   1.00 26.06 ? 83  ALA E C   1 
ATOM   1105 O O   . ALA B 2 60  ? 3.986   3.315   2.677   1.00 26.26 ? 83  ALA E O   1 
ATOM   1106 C CB  . ALA B 2 60  ? 1.049   4.642   3.201   1.00 26.16 ? 83  ALA E CB  1 
ATOM   1107 N N   . VAL B 2 61  ? 2.802   3.507   0.771   1.00 23.07 ? 84  VAL E N   1 
ATOM   1108 C CA  . VAL B 2 61  ? 3.511   2.398   0.141   1.00 22.18 ? 84  VAL E CA  1 
ATOM   1109 C C   . VAL B 2 61  ? 4.940   2.808   -0.191  1.00 25.47 ? 84  VAL E C   1 
ATOM   1110 O O   . VAL B 2 61  ? 5.899   2.098   0.132   1.00 25.47 ? 84  VAL E O   1 
ATOM   1111 C CB  . VAL B 2 61  ? 2.759   1.916   -1.115  1.00 25.15 ? 84  VAL E CB  1 
ATOM   1112 C CG1 . VAL B 2 61  ? 3.587   0.888   -1.872  1.00 21.87 ? 84  VAL E CG1 1 
ATOM   1113 C CG2 . VAL B 2 61  ? 1.416   1.325   -0.736  1.00 20.31 ? 84  VAL E CG2 1 
ATOM   1114 N N   . GLN B 2 62  ? 5.101   3.973   -0.825  1.00 25.39 ? 85  GLN E N   1 
ATOM   1115 C CA  . GLN B 2 62  ? 6.419   4.396   -1.290  1.00 25.13 ? 85  GLN E CA  1 
ATOM   1116 C C   . GLN B 2 62  ? 7.385   4.619   -0.131  1.00 28.04 ? 85  GLN E C   1 
ATOM   1117 O O   . GLN B 2 62  ? 8.568   4.270   -0.225  1.00 26.60 ? 85  GLN E O   1 
ATOM   1118 C CB  . GLN B 2 62  ? 6.290   5.661   -2.135  1.00 25.69 ? 85  GLN E CB  1 
ATOM   1119 C CG  . GLN B 2 62  ? 5.628   5.431   -3.481  1.00 28.83 ? 85  GLN E CG  1 
ATOM   1120 C CD  . GLN B 2 62  ? 5.224   6.725   -4.156  1.00 30.81 ? 85  GLN E CD  1 
ATOM   1121 O OE1 . GLN B 2 62  ? 5.524   7.813   -3.665  1.00 31.01 ? 85  GLN E OE1 1 
ATOM   1122 N NE2 . GLN B 2 62  ? 4.541   6.615   -5.288  1.00 31.80 ? 85  GLN E NE2 1 
ATOM   1123 N N   . GLU B 2 63  ? 6.909   5.205   0.970   1.00 27.26 ? 86  GLU E N   1 
ATOM   1124 C CA  . GLU B 2 63  ? 7.799   5.451   2.099   1.00 28.53 ? 86  GLU E CA  1 
ATOM   1125 C C   . GLU B 2 63  ? 8.136   4.182   2.870   1.00 28.95 ? 86  GLU E C   1 
ATOM   1126 O O   . GLU B 2 63  ? 9.017   4.221   3.736   1.00 28.10 ? 86  GLU E O   1 
ATOM   1127 C CB  . GLU B 2 63  ? 7.186   6.481   3.049   1.00 31.92 ? 86  GLU E CB  1 
ATOM   1128 C CG  . GLU B 2 63  ? 6.806   7.789   2.381   1.00 37.23 ? 86  GLU E CG  1 
ATOM   1129 C CD  . GLU B 2 63  ? 7.326   8.996   3.124   1.00 54.27 ? 86  GLU E CD  1 
ATOM   1130 O OE1 . GLU B 2 63  ? 8.534   9.020   3.439   1.00 58.46 ? 86  GLU E OE1 1 
ATOM   1131 O OE2 . GLU B 2 63  ? 6.524   9.917   3.397   1.00 58.78 ? 86  GLU E OE2 1 
ATOM   1132 N N   . ASN B 2 64  ? 7.473   3.064   2.575   1.00 25.91 ? 87  ASN E N   1 
ATOM   1133 C CA  . ASN B 2 64  ? 7.706   1.806   3.272   1.00 21.48 ? 87  ASN E CA  1 
ATOM   1134 C C   . ASN B 2 64  ? 8.379   0.760   2.392   1.00 25.59 ? 87  ASN E C   1 
ATOM   1135 O O   . ASN B 2 64  ? 8.376   -0.428  2.732   1.00 25.31 ? 87  ASN E O   1 
ATOM   1136 C CB  . ASN B 2 64  ? 6.393   1.262   3.831   1.00 21.41 ? 87  ASN E CB  1 
ATOM   1137 C CG  . ASN B 2 64  ? 6.007   1.925   5.127   1.00 23.97 ? 87  ASN E CG  1 
ATOM   1138 O OD1 . ASN B 2 64  ? 6.536   1.586   6.184   1.00 24.82 ? 87  ASN E OD1 1 
ATOM   1139 N ND2 . ASN B 2 64  ? 5.092   2.885   5.055   1.00 22.81 ? 87  ASN E ND2 1 
ATOM   1140 N N   . ILE B 2 65  ? 8.952   1.173   1.262   1.00 24.62 ? 88  ILE E N   1 
ATOM   1141 C CA  . ILE B 2 65  ? 9.756   0.286   0.436   1.00 25.63 ? 88  ILE E CA  1 
ATOM   1142 C C   . ILE B 2 65  ? 11.088  0.968   0.167   1.00 24.82 ? 88  ILE E C   1 
ATOM   1143 O O   . ILE B 2 65  ? 11.234  2.184   0.310   1.00 27.58 ? 88  ILE E O   1 
ATOM   1144 C CB  . ILE B 2 65  ? 9.073   -0.093  -0.902  1.00 29.87 ? 88  ILE E CB  1 
ATOM   1145 C CG1 . ILE B 2 65  ? 9.100   1.081   -1.881  1.00 31.36 ? 88  ILE E CG1 1 
ATOM   1146 C CG2 . ILE B 2 65  ? 7.643   -0.551  -0.679  1.00 27.45 ? 88  ILE E CG2 1 
ATOM   1147 C CD1 . ILE B 2 65  ? 8.369   0.803   -3.183  1.00 29.84 ? 88  ILE E CD1 1 
ATOM   1148 N N   . SER B 2 66  ? 12.069  0.160   -0.209  1.00 27.49 ? 89  SER E N   1 
ATOM   1149 C CA  . SER B 2 66  ? 13.325  0.651   -0.746  1.00 31.60 ? 89  SER E CA  1 
ATOM   1150 C C   . SER B 2 66  ? 13.463  0.168   -2.183  1.00 33.71 ? 89  SER E C   1 
ATOM   1151 O O   . SER B 2 66  ? 12.996  -0.919  -2.536  1.00 32.36 ? 89  SER E O   1 
ATOM   1152 C CB  . SER B 2 66  ? 14.522  0.180   0.090   1.00 32.91 ? 89  SER E CB  1 
ATOM   1153 O OG  . SER B 2 66  ? 14.588  -1.236  0.130   1.00 38.43 ? 89  SER E OG  1 
ATOM   1154 N N   . ILE B 2 67  ? 14.085  0.992   -3.015  1.00 35.15 ? 90  ILE E N   1 
ATOM   1155 C CA  . ILE B 2 67  ? 14.374  0.642   -4.401  1.00 40.04 ? 90  ILE E CA  1 
ATOM   1156 C C   . ILE B 2 67  ? 15.874  0.402   -4.482  1.00 45.03 ? 90  ILE E C   1 
ATOM   1157 O O   . ILE B 2 67  ? 16.665  1.353   -4.515  1.00 47.87 ? 90  ILE E O   1 
ATOM   1158 C CB  . ILE B 2 67  ? 13.920  1.731   -5.379  1.00 42.39 ? 90  ILE E CB  1 
ATOM   1159 C CG1 . ILE B 2 67  ? 12.414  1.971   -5.253  1.00 34.55 ? 90  ILE E CG1 1 
ATOM   1160 C CG2 . ILE B 2 67  ? 14.285  1.351   -6.814  1.00 41.26 ? 90  ILE E CG2 1 
ATOM   1161 C CD1 . ILE B 2 67  ? 11.578  0.751   -5.562  1.00 34.66 ? 90  ILE E CD1 1 
ATOM   1162 N N   . ASN B 2 68  ? 16.268  -0.873  -4.502  1.00 45.38 ? 91  ASN E N   1 
ATOM   1163 C CA  . ASN B 2 68  ? 17.678  -1.270  -4.489  1.00 51.10 ? 91  ASN E CA  1 
ATOM   1164 C C   . ASN B 2 68  ? 18.401  -0.651  -3.291  1.00 49.77 ? 91  ASN E C   1 
ATOM   1165 O O   . ASN B 2 68  ? 19.449  -0.015  -3.425  1.00 51.92 ? 91  ASN E O   1 
ATOM   1166 C CB  . ASN B 2 68  ? 18.367  -0.904  -5.806  1.00 47.74 ? 91  ASN E CB  1 
ATOM   1167 C CG  . ASN B 2 68  ? 17.790  -1.653  -6.993  1.00 48.43 ? 91  ASN E CG  1 
ATOM   1168 O OD1 . ASN B 2 68  ? 17.604  -2.869  -6.946  1.00 50.82 ? 91  ASN E OD1 1 
ATOM   1169 N ND2 . ASN B 2 68  ? 17.496  -0.925  -8.064  1.00 45.44 ? 91  ASN E ND2 1 
ATOM   1170 N N   . GLY B 2 69  ? 17.815  -0.832  -2.107  1.00 46.31 ? 92  GLY E N   1 
ATOM   1171 C CA  . GLY B 2 69  ? 18.378  -0.314  -0.878  1.00 47.92 ? 92  GLY E CA  1 
ATOM   1172 C C   . GLY B 2 69  ? 18.275  1.182   -0.688  1.00 47.69 ? 92  GLY E C   1 
ATOM   1173 O O   . GLY B 2 69  ? 18.676  1.681   0.371   1.00 49.01 ? 92  GLY E O   1 
ATOM   1174 N N   . GLN B 2 70  ? 17.754  1.915   -1.666  1.00 43.91 ? 93  GLN E N   1 
ATOM   1175 C CA  . GLN B 2 70  ? 17.642  3.364   -1.603  1.00 45.69 ? 93  GLN E CA  1 
ATOM   1176 C C   . GLN B 2 70  ? 16.198  3.777   -1.352  1.00 46.15 ? 93  GLN E C   1 
ATOM   1177 O O   . GLN B 2 70  ? 15.257  3.018   -1.596  1.00 43.68 ? 93  GLN E O   1 
ATOM   1178 C CB  . GLN B 2 70  ? 18.133  4.011   -2.902  1.00 51.55 ? 93  GLN E CB  1 
ATOM   1179 C CG  . GLN B 2 70  ? 19.426  3.435   -3.450  1.00 52.98 ? 93  GLN E CG  1 
ATOM   1180 C CD  . GLN B 2 70  ? 19.833  4.087   -4.759  1.00 60.41 ? 93  GLN E CD  1 
ATOM   1181 O OE1 . GLN B 2 70  ? 19.422  5.209   -5.061  1.00 61.60 ? 93  GLN E OE1 1 
ATOM   1182 N NE2 . GLN B 2 70  ? 20.633  3.382   -5.551  1.00 57.21 ? 93  GLN E NE2 1 
ATOM   1183 N N   . ALA B 2 71  ? 16.032  5.006   -0.874  1.00 45.63 ? 94  ALA E N   1 
ATOM   1184 C CA  . ALA B 2 71  ? 14.702  5.568   -0.726  1.00 45.59 ? 94  ALA E CA  1 
ATOM   1185 C C   . ALA B 2 71  ? 14.056  5.769   -2.095  1.00 48.17 ? 94  ALA E C   1 
ATOM   1186 O O   . ALA B 2 71  ? 14.730  5.874   -3.123  1.00 47.27 ? 94  ALA E O   1 
ATOM   1187 C CB  . ALA B 2 71  ? 14.756  6.892   0.031   1.00 44.38 ? 94  ALA E CB  1 
ATOM   1188 N N   . TRP B 2 72  ? 12.723  5.824   -2.091  1.00 42.69 ? 95  TRP E N   1 
ATOM   1189 C CA  . TRP B 2 72  ? 11.971  5.911   -3.340  1.00 42.74 ? 95  TRP E CA  1 
ATOM   1190 C C   . TRP B 2 72  ? 12.325  7.172   -4.119  1.00 47.93 ? 95  TRP E C   1 
ATOM   1191 O O   . TRP B 2 72  ? 12.644  7.112   -5.311  1.00 45.21 ? 95  TRP E O   1 
ATOM   1192 C CB  . TRP B 2 72  ? 10.472  5.865   -3.037  1.00 37.27 ? 95  TRP E CB  1 
ATOM   1193 C CG  . TRP B 2 72  ? 9.580   6.152   -4.210  1.00 34.97 ? 95  TRP E CG  1 
ATOM   1194 C CD1 . TRP B 2 72  ? 9.193   7.379   -4.669  1.00 37.38 ? 95  TRP E CD1 1 
ATOM   1195 C CD2 . TRP B 2 72  ? 8.935   5.189   -5.050  1.00 32.69 ? 95  TRP E CD2 1 
ATOM   1196 N NE1 . TRP B 2 72  ? 8.358   7.237   -5.752  1.00 37.97 ? 95  TRP E NE1 1 
ATOM   1197 C CE2 . TRP B 2 72  ? 8.183   5.902   -6.003  1.00 34.83 ? 95  TRP E CE2 1 
ATOM   1198 C CE3 . TRP B 2 72  ? 8.924   3.794   -5.089  1.00 33.64 ? 95  TRP E CE3 1 
ATOM   1199 C CZ2 . TRP B 2 72  ? 7.433   5.267   -6.985  1.00 33.67 ? 95  TRP E CZ2 1 
ATOM   1200 C CZ3 . TRP B 2 72  ? 8.177   3.167   -6.066  1.00 35.45 ? 95  TRP E CZ3 1 
ATOM   1201 C CH2 . TRP B 2 72  ? 7.442   3.902   -7.000  1.00 30.87 ? 95  TRP E CH2 1 
ATOM   1202 N N   . GLN B 2 73  ? 12.270  8.330   -3.457  1.00 45.33 ? 96  GLN E N   1 
ATOM   1203 C CA  . GLN B 2 73  ? 12.461  9.599   -4.149  1.00 49.35 ? 96  GLN E CA  1 
ATOM   1204 C C   . GLN B 2 73  ? 13.883  9.780   -4.663  1.00 52.80 ? 96  GLN E C   1 
ATOM   1205 O O   . GLN B 2 73  ? 14.103  10.605  -5.557  1.00 60.45 ? 96  GLN E O   1 
ATOM   1206 C CB  . GLN B 2 73  ? 12.094  10.762  -3.226  1.00 49.94 ? 96  GLN E CB  1 
ATOM   1207 C CG  . GLN B 2 73  ? 12.869  10.795  -1.912  1.00 56.78 ? 96  GLN E CG  1 
ATOM   1208 C CD  . GLN B 2 73  ? 12.282  9.881   -0.849  1.00 57.80 ? 96  GLN E CD  1 
ATOM   1209 O OE1 . GLN B 2 73  ? 11.578  8.918   -1.156  1.00 53.37 ? 96  GLN E OE1 1 
ATOM   1210 N NE2 . GLN B 2 73  ? 12.571  10.182  0.413   1.00 61.93 ? 96  GLN E NE2 1 
ATOM   1211 N N   . GLU B 2 74  ? 14.848  9.034   -4.130  1.00 52.77 ? 97  GLU E N   1 
ATOM   1212 C CA  . GLU B 2 74  ? 16.237  9.168   -4.541  1.00 56.20 ? 97  GLU E CA  1 
ATOM   1213 C C   . GLU B 2 74  ? 16.682  8.078   -5.508  1.00 58.70 ? 97  GLU E C   1 
ATOM   1214 O O   . GLU B 2 74  ? 17.853  8.059   -5.897  1.00 66.03 ? 97  GLU E O   1 
ATOM   1215 C CB  . GLU B 2 74  ? 17.152  9.174   -3.311  1.00 54.54 ? 97  GLU E CB  1 
ATOM   1216 C CG  . GLU B 2 74  ? 17.289  7.830   -2.619  1.00 56.47 ? 97  GLU E CG  1 
ATOM   1217 C CD  . GLU B 2 74  ? 18.178  7.900   -1.389  1.00 65.17 ? 97  GLU E CD  1 
ATOM   1218 O OE1 . GLU B 2 74  ? 17.981  7.089   -0.458  1.00 67.00 ? 97  GLU E OE1 1 
ATOM   1219 O OE2 . GLU B 2 74  ? 19.071  8.773   -1.349  1.00 71.21 ? 97  GLU E OE2 1 
ATOM   1220 N N   . ALA B 2 75  ? 15.786  7.182   -5.908  1.00 56.88 ? 98  ALA E N   1 
ATOM   1221 C CA  . ALA B 2 75  ? 16.106  6.102   -6.827  1.00 58.42 ? 98  ALA E CA  1 
ATOM   1222 C C   . ALA B 2 75  ? 15.452  6.358   -8.183  1.00 61.19 ? 98  ALA E C   1 
ATOM   1223 O O   . ALA B 2 75  ? 14.769  7.364   -8.397  1.00 59.91 ? 98  ALA E O   1 
ATOM   1224 C CB  . ALA B 2 75  ? 15.669  4.756   -6.248  1.00 53.01 ? 98  ALA E CB  1 
ATOM   1225 N N   . SER B 2 76  ? 15.666  5.427   -9.106  1.00 61.17 ? 99  SER E N   1 
ATOM   1226 C CA  . SER B 2 76  ? 15.151  5.570   -10.461 1.00 63.30 ? 99  SER E CA  1 
ATOM   1227 C C   . SER B 2 76  ? 14.626  4.241   -11.000 1.00 63.10 ? 99  SER E C   1 
ATOM   1228 O O   . SER B 2 76  ? 15.325  3.228   -10.964 1.00 65.19 ? 99  SER E O   1 
ATOM   1229 C CB  . SER B 2 76  ? 16.237  6.121   -11.386 1.00 67.48 ? 99  SER E CB  1 
ATOM   1230 O OG  . SER B 2 76  ? 16.810  7.301   -10.847 1.00 69.12 ? 99  SER E OG  1 
HETATM 1231 S S   . SO4 C 3 .   ? 27.092  -17.698 8.673   1.00 75.31 ? 101 SO4 E S   1 
HETATM 1232 O O1  . SO4 C 3 .   ? 25.895  -17.885 9.488   1.00 76.47 ? 101 SO4 E O1  1 
HETATM 1233 O O2  . SO4 C 3 .   ? 28.217  -17.357 9.544   1.00 67.64 ? 101 SO4 E O2  1 
HETATM 1234 O O3  . SO4 C 3 .   ? 27.383  -18.934 7.949   1.00 63.82 ? 101 SO4 E O3  1 
HETATM 1235 O O4  . SO4 C 3 .   ? 26.867  -16.615 7.719   1.00 66.27 ? 101 SO4 E O4  1 
HETATM 1236 O O   . HOH D 4 .   ? 9.781   0.427   8.338   1.00 32.76 ? 301 HOH D O   1 
HETATM 1237 O O   . HOH D 4 .   ? 11.385  -11.096 3.967   1.00 36.37 ? 302 HOH D O   1 
HETATM 1238 O O   . HOH D 4 .   ? -11.226 -8.563  -5.651  1.00 39.34 ? 303 HOH D O   1 
HETATM 1239 O O   . HOH D 4 .   ? 6.134   -14.138 12.074  1.00 39.45 ? 304 HOH D O   1 
HETATM 1240 O O   . HOH D 4 .   ? -0.002  -11.290 1.520   1.00 40.86 ? 305 HOH D O   1 
HETATM 1241 O O   . HOH D 4 .   ? -7.882  -13.779 -4.395  1.00 34.69 ? 306 HOH D O   1 
HETATM 1242 O O   . HOH D 4 .   ? -6.468  9.660   3.446   1.00 35.74 ? 307 HOH D O   1 
HETATM 1243 O O   . HOH D 4 .   ? -18.939 -3.984  4.802   1.00 45.96 ? 308 HOH D O   1 
HETATM 1244 O O   . HOH D 4 .   ? -8.038  -14.468 -2.009  1.00 33.27 ? 309 HOH D O   1 
HETATM 1245 O O   . HOH D 4 .   ? 6.353   -13.734 -5.567  1.00 46.45 ? 310 HOH D O   1 
HETATM 1246 O O   . HOH D 4 .   ? 9.298   -12.948 -1.971  1.00 41.16 ? 311 HOH D O   1 
HETATM 1247 O O   . HOH D 4 .   ? 3.599   -12.139 -7.995  1.00 41.48 ? 312 HOH D O   1 
HETATM 1248 O O   . HOH D 4 .   ? -1.561  -5.906  6.553   1.00 33.95 ? 313 HOH D O   1 
HETATM 1249 O O   . HOH D 4 .   ? 3.023   -19.619 0.098   1.00 46.05 ? 314 HOH D O   1 
HETATM 1250 O O   . HOH D 4 .   ? 5.848   10.112  9.326   1.00 55.08 ? 315 HOH D O   1 
HETATM 1251 O O   . HOH D 4 .   ? 10.530  -5.599  -13.277 1.00 41.35 ? 316 HOH D O   1 
HETATM 1252 O O   . HOH D 4 .   ? 7.082   -12.220 -12.687 1.00 46.26 ? 317 HOH D O   1 
HETATM 1253 O O   . HOH D 4 .   ? -27.584 4.100   7.191   1.00 68.72 ? 318 HOH D O   1 
HETATM 1254 O O   . HOH D 4 .   ? 14.959  -10.726 -12.001 1.00 59.69 ? 319 HOH D O   1 
HETATM 1255 O O   . HOH D 4 .   ? 6.177   -16.480 4.062   1.00 45.09 ? 320 HOH D O   1 
HETATM 1256 O O   . HOH D 4 .   ? -7.452  12.056  10.710  1.00 49.26 ? 321 HOH D O   1 
HETATM 1257 O O   . HOH D 4 .   ? 8.210   -15.413 -3.083  1.00 53.45 ? 322 HOH D O   1 
HETATM 1258 O O   . HOH D 4 .   ? -9.315  -15.347 0.673   1.00 39.92 ? 323 HOH D O   1 
HETATM 1259 O O   . HOH D 4 .   ? 12.221  -13.237 0.553   1.00 45.12 ? 324 HOH D O   1 
HETATM 1260 O O   . HOH D 4 .   ? 19.230  -9.898  -20.235 1.00 56.26 ? 325 HOH D O   1 
HETATM 1261 O O   . HOH D 4 .   ? 8.822   2.814   13.174  1.00 44.70 ? 326 HOH D O   1 
HETATM 1262 O O   . HOH D 4 .   ? 6.797   -14.655 -11.294 1.00 48.57 ? 327 HOH D O   1 
HETATM 1263 O O   . HOH E 4 .   ? 12.543  5.507   2.702   1.00 37.32 ? 201 HOH E O   1 
HETATM 1264 O O   . HOH E 4 .   ? 4.715   -4.490  -13.859 1.00 39.02 ? 202 HOH E O   1 
HETATM 1265 O O   . HOH E 4 .   ? 29.701  -11.173 5.840   1.00 41.06 ? 203 HOH E O   1 
HETATM 1266 O O   . HOH E 4 .   ? 15.731  -2.461  -2.225  1.00 45.50 ? 204 HOH E O   1 
HETATM 1267 O O   . HOH E 4 .   ? -3.938  12.239  -5.722  1.00 30.56 ? 205 HOH E O   1 
HETATM 1268 O O   . HOH E 4 .   ? 11.247  4.872   0.261   1.00 36.76 ? 206 HOH E O   1 
HETATM 1269 O O   . HOH E 4 .   ? 13.692  1.082   -10.486 1.00 37.97 ? 207 HOH E O   1 
HETATM 1270 O O   . HOH E 4 .   ? -10.791 13.285  -7.326  1.00 37.92 ? 208 HOH E O   1 
HETATM 1271 O O   . HOH E 4 .   ? 7.930   8.645   -8.139  1.00 42.89 ? 209 HOH E O   1 
HETATM 1272 O O   . HOH E 4 .   ? 30.172  -13.564 12.345  1.00 40.00 ? 210 HOH E O   1 
HETATM 1273 O O   . HOH E 4 .   ? 3.993   -4.721  -11.031 1.00 32.14 ? 211 HOH E O   1 
HETATM 1274 O O   . HOH E 4 .   ? 1.174   6.225   -11.517 1.00 29.33 ? 212 HOH E O   1 
HETATM 1275 O O   . HOH E 4 .   ? -7.625  -2.475  -10.909 1.00 35.29 ? 213 HOH E O   1 
HETATM 1276 O O   . HOH E 4 .   ? 14.887  -2.303  2.846   1.00 42.21 ? 214 HOH E O   1 
HETATM 1277 O O   . HOH E 4 .   ? 13.953  -10.684 6.481   1.00 39.20 ? 215 HOH E O   1 
HETATM 1278 O O   . HOH E 4 .   ? 3.544   6.155   -8.056  1.00 38.07 ? 216 HOH E O   1 
HETATM 1279 O O   . HOH E 4 .   ? -11.225 19.514  -8.706  1.00 51.74 ? 217 HOH E O   1 
HETATM 1280 O O   . HOH E 4 .   ? 8.626   4.326   -16.005 1.00 46.85 ? 218 HOH E O   1 
HETATM 1281 O O   . HOH E 4 .   ? -9.586  14.851  -9.241  1.00 37.16 ? 219 HOH E O   1 
HETATM 1282 O O   . HOH E 4 .   ? 16.784  -4.124  14.115  1.00 50.32 ? 220 HOH E O   1 
HETATM 1283 O O   . HOH E 4 .   ? 0.181   9.453   -8.931  1.00 41.25 ? 221 HOH E O   1 
HETATM 1284 O O   . HOH E 4 .   ? 21.553  -6.014  13.860  1.00 46.41 ? 222 HOH E O   1 
HETATM 1285 O O   . HOH E 4 .   ? 1.239   5.137   -9.080  1.00 29.78 ? 223 HOH E O   1 
HETATM 1286 O O   . HOH E 4 .   ? 12.118  1.346   -12.739 1.00 38.31 ? 224 HOH E O   1 
HETATM 1287 O O   . HOH E 4 .   ? -20.706 7.287   -7.579  1.00 51.84 ? 225 HOH E O   1 
HETATM 1288 O O   . HOH E 4 .   ? 29.265  -10.104 12.700  1.00 52.14 ? 226 HOH E O   1 
# 
